data_4O4R
#
_entry.id   4O4R
#
_cell.length_a   119.710
_cell.length_b   197.430
_cell.length_c   109.570
_cell.angle_alpha   90.00
_cell.angle_beta   114.06
_cell.angle_gamma   90.00
#
_symmetry.space_group_name_H-M   'C 1 2 1'
#
loop_
_entity.id
_entity.type
_entity.pdbx_description
1 polymer RNA-dependent-RNA-polymerase
2 non-polymer '3-[(E)-{4-formyl-5-hydroxy-6-methyl-3-[(phosphonooxy)methyl]pyridin-2-yl}diazenyl]-7-nitronaphthalene-1,5-disulfonic acid'
3 non-polymer 'SULFATE ION'
4 water water
#
_entity_poly.entity_id   1
_entity_poly.type   'polypeptide(L)'
_entity_poly.pdbx_seq_one_letter_code
;MLPRPSGTYAGLPIADYGDAPPLSTKTMFWRTSPEKLPPGAWEPAYLGSKDERVDGPSLQQVMRDQLKPYSEPRGLLPPQ
EILDAVCDAIENRLENTLEPQKPWTFKKACESLDKNTSSGYPYHKQKSKDWTGSAFIGDLGDQATHANNMYEMGKSMRPI
YTAALKDELVKPDKIYGKIKKRLLWGSDLGTMIRAARAFGPFCDALKETCIFNPIRVGMSMNEDGPFIFARHANFRYHMD
ADYTRWDSTQQRAILKRAGDIMVRLSPEPDLARVVMDDLLAPSLLDVGDYKIVVEEGLPSGCPCTTQLNSLAHWILTLCA
MVEVTRVDPDIVMQESEFSFYGDDEVVSTNLELDMVKYTMALRRYGLLPTRADKEEGPLERRQTLQGISFLRRAIVGDQF
GWYGRLDRASIDRQLLWTKGPNHQNPFETLPGHAQRPSQLMALLGEAAMHGEKYYRTVASRVSKEAAQSGIEMVVPRHRS
VLRWVRFGTMDAETPQERSAVFVNEDELEHHHHHH
;
_entity_poly.pdbx_strand_id   A,B,C
#
loop_
_chem_comp.id
_chem_comp.type
_chem_comp.name
_chem_comp.formula
20V non-polymer '3-[(E)-{4-formyl-5-hydroxy-6-methyl-3-[(phosphonooxy)methyl]pyridin-2-yl}diazenyl]-7-nitronaphthalene-1,5-disulfonic acid' 'C18 H15 N4 O14 P S2'
SO4 non-polymer 'SULFATE ION' 'O4 S -2'
#
# COMPACT_ATOMS: atom_id res chain seq x y z
N ARG A 4 -0.96 -56.01 -24.07
CA ARG A 4 -2.01 -56.46 -25.01
C ARG A 4 -3.41 -55.86 -24.77
N PRO A 5 -3.87 -55.80 -23.49
CA PRO A 5 -5.30 -55.49 -23.29
C PRO A 5 -5.73 -54.12 -23.82
N SER A 6 -7.02 -54.02 -24.16
CA SER A 6 -7.58 -52.85 -24.82
C SER A 6 -8.95 -52.55 -24.22
N GLY A 7 -9.44 -51.35 -24.47
CA GLY A 7 -10.75 -50.95 -23.97
C GLY A 7 -10.63 -49.72 -23.09
N THR A 8 -11.73 -49.40 -22.41
CA THR A 8 -11.79 -48.29 -21.51
C THR A 8 -12.31 -48.71 -20.14
N TYR A 9 -11.55 -48.37 -19.09
CA TYR A 9 -11.94 -48.57 -17.69
C TYR A 9 -12.30 -47.20 -17.08
N ALA A 10 -13.54 -47.05 -16.67
CA ALA A 10 -14.05 -45.78 -16.11
C ALA A 10 -13.81 -44.59 -17.04
N GLY A 11 -13.89 -44.86 -18.35
CA GLY A 11 -13.86 -43.84 -19.39
C GLY A 11 -12.48 -43.58 -19.94
N LEU A 12 -11.52 -44.39 -19.50
CA LEU A 12 -10.14 -44.12 -19.73
C LEU A 12 -9.51 -45.27 -20.46
N PRO A 13 -8.53 -44.99 -21.34
CA PRO A 13 -7.97 -46.08 -22.12
C PRO A 13 -7.15 -47.04 -21.25
N ILE A 14 -7.33 -48.33 -21.49
CA ILE A 14 -6.57 -49.36 -20.80
C ILE A 14 -5.30 -49.53 -21.58
N ALA A 15 -4.16 -49.65 -20.89
CA ALA A 15 -2.87 -49.79 -21.55
C ALA A 15 -2.18 -51.11 -21.22
N ASP A 16 -2.44 -51.68 -20.05
CA ASP A 16 -1.77 -52.90 -19.68
C ASP A 16 -2.55 -53.59 -18.58
N TYR A 17 -2.09 -54.78 -18.21
CA TYR A 17 -2.60 -55.43 -17.03
C TYR A 17 -1.98 -54.74 -15.82
N GLY A 18 -2.68 -54.75 -14.70
CA GLY A 18 -2.19 -54.12 -13.48
C GLY A 18 -1.54 -55.09 -12.53
N ASP A 19 -0.72 -54.53 -11.64
CA ASP A 19 0.02 -55.30 -10.64
C ASP A 19 -0.32 -54.86 -9.23
N ALA A 20 -1.26 -53.93 -9.11
CA ALA A 20 -1.58 -53.33 -7.82
C ALA A 20 -2.21 -54.35 -6.89
N PRO A 21 -1.80 -54.36 -5.62
CA PRO A 21 -2.52 -55.23 -4.69
C PRO A 21 -3.95 -54.76 -4.50
N PRO A 22 -4.79 -55.61 -3.91
CA PRO A 22 -6.16 -55.24 -3.69
C PRO A 22 -6.31 -54.10 -2.70
N LEU A 23 -7.39 -53.34 -2.90
CA LEU A 23 -7.70 -52.19 -2.09
C LEU A 23 -7.93 -52.64 -0.66
N SER A 24 -7.53 -51.79 0.28
CA SER A 24 -7.59 -52.14 1.67
C SER A 24 -9.01 -52.14 2.16
N THR A 25 -9.31 -53.05 3.08
CA THR A 25 -10.61 -53.13 3.67
C THR A 25 -10.53 -52.78 5.15
N LYS A 26 -9.44 -52.15 5.56
CA LYS A 26 -9.18 -51.87 6.97
C LYS A 26 -9.06 -50.37 7.22
N THR A 27 -9.26 -49.96 8.47
CA THR A 27 -9.11 -48.57 8.87
C THR A 27 -8.10 -48.51 10.01
N MET A 28 -7.49 -47.36 10.18
CA MET A 28 -6.55 -47.09 11.26
C MET A 28 -7.24 -46.38 12.43
N PHE A 29 -8.54 -46.14 12.31
CA PHE A 29 -9.27 -45.39 13.34
C PHE A 29 -9.89 -46.31 14.38
N TRP A 30 -9.88 -45.85 15.63
CA TRP A 30 -10.42 -46.59 16.76
C TRP A 30 -11.21 -45.63 17.62
N ARG A 31 -12.33 -46.06 18.17
CA ARG A 31 -13.05 -45.18 19.11
C ARG A 31 -12.23 -44.97 20.38
N THR A 32 -12.36 -43.79 20.97
CA THR A 32 -11.75 -43.49 22.25
C THR A 32 -12.56 -44.07 23.41
N SER A 33 -13.85 -44.34 23.18
CA SER A 33 -14.72 -44.91 24.20
C SER A 33 -15.73 -45.88 23.58
N PRO A 34 -16.17 -46.87 24.37
CA PRO A 34 -17.14 -47.86 23.89
C PRO A 34 -18.56 -47.30 23.79
N GLU A 35 -18.80 -46.11 24.32
CA GLU A 35 -20.14 -45.52 24.29
C GLU A 35 -20.56 -45.20 22.87
N LYS A 36 -21.85 -44.93 22.69
CA LYS A 36 -22.43 -44.77 21.36
C LYS A 36 -22.02 -43.43 20.79
N LEU A 37 -22.00 -43.34 19.48
CA LEU A 37 -21.58 -42.12 18.82
C LEU A 37 -22.73 -41.13 18.81
N PRO A 38 -22.45 -39.83 18.98
CA PRO A 38 -23.52 -38.86 18.83
C PRO A 38 -24.09 -38.87 17.40
N PRO A 39 -25.39 -38.63 17.24
CA PRO A 39 -25.98 -38.67 15.91
C PRO A 39 -25.32 -37.67 14.96
N GLY A 40 -25.22 -38.05 13.68
CA GLY A 40 -24.52 -37.26 12.68
C GLY A 40 -23.00 -37.24 12.85
N ALA A 41 -22.46 -38.14 13.67
CA ALA A 41 -21.01 -38.16 13.89
C ALA A 41 -20.27 -38.54 12.63
N TRP A 42 -19.06 -37.99 12.47
CA TRP A 42 -18.16 -38.46 11.43
C TRP A 42 -17.64 -39.85 11.80
N GLU A 43 -17.41 -40.66 10.77
CA GLU A 43 -16.90 -42.02 10.92
C GLU A 43 -15.85 -42.33 9.84
N PRO A 44 -15.06 -43.38 10.05
CA PRO A 44 -14.12 -43.76 8.99
C PRO A 44 -14.83 -44.11 7.71
N ALA A 45 -14.26 -43.76 6.58
CA ALA A 45 -14.89 -44.03 5.31
C ALA A 45 -15.08 -45.54 5.05
N TYR A 46 -15.91 -45.83 4.06
CA TYR A 46 -16.39 -47.17 3.71
C TYR A 46 -15.27 -48.17 3.50
N LEU A 47 -15.49 -49.40 3.97
CA LEU A 47 -14.45 -50.45 3.97
C LEU A 47 -14.71 -51.62 3.01
N GLY A 48 -15.75 -51.52 2.19
CA GLY A 48 -16.02 -52.56 1.16
C GLY A 48 -17.08 -53.57 1.57
N SER A 49 -17.10 -54.73 0.92
CA SER A 49 -18.04 -55.79 1.23
C SER A 49 -17.93 -56.23 2.69
N LYS A 50 -16.71 -56.28 3.22
CA LYS A 50 -16.48 -56.67 4.63
C LYS A 50 -16.93 -55.64 5.70
N ASP A 51 -17.40 -54.47 5.28
CA ASP A 51 -17.81 -53.44 6.23
C ASP A 51 -19.16 -53.80 6.85
N GLU A 52 -19.17 -54.07 8.15
CA GLU A 52 -20.41 -54.46 8.86
C GLU A 52 -21.44 -53.32 8.91
N ARG A 53 -20.99 -52.08 8.86
CA ARG A 53 -21.90 -50.93 9.09
C ARG A 53 -22.95 -50.75 7.99
N VAL A 54 -22.70 -51.26 6.79
CA VAL A 54 -23.56 -50.97 5.64
C VAL A 54 -23.24 -51.90 4.49
N ASP A 55 -24.25 -52.22 3.68
CA ASP A 55 -24.07 -53.01 2.47
C ASP A 55 -24.00 -52.07 1.29
N GLY A 56 -22.83 -52.02 0.66
CA GLY A 56 -22.56 -51.08 -0.41
C GLY A 56 -21.85 -51.80 -1.53
N PRO A 57 -21.49 -51.05 -2.57
CA PRO A 57 -20.83 -51.68 -3.69
C PRO A 57 -19.40 -52.10 -3.34
N SER A 58 -18.72 -52.66 -4.33
CA SER A 58 -17.34 -53.03 -4.18
C SER A 58 -16.48 -51.79 -4.15
N LEU A 59 -15.31 -51.91 -3.51
CA LEU A 59 -14.35 -50.82 -3.51
C LEU A 59 -13.95 -50.45 -4.92
N GLN A 60 -13.87 -51.41 -5.82
CA GLN A 60 -13.49 -51.10 -7.19
C GLN A 60 -14.52 -50.17 -7.84
N GLN A 61 -15.81 -50.38 -7.56
CA GLN A 61 -16.86 -49.50 -8.08
C GLN A 61 -16.71 -48.08 -7.48
N VAL A 62 -16.39 -48.02 -6.20
CA VAL A 62 -16.19 -46.72 -5.57
C VAL A 62 -15.02 -45.99 -6.19
N MET A 63 -14.01 -46.73 -6.63
CA MET A 63 -12.88 -46.13 -7.31
C MET A 63 -13.21 -45.69 -8.73
N ARG A 64 -14.01 -46.47 -9.44
CA ARG A 64 -14.42 -46.07 -10.78
C ARG A 64 -15.21 -44.74 -10.71
N ASP A 65 -16.10 -44.60 -9.74
CA ASP A 65 -16.77 -43.31 -9.48
C ASP A 65 -15.76 -42.14 -9.44
N GLN A 66 -14.64 -42.35 -8.74
CA GLN A 66 -13.65 -41.30 -8.51
C GLN A 66 -12.83 -41.02 -9.75
N LEU A 67 -12.72 -41.99 -10.65
CA LEU A 67 -11.94 -41.82 -11.87
C LEU A 67 -12.73 -41.10 -12.98
N LYS A 68 -14.07 -41.11 -12.89
CA LYS A 68 -14.88 -40.52 -13.97
C LYS A 68 -14.54 -39.05 -14.29
N PRO A 69 -14.39 -38.21 -13.29
CA PRO A 69 -14.11 -36.81 -13.59
C PRO A 69 -12.85 -36.57 -14.41
N TYR A 70 -11.91 -37.51 -14.34
CA TYR A 70 -10.66 -37.41 -15.13
C TYR A 70 -10.86 -37.52 -16.62
N SER A 71 -11.97 -38.11 -17.07
CA SER A 71 -12.21 -38.21 -18.51
C SER A 71 -13.11 -37.08 -19.03
N GLU A 72 -13.63 -36.25 -18.13
CA GLU A 72 -14.46 -35.13 -18.52
C GLU A 72 -13.66 -34.16 -19.41
N PRO A 73 -14.37 -33.42 -20.27
CA PRO A 73 -13.65 -32.41 -21.04
C PRO A 73 -13.05 -31.32 -20.15
N ARG A 74 -11.83 -30.92 -20.45
CA ARG A 74 -11.17 -29.80 -19.80
C ARG A 74 -11.91 -28.50 -20.04
N GLY A 75 -11.71 -27.54 -19.15
CA GLY A 75 -12.17 -26.19 -19.36
C GLY A 75 -11.22 -25.55 -20.34
N LEU A 76 -11.35 -24.23 -20.53
CA LEU A 76 -10.52 -23.50 -21.49
C LEU A 76 -9.23 -23.01 -20.85
N LEU A 77 -8.14 -23.12 -21.59
CA LEU A 77 -6.92 -22.41 -21.21
C LEU A 77 -7.20 -20.90 -21.13
N PRO A 78 -6.63 -20.20 -20.15
CA PRO A 78 -6.72 -18.75 -20.12
C PRO A 78 -6.09 -18.09 -21.35
N PRO A 79 -6.54 -16.86 -21.69
CA PRO A 79 -5.98 -16.17 -22.87
C PRO A 79 -4.46 -16.11 -22.79
N GLN A 80 -3.80 -16.53 -23.88
CA GLN A 80 -2.38 -16.82 -23.87
C GLN A 80 -1.51 -15.68 -23.33
N GLU A 81 -1.91 -14.44 -23.62
CA GLU A 81 -1.14 -13.27 -23.20
C GLU A 81 -1.23 -13.07 -21.69
N ILE A 82 -2.41 -13.30 -21.14
CA ILE A 82 -2.55 -13.24 -19.69
C ILE A 82 -1.73 -14.37 -19.04
N LEU A 83 -1.89 -15.58 -19.57
CA LEU A 83 -1.17 -16.73 -19.05
C LEU A 83 0.34 -16.48 -19.03
N ASP A 84 0.89 -15.91 -20.10
CA ASP A 84 2.33 -15.64 -20.19
C ASP A 84 2.78 -14.57 -19.22
N ALA A 85 2.04 -13.49 -19.15
CA ALA A 85 2.40 -12.41 -18.21
C ALA A 85 2.35 -12.87 -16.74
N VAL A 86 1.29 -13.60 -16.39
CA VAL A 86 1.12 -14.16 -15.06
C VAL A 86 2.28 -15.08 -14.68
N CYS A 87 2.60 -15.99 -15.58
CA CYS A 87 3.67 -16.95 -15.32
C CYS A 87 5.02 -16.27 -15.16
N ASP A 88 5.29 -15.24 -15.98
CA ASP A 88 6.52 -14.43 -15.82
C ASP A 88 6.54 -13.73 -14.50
N ALA A 89 5.40 -13.16 -14.14
CA ALA A 89 5.24 -12.40 -12.94
C ALA A 89 5.38 -13.26 -11.67
N ILE A 90 4.85 -14.48 -11.71
CA ILE A 90 5.03 -15.42 -10.62
C ILE A 90 6.47 -15.89 -10.53
N GLU A 91 7.05 -16.31 -11.65
CA GLU A 91 8.47 -16.69 -11.68
C GLU A 91 9.34 -15.54 -11.18
N ASN A 92 9.09 -14.36 -11.70
CA ASN A 92 9.86 -13.20 -11.27
C ASN A 92 9.78 -13.00 -9.75
N ARG A 93 8.57 -13.07 -9.20
CA ARG A 93 8.35 -12.95 -7.77
C ARG A 93 9.18 -13.96 -6.98
N LEU A 94 9.23 -15.19 -7.48
CA LEU A 94 10.02 -16.24 -6.83
C LEU A 94 11.54 -16.01 -6.97
N GLU A 95 12.02 -15.61 -8.14
CA GLU A 95 13.44 -15.27 -8.32
C GLU A 95 13.90 -14.24 -7.30
N ASN A 96 13.08 -13.22 -7.06
CA ASN A 96 13.37 -12.14 -6.08
C ASN A 96 13.24 -12.48 -4.60
N THR A 97 12.77 -13.68 -4.25
CA THR A 97 12.52 -14.03 -2.86
C THR A 97 13.20 -15.32 -2.41
N LEU A 98 13.31 -16.32 -3.29
CA LEU A 98 13.87 -17.63 -2.91
C LEU A 98 15.36 -17.58 -2.77
N GLU A 99 15.91 -18.22 -1.73
CA GLU A 99 17.37 -18.36 -1.55
C GLU A 99 17.89 -19.53 -2.40
N PRO A 100 18.82 -19.26 -3.31
CA PRO A 100 19.41 -20.35 -4.10
C PRO A 100 19.93 -21.54 -3.27
N GLN A 101 19.67 -22.75 -3.76
CA GLN A 101 19.94 -23.99 -3.03
C GLN A 101 20.99 -24.78 -3.74
N LYS A 102 21.76 -25.54 -2.98
CA LYS A 102 22.64 -26.54 -3.58
C LYS A 102 21.80 -27.75 -4.00
N PRO A 103 22.27 -28.49 -5.00
CA PRO A 103 21.63 -29.72 -5.42
C PRO A 103 21.37 -30.69 -4.27
N TRP A 104 20.36 -31.53 -4.45
CA TRP A 104 20.11 -32.60 -3.50
C TRP A 104 20.90 -33.83 -3.90
N THR A 105 21.49 -34.48 -2.90
CA THR A 105 22.18 -35.74 -3.09
C THR A 105 21.14 -36.84 -3.17
N PHE A 106 21.53 -37.95 -3.77
CA PHE A 106 20.75 -39.20 -3.71
C PHE A 106 20.43 -39.58 -2.27
N LYS A 107 21.44 -39.46 -1.41
CA LYS A 107 21.30 -39.73 0.01
C LYS A 107 20.21 -38.84 0.66
N LYS A 108 20.23 -37.55 0.36
CA LYS A 108 19.26 -36.61 0.92
C LYS A 108 17.86 -36.97 0.43
N ALA A 109 17.76 -37.18 -0.87
CA ALA A 109 16.52 -37.61 -1.51
C ALA A 109 15.89 -38.80 -0.81
N CYS A 110 16.70 -39.82 -0.52
CA CYS A 110 16.19 -41.04 0.09
C CYS A 110 15.84 -40.78 1.52
N GLU A 111 16.59 -39.91 2.17
CA GLU A 111 16.33 -39.60 3.55
C GLU A 111 14.97 -38.93 3.67
N SER A 112 14.64 -38.11 2.68
CA SER A 112 13.46 -37.24 2.73
C SER A 112 12.14 -37.99 2.66
N LEU A 113 12.13 -39.13 2.01
CA LEU A 113 10.92 -39.96 1.84
C LEU A 113 10.35 -40.54 3.12
N ASP A 114 9.03 -40.68 3.14
CA ASP A 114 8.31 -41.21 4.27
C ASP A 114 8.52 -42.72 4.28
N LYS A 115 9.08 -43.27 5.34
CA LYS A 115 9.45 -44.67 5.35
C LYS A 115 8.33 -45.61 5.82
N ASN A 116 7.23 -45.06 6.32
CA ASN A 116 6.11 -45.88 6.79
C ASN A 116 4.97 -45.99 5.79
N THR A 117 5.22 -45.65 4.52
CA THR A 117 4.24 -45.86 3.44
C THR A 117 4.81 -46.76 2.34
N SER A 118 3.96 -47.21 1.42
CA SER A 118 4.36 -48.17 0.39
C SER A 118 5.41 -47.62 -0.56
N SER A 119 6.14 -48.53 -1.19
CA SER A 119 7.14 -48.19 -2.19
C SER A 119 6.49 -48.16 -3.56
N GLY A 120 5.26 -48.65 -3.64
CA GLY A 120 4.53 -48.60 -4.87
C GLY A 120 5.02 -49.62 -5.86
N TYR A 121 4.73 -49.38 -7.14
CA TYR A 121 5.16 -50.30 -8.16
C TYR A 121 6.68 -50.46 -8.12
N PRO A 122 7.21 -51.67 -8.30
CA PRO A 122 6.61 -53.00 -8.44
C PRO A 122 6.62 -53.84 -7.15
N TYR A 123 7.33 -53.44 -6.10
CA TYR A 123 7.40 -54.28 -4.89
C TYR A 123 6.26 -54.07 -3.91
N HIS A 124 5.62 -52.92 -3.94
CA HIS A 124 4.53 -52.63 -3.01
C HIS A 124 4.85 -53.02 -1.57
N LYS A 125 6.05 -52.70 -1.12
CA LYS A 125 6.41 -52.99 0.25
C LYS A 125 6.63 -51.70 0.97
N GLN A 126 6.46 -51.74 2.28
CA GLN A 126 6.72 -50.59 3.10
C GLN A 126 8.21 -50.24 3.00
N LYS A 127 8.49 -48.99 2.71
CA LYS A 127 9.85 -48.51 2.52
C LYS A 127 10.82 -48.82 3.65
N SER A 128 10.34 -48.76 4.87
CA SER A 128 11.15 -49.05 6.03
C SER A 128 11.77 -50.46 5.96
N LYS A 129 11.09 -51.39 5.29
CA LYS A 129 11.58 -52.78 5.25
C LYS A 129 12.84 -53.02 4.44
N ASP A 130 13.31 -52.03 3.68
CA ASP A 130 14.59 -52.13 2.96
C ASP A 130 15.51 -50.97 3.32
N TRP A 131 15.24 -50.33 4.44
CA TRP A 131 15.91 -49.10 4.84
C TRP A 131 16.80 -49.34 6.06
N THR A 132 18.08 -48.99 5.91
CA THR A 132 19.10 -49.33 6.88
C THR A 132 19.20 -48.24 7.91
N GLY A 133 18.59 -47.09 7.65
CA GLY A 133 18.78 -45.93 8.51
C GLY A 133 19.38 -44.82 7.68
N SER A 134 20.16 -45.19 6.67
CA SER A 134 20.82 -44.19 5.86
C SER A 134 20.82 -44.54 4.37
N ALA A 135 20.30 -45.70 3.99
CA ALA A 135 20.24 -46.08 2.58
C ALA A 135 19.25 -47.20 2.35
N PHE A 136 18.72 -47.25 1.13
CA PHE A 136 17.83 -48.33 0.74
C PHE A 136 18.72 -49.48 0.28
N ILE A 137 18.42 -50.69 0.74
CA ILE A 137 19.15 -51.87 0.26
C ILE A 137 18.15 -52.87 -0.31
N GLY A 138 18.62 -54.06 -0.65
CA GLY A 138 17.75 -55.10 -1.17
C GLY A 138 17.06 -54.63 -2.42
N ASP A 139 15.82 -55.06 -2.59
CA ASP A 139 14.99 -54.75 -3.75
C ASP A 139 14.91 -53.24 -4.02
N LEU A 140 14.52 -52.50 -2.99
CA LEU A 140 14.33 -51.07 -3.12
C LEU A 140 15.65 -50.36 -3.41
N GLY A 141 16.74 -50.87 -2.84
CA GLY A 141 18.02 -50.34 -3.19
C GLY A 141 18.25 -50.40 -4.69
N ASP A 142 17.81 -51.49 -5.32
CA ASP A 142 18.00 -51.69 -6.76
C ASP A 142 17.12 -50.72 -7.53
N GLN A 143 15.88 -50.57 -7.08
CA GLN A 143 14.99 -49.61 -7.72
C GLN A 143 15.51 -48.17 -7.54
N ALA A 144 15.90 -47.84 -6.32
CA ALA A 144 16.41 -46.52 -5.98
C ALA A 144 17.65 -46.18 -6.79
N THR A 145 18.56 -47.14 -6.89
CA THR A 145 19.83 -46.92 -7.57
C THR A 145 19.60 -46.72 -9.08
N HIS A 146 18.69 -47.53 -9.64
CA HIS A 146 18.41 -47.47 -11.08
C HIS A 146 17.82 -46.10 -11.42
N ALA A 147 16.79 -45.73 -10.66
CA ALA A 147 16.12 -44.45 -10.79
C ALA A 147 17.08 -43.27 -10.74
N ASN A 148 17.96 -43.30 -9.75
CA ASN A 148 18.99 -42.29 -9.57
C ASN A 148 20.02 -42.22 -10.70
N ASN A 149 20.33 -43.37 -11.29
CA ASN A 149 21.23 -43.41 -12.43
C ASN A 149 20.55 -42.73 -13.60
N MET A 150 19.29 -43.09 -13.83
CA MET A 150 18.49 -42.43 -14.88
C MET A 150 18.43 -40.93 -14.65
N TYR A 151 18.26 -40.54 -13.39
CA TYR A 151 18.21 -39.13 -13.05
C TYR A 151 19.51 -38.45 -13.48
N GLU A 152 20.63 -38.99 -13.05
CA GLU A 152 21.94 -38.40 -13.36
C GLU A 152 22.23 -38.41 -14.86
N MET A 153 21.65 -39.36 -15.60
CA MET A 153 21.86 -39.43 -17.06
C MET A 153 20.86 -38.62 -17.85
N GLY A 154 19.96 -37.92 -17.16
CA GLY A 154 18.91 -37.15 -17.83
C GLY A 154 18.03 -38.01 -18.69
N LYS A 155 17.75 -39.24 -18.26
CA LYS A 155 16.98 -40.17 -19.07
C LYS A 155 15.60 -40.35 -18.52
N SER A 156 14.65 -40.49 -19.42
CA SER A 156 13.26 -40.57 -19.08
C SER A 156 12.82 -41.95 -18.49
N MET A 157 11.81 -41.90 -17.62
CA MET A 157 11.21 -43.11 -17.02
C MET A 157 9.73 -42.84 -16.80
N ARG A 158 8.89 -43.80 -17.15
CA ARG A 158 7.47 -43.64 -17.12
C ARG A 158 7.03 -43.92 -15.70
N PRO A 159 6.55 -42.91 -14.99
CA PRO A 159 6.05 -43.27 -13.65
C PRO A 159 4.88 -44.26 -13.72
N ILE A 160 4.76 -45.13 -12.72
CA ILE A 160 3.58 -45.96 -12.56
C ILE A 160 2.99 -45.68 -11.19
N TYR A 161 1.80 -45.11 -11.21
CA TYR A 161 1.09 -44.75 -10.02
C TYR A 161 0.16 -45.89 -9.64
N THR A 162 -0.07 -46.08 -8.35
CA THR A 162 -0.96 -47.14 -7.87
C THR A 162 -2.12 -46.47 -7.15
N ALA A 163 -3.33 -46.76 -7.61
CA ALA A 163 -4.53 -46.14 -7.07
C ALA A 163 -4.89 -46.77 -5.73
N ALA A 164 -5.23 -45.95 -4.76
CA ALA A 164 -5.83 -46.42 -3.54
C ALA A 164 -6.97 -45.46 -3.16
N LEU A 165 -7.69 -45.80 -2.09
CA LEU A 165 -8.76 -44.92 -1.60
C LEU A 165 -8.43 -44.51 -0.18
N LYS A 166 -8.72 -43.27 0.18
CA LYS A 166 -8.17 -42.72 1.41
C LYS A 166 -8.94 -43.16 2.63
N ASP A 167 -8.24 -43.75 3.59
CA ASP A 167 -8.80 -44.03 4.90
C ASP A 167 -8.79 -42.74 5.71
N GLU A 168 -9.96 -42.22 6.02
CA GLU A 168 -10.08 -40.95 6.75
C GLU A 168 -11.48 -40.90 7.34
N LEU A 169 -11.70 -39.97 8.26
CA LEU A 169 -13.04 -39.73 8.77
C LEU A 169 -13.84 -38.98 7.74
N VAL A 170 -15.13 -39.26 7.65
CA VAL A 170 -16.02 -38.57 6.68
C VAL A 170 -17.40 -38.32 7.28
N LYS A 171 -18.11 -37.35 6.71
CA LYS A 171 -19.49 -37.10 7.14
C LYS A 171 -20.26 -38.37 6.80
N PRO A 172 -21.21 -38.74 7.67
CA PRO A 172 -21.86 -40.04 7.61
C PRO A 172 -22.64 -40.33 6.34
N ASP A 173 -23.08 -39.29 5.63
CA ASP A 173 -23.84 -39.49 4.40
C ASP A 173 -22.98 -40.15 3.32
N LYS A 174 -21.66 -39.98 3.40
CA LYS A 174 -20.70 -40.65 2.52
C LYS A 174 -20.46 -42.12 2.89
N ILE A 175 -21.04 -42.55 4.01
CA ILE A 175 -21.07 -43.96 4.38
C ILE A 175 -22.46 -44.56 4.24
N TYR A 176 -23.47 -43.85 4.75
CA TYR A 176 -24.83 -44.37 4.85
C TYR A 176 -25.77 -43.91 3.73
N GLY A 177 -25.29 -43.00 2.88
CA GLY A 177 -26.03 -42.55 1.70
C GLY A 177 -25.31 -42.97 0.43
N LYS A 178 -25.02 -42.00 -0.42
CA LYS A 178 -24.22 -42.25 -1.61
C LYS A 178 -22.77 -42.33 -1.17
N ILE A 179 -22.16 -43.50 -1.37
CA ILE A 179 -20.86 -43.81 -0.79
C ILE A 179 -19.76 -43.18 -1.62
N LYS A 180 -18.85 -42.48 -0.94
CA LYS A 180 -17.74 -41.85 -1.58
C LYS A 180 -16.48 -42.09 -0.76
N LYS A 181 -15.35 -42.15 -1.43
CA LYS A 181 -14.05 -42.36 -0.82
C LYS A 181 -13.01 -41.78 -1.75
N ARG A 182 -12.01 -41.08 -1.21
CA ARG A 182 -11.12 -40.31 -2.07
C ARG A 182 -10.00 -41.15 -2.71
N LEU A 183 -9.83 -40.95 -4.01
CA LEU A 183 -8.78 -41.57 -4.79
C LEU A 183 -7.45 -41.00 -4.38
N LEU A 184 -6.54 -41.86 -3.98
CA LEU A 184 -5.13 -41.50 -3.82
C LEU A 184 -4.35 -42.06 -4.99
N TRP A 185 -3.40 -41.27 -5.46
CA TRP A 185 -2.44 -41.70 -6.47
C TRP A 185 -1.15 -41.99 -5.75
N GLY A 186 -0.64 -43.20 -5.89
CA GLY A 186 0.50 -43.63 -5.10
C GLY A 186 1.69 -43.83 -6.00
N SER A 187 2.71 -43.03 -5.79
CA SER A 187 3.85 -43.05 -6.67
C SER A 187 4.73 -44.30 -6.47
N ASP A 188 5.52 -44.62 -7.50
CA ASP A 188 6.49 -45.66 -7.42
C ASP A 188 7.79 -45.06 -6.87
N LEU A 189 8.52 -45.84 -6.08
CA LEU A 189 9.74 -45.38 -5.42
C LEU A 189 10.69 -44.64 -6.35
N GLY A 190 10.88 -45.17 -7.55
CA GLY A 190 11.76 -44.57 -8.50
C GLY A 190 11.41 -43.12 -8.79
N THR A 191 10.15 -42.87 -9.10
CA THR A 191 9.67 -41.54 -9.43
C THR A 191 9.82 -40.62 -8.19
N MET A 192 9.60 -41.15 -6.99
CA MET A 192 9.76 -40.36 -5.77
C MET A 192 11.21 -39.91 -5.60
N ILE A 193 12.15 -40.81 -5.92
CA ILE A 193 13.55 -40.50 -5.79
C ILE A 193 13.92 -39.40 -6.76
N ARG A 194 13.54 -39.55 -8.02
CA ARG A 194 13.95 -38.58 -9.03
C ARG A 194 13.36 -37.21 -8.71
N ALA A 195 12.11 -37.24 -8.26
CA ALA A 195 11.37 -36.04 -7.91
C ALA A 195 11.93 -35.35 -6.69
N ALA A 196 12.33 -36.13 -5.69
CA ALA A 196 12.97 -35.54 -4.51
C ALA A 196 14.28 -34.90 -4.92
N ARG A 197 15.13 -35.61 -5.64
CA ARG A 197 16.39 -34.99 -6.07
C ARG A 197 16.12 -33.73 -6.88
N ALA A 198 15.22 -33.83 -7.86
CA ALA A 198 14.99 -32.73 -8.77
C ALA A 198 14.41 -31.50 -8.06
N PHE A 199 13.43 -31.71 -7.20
CA PHE A 199 12.60 -30.61 -6.70
C PHE A 199 12.63 -30.34 -5.22
N GLY A 200 13.33 -31.19 -4.48
CA GLY A 200 13.57 -30.96 -3.05
C GLY A 200 14.15 -29.59 -2.73
N PRO A 201 15.12 -29.10 -3.53
CA PRO A 201 15.69 -27.77 -3.29
C PRO A 201 14.64 -26.66 -3.40
N PHE A 202 13.97 -26.60 -4.54
CA PHE A 202 12.91 -25.62 -4.74
C PHE A 202 11.91 -25.68 -3.60
N CYS A 203 11.42 -26.87 -3.29
CA CYS A 203 10.41 -26.98 -2.23
C CYS A 203 10.90 -26.44 -0.88
N ASP A 204 12.13 -26.76 -0.53
CA ASP A 204 12.75 -26.26 0.68
C ASP A 204 12.84 -24.75 0.66
N ALA A 205 13.25 -24.19 -0.48
CA ALA A 205 13.39 -22.73 -0.64
C ALA A 205 12.04 -22.06 -0.47
N LEU A 206 11.04 -22.69 -1.05
CA LEU A 206 9.69 -22.19 -0.99
C LEU A 206 9.16 -22.19 0.46
N LYS A 207 9.37 -23.29 1.18
CA LYS A 207 8.93 -23.40 2.58
C LYS A 207 9.49 -22.28 3.45
N GLU A 208 10.75 -21.92 3.23
CA GLU A 208 11.42 -20.81 3.96
C GLU A 208 10.74 -19.46 3.76
N THR A 209 9.95 -19.31 2.69
CA THR A 209 9.32 -18.03 2.34
C THR A 209 7.80 -18.09 2.57
N CYS A 210 7.34 -19.09 3.31
CA CYS A 210 5.92 -19.34 3.38
C CYS A 210 5.16 -18.18 4.02
N ILE A 211 5.85 -17.19 4.59
CA ILE A 211 5.16 -16.05 5.22
C ILE A 211 5.04 -14.88 4.28
N PHE A 212 6.02 -14.68 3.42
CA PHE A 212 5.98 -13.55 2.48
C PHE A 212 5.75 -13.98 1.04
N ASN A 213 5.75 -15.28 0.79
CA ASN A 213 5.19 -15.78 -0.44
C ASN A 213 3.87 -16.52 -0.20
N PRO A 214 3.00 -16.57 -1.23
CA PRO A 214 1.65 -16.99 -1.00
C PRO A 214 1.45 -18.51 -0.94
N ILE A 215 2.44 -19.29 -1.33
CA ILE A 215 2.33 -20.72 -1.15
C ILE A 215 2.72 -21.03 0.29
N ARG A 216 1.72 -21.38 1.10
CA ARG A 216 1.85 -21.43 2.54
C ARG A 216 2.25 -22.80 3.06
N VAL A 217 2.45 -23.75 2.16
CA VAL A 217 2.85 -25.10 2.53
C VAL A 217 4.11 -25.06 3.41
N GLY A 218 4.04 -25.71 4.57
CA GLY A 218 5.17 -25.73 5.51
C GLY A 218 5.00 -24.74 6.65
N MET A 219 3.95 -23.96 6.61
CA MET A 219 3.70 -22.98 7.67
C MET A 219 3.29 -23.69 8.95
N SER A 220 3.44 -23.00 10.07
CA SER A 220 2.94 -23.45 11.33
C SER A 220 1.76 -22.56 11.65
N MET A 221 0.57 -23.14 11.83
CA MET A 221 -0.60 -22.34 12.06
C MET A 221 -0.38 -21.46 13.26
N ASN A 222 0.17 -22.08 14.29
CA ASN A 222 0.28 -21.47 15.59
C ASN A 222 1.28 -20.33 15.63
N GLU A 223 2.46 -20.58 15.07
CA GLU A 223 3.54 -19.61 15.03
C GLU A 223 3.52 -18.70 13.81
N ASP A 224 3.14 -19.22 12.65
CA ASP A 224 3.13 -18.43 11.42
C ASP A 224 1.78 -17.76 11.10
N GLY A 225 0.67 -18.36 11.55
CA GLY A 225 -0.66 -17.87 11.18
C GLY A 225 -0.91 -16.41 11.52
N PRO A 226 -0.56 -16.00 12.77
CA PRO A 226 -0.84 -14.62 13.14
C PRO A 226 -0.17 -13.60 12.25
N PHE A 227 1.01 -13.93 11.71
CA PHE A 227 1.68 -12.96 10.87
C PHE A 227 1.02 -13.04 9.50
N ILE A 228 0.79 -14.25 9.01
CA ILE A 228 0.11 -14.40 7.73
C ILE A 228 -1.24 -13.66 7.71
N PHE A 229 -2.06 -13.90 8.71
CA PHE A 229 -3.40 -13.33 8.76
C PHE A 229 -3.38 -11.81 8.92
N ALA A 230 -2.43 -11.32 9.71
CA ALA A 230 -2.25 -9.87 9.84
C ALA A 230 -1.91 -9.23 8.51
N ARG A 231 -1.18 -9.93 7.65
CA ARG A 231 -0.85 -9.34 6.33
C ARG A 231 -2.12 -9.24 5.50
N HIS A 232 -2.92 -10.30 5.50
CA HIS A 232 -4.14 -10.33 4.72
C HIS A 232 -5.04 -9.17 5.16
N ALA A 233 -5.15 -8.99 6.48
CA ALA A 233 -5.97 -7.92 7.02
C ALA A 233 -5.67 -6.52 6.50
N ASN A 234 -4.47 -6.28 6.00
CA ASN A 234 -4.10 -4.96 5.48
C ASN A 234 -4.78 -4.59 4.18
N PHE A 235 -5.67 -5.43 3.68
CA PHE A 235 -6.27 -5.24 2.38
C PHE A 235 -7.76 -5.19 2.57
N ARG A 236 -8.44 -4.53 1.64
CA ARG A 236 -9.83 -4.13 1.83
C ARG A 236 -10.82 -5.28 1.71
N TYR A 237 -10.71 -6.06 0.65
CA TYR A 237 -11.67 -7.15 0.40
C TYR A 237 -11.03 -8.52 0.57
N HIS A 238 -11.81 -9.42 1.15
CA HIS A 238 -11.38 -10.76 1.43
C HIS A 238 -12.35 -11.76 0.84
N MET A 239 -11.84 -12.83 0.25
CA MET A 239 -12.70 -13.87 -0.25
C MET A 239 -12.00 -15.21 -0.16
N ASP A 240 -12.78 -16.27 -0.07
CA ASP A 240 -12.27 -17.57 0.34
C ASP A 240 -12.98 -18.67 -0.41
N ALA A 241 -12.83 -18.65 -1.72
CA ALA A 241 -13.32 -19.69 -2.57
C ALA A 241 -12.99 -21.07 -1.98
N ASP A 242 -13.95 -21.97 -2.14
CA ASP A 242 -13.78 -23.37 -1.93
C ASP A 242 -14.01 -23.97 -3.29
N TYR A 243 -13.33 -25.08 -3.58
CA TYR A 243 -13.38 -25.70 -4.90
C TYR A 243 -13.74 -27.15 -4.73
N THR A 244 -14.57 -27.63 -5.63
CA THR A 244 -14.98 -29.01 -5.66
C THR A 244 -14.07 -29.71 -6.66
N ARG A 245 -13.57 -30.88 -6.27
CA ARG A 245 -12.83 -31.72 -7.24
C ARG A 245 -11.71 -30.96 -7.93
N TRP A 246 -10.93 -30.22 -7.13
CA TRP A 246 -9.83 -29.43 -7.67
C TRP A 246 -8.89 -30.28 -8.53
N ASP A 247 -8.49 -31.44 -7.99
CA ASP A 247 -7.45 -32.26 -8.62
C ASP A 247 -7.86 -32.80 -9.98
N SER A 248 -9.04 -33.36 -10.05
CA SER A 248 -9.51 -33.91 -11.31
C SER A 248 -9.88 -32.85 -12.36
N THR A 249 -10.03 -31.58 -11.96
CA THR A 249 -10.35 -30.53 -12.93
C THR A 249 -9.17 -29.73 -13.41
N GLN A 250 -7.97 -30.11 -12.98
CA GLN A 250 -6.79 -29.42 -13.48
C GLN A 250 -6.52 -29.74 -14.95
N GLN A 251 -5.95 -28.76 -15.65
CA GLN A 251 -5.49 -28.93 -17.00
C GLN A 251 -4.00 -29.23 -16.96
N ARG A 252 -3.55 -30.27 -17.66
CA ARG A 252 -2.12 -30.55 -17.69
C ARG A 252 -1.35 -29.38 -18.25
N ALA A 253 -1.94 -28.68 -19.22
CA ALA A 253 -1.25 -27.52 -19.81
C ALA A 253 -0.93 -26.45 -18.77
N ILE A 254 -1.77 -26.31 -17.75
CA ILE A 254 -1.49 -25.37 -16.68
C ILE A 254 -0.47 -25.91 -15.69
N LEU A 255 -0.60 -27.19 -15.37
CA LEU A 255 0.39 -27.85 -14.54
C LEU A 255 1.77 -27.78 -15.19
N LYS A 256 1.81 -27.86 -16.51
CA LYS A 256 3.04 -27.71 -17.26
C LYS A 256 3.67 -26.35 -17.09
N ARG A 257 2.85 -25.30 -17.03
CA ARG A 257 3.38 -23.96 -16.75
C ARG A 257 3.89 -23.83 -15.31
N ALA A 258 3.18 -24.45 -14.38
CA ALA A 258 3.65 -24.54 -13.01
C ALA A 258 5.00 -25.29 -12.94
N GLY A 259 5.05 -26.46 -13.57
CA GLY A 259 6.28 -27.22 -13.59
C GLY A 259 7.45 -26.46 -14.20
N ASP A 260 7.21 -25.75 -15.32
CA ASP A 260 8.31 -25.00 -15.95
C ASP A 260 8.91 -24.03 -14.94
N ILE A 261 8.08 -23.41 -14.14
CA ILE A 261 8.58 -22.50 -13.13
C ILE A 261 9.46 -23.24 -12.11
N MET A 262 8.98 -24.38 -11.61
CA MET A 262 9.78 -25.20 -10.67
C MET A 262 11.14 -25.59 -11.24
N VAL A 263 11.15 -26.07 -12.48
CA VAL A 263 12.38 -26.46 -13.20
C VAL A 263 13.37 -25.32 -13.34
N ARG A 264 12.88 -24.19 -13.85
CA ARG A 264 13.67 -22.97 -14.06
C ARG A 264 14.23 -22.42 -12.74
N LEU A 265 13.60 -22.74 -11.60
CA LEU A 265 14.10 -22.29 -10.30
C LEU A 265 14.74 -23.39 -9.47
N SER A 266 15.19 -24.45 -10.13
CA SER A 266 15.88 -25.57 -9.48
C SER A 266 17.35 -25.53 -9.82
N PRO A 267 18.21 -26.13 -8.98
CA PRO A 267 19.65 -26.03 -9.26
C PRO A 267 20.17 -26.86 -10.45
N GLU A 268 19.54 -28.01 -10.76
CA GLU A 268 19.90 -28.86 -11.89
C GLU A 268 18.70 -28.85 -12.87
N PRO A 269 18.49 -27.70 -13.54
CA PRO A 269 17.31 -27.59 -14.40
C PRO A 269 17.21 -28.55 -15.57
N ASP A 270 18.33 -29.04 -16.11
CA ASP A 270 18.24 -29.93 -17.29
C ASP A 270 17.78 -31.28 -16.79
N LEU A 271 18.31 -31.67 -15.63
CA LEU A 271 17.89 -32.90 -15.01
C LEU A 271 16.44 -32.80 -14.52
N ALA A 272 16.09 -31.66 -13.96
CA ALA A 272 14.73 -31.44 -13.44
C ALA A 272 13.68 -31.51 -14.53
N ARG A 273 14.05 -31.00 -15.71
CA ARG A 273 13.19 -30.93 -16.90
C ARG A 273 12.75 -32.33 -17.35
N VAL A 274 13.68 -33.27 -17.35
CA VAL A 274 13.38 -34.64 -17.75
C VAL A 274 12.38 -35.19 -16.77
N VAL A 275 12.62 -34.95 -15.48
CA VAL A 275 11.72 -35.45 -14.44
C VAL A 275 10.31 -34.84 -14.53
N MET A 276 10.21 -33.51 -14.64
CA MET A 276 8.89 -32.84 -14.75
C MET A 276 8.10 -33.32 -15.96
N ASP A 277 8.77 -33.54 -17.09
CA ASP A 277 8.14 -34.09 -18.29
C ASP A 277 7.64 -35.53 -18.09
N ASP A 278 8.34 -36.33 -17.33
CA ASP A 278 7.83 -37.65 -17.02
C ASP A 278 6.62 -37.53 -16.08
N LEU A 279 6.66 -36.60 -15.15
CA LEU A 279 5.56 -36.46 -14.17
C LEU A 279 4.26 -36.01 -14.79
N LEU A 280 4.37 -35.17 -15.81
CA LEU A 280 3.22 -34.56 -16.48
C LEU A 280 2.85 -35.22 -17.82
N ALA A 281 3.66 -36.16 -18.28
CA ALA A 281 3.28 -36.94 -19.46
C ALA A 281 2.05 -37.75 -19.10
N PRO A 282 1.28 -38.20 -20.10
CA PRO A 282 0.06 -38.96 -19.77
C PRO A 282 0.33 -40.08 -18.76
N SER A 283 -0.51 -40.16 -17.73
CA SER A 283 -0.18 -40.88 -16.52
C SER A 283 -0.68 -42.33 -16.52
N LEU A 284 0.18 -43.23 -16.13
CA LEU A 284 -0.13 -44.64 -16.02
C LEU A 284 -0.50 -44.97 -14.57
N LEU A 285 -1.75 -45.36 -14.38
CA LEU A 285 -2.30 -45.59 -13.07
C LEU A 285 -2.77 -47.02 -12.98
N ASP A 286 -2.29 -47.74 -11.98
CA ASP A 286 -2.63 -49.13 -11.80
C ASP A 286 -3.82 -49.24 -10.85
N VAL A 287 -4.95 -49.67 -11.41
CA VAL A 287 -6.21 -49.80 -10.67
C VAL A 287 -6.51 -51.24 -10.27
N GLY A 288 -5.49 -52.11 -10.33
CA GLY A 288 -5.66 -53.52 -10.01
C GLY A 288 -5.61 -54.36 -11.28
N ASP A 289 -6.76 -54.50 -11.92
CA ASP A 289 -6.90 -55.34 -13.11
C ASP A 289 -6.13 -54.79 -14.30
N TYR A 290 -6.04 -53.46 -14.37
CA TYR A 290 -5.46 -52.80 -15.52
C TYR A 290 -4.65 -51.62 -15.08
N LYS A 291 -3.63 -51.29 -15.86
CA LYS A 291 -3.04 -49.96 -15.84
C LYS A 291 -3.72 -49.15 -16.92
N ILE A 292 -4.17 -47.95 -16.57
CA ILE A 292 -4.90 -47.09 -17.47
C ILE A 292 -4.19 -45.77 -17.63
N VAL A 293 -4.50 -45.06 -18.71
CA VAL A 293 -3.79 -43.86 -19.06
C VAL A 293 -4.66 -42.67 -18.70
N VAL A 294 -4.13 -41.76 -17.91
CA VAL A 294 -4.86 -40.55 -17.50
C VAL A 294 -4.13 -39.32 -18.03
N GLU A 295 -4.71 -38.72 -19.07
CA GLU A 295 -4.06 -37.61 -19.74
C GLU A 295 -4.27 -36.30 -19.03
N GLU A 296 -5.35 -36.18 -18.27
CA GLU A 296 -5.68 -34.92 -17.65
C GLU A 296 -5.86 -35.01 -16.13
N GLY A 297 -6.09 -33.88 -15.49
CA GLY A 297 -6.14 -33.84 -14.04
C GLY A 297 -4.76 -33.82 -13.41
N LEU A 298 -4.76 -33.68 -12.10
CA LEU A 298 -3.52 -33.73 -11.36
C LEU A 298 -3.26 -35.14 -10.85
N PRO A 299 -2.05 -35.64 -11.09
CA PRO A 299 -1.60 -36.89 -10.52
C PRO A 299 -0.84 -36.61 -9.23
N SER A 300 -1.33 -37.20 -8.15
CA SER A 300 -0.89 -36.94 -6.79
C SER A 300 0.33 -37.75 -6.33
N GLY A 301 0.62 -37.72 -5.04
CA GLY A 301 1.63 -38.58 -4.47
C GLY A 301 2.92 -38.40 -5.19
N CYS A 302 3.19 -37.16 -5.55
CA CYS A 302 4.26 -36.81 -6.46
C CYS A 302 5.68 -37.05 -5.94
N PRO A 303 6.04 -36.55 -4.72
CA PRO A 303 5.30 -35.87 -3.64
C PRO A 303 5.40 -34.34 -3.58
N CYS A 304 6.29 -33.75 -4.39
CA CYS A 304 6.31 -32.30 -4.58
C CYS A 304 5.02 -31.73 -5.19
N THR A 305 3.99 -32.59 -5.34
CA THR A 305 2.70 -32.25 -5.94
C THR A 305 2.02 -31.06 -5.27
N THR A 306 1.99 -31.02 -3.94
CA THR A 306 1.29 -29.95 -3.22
C THR A 306 1.83 -28.58 -3.61
N GLN A 307 3.12 -28.52 -3.91
CA GLN A 307 3.74 -27.31 -4.41
C GLN A 307 3.31 -27.04 -5.84
N LEU A 308 3.34 -28.07 -6.67
CA LEU A 308 2.95 -27.91 -8.06
C LEU A 308 1.51 -27.41 -8.13
N ASN A 309 0.66 -28.05 -7.35
CA ASN A 309 -0.75 -27.74 -7.24
C ASN A 309 -0.98 -26.33 -6.73
N SER A 310 -0.26 -25.96 -5.68
CA SER A 310 -0.41 -24.62 -5.13
C SER A 310 0.03 -23.59 -6.17
N LEU A 311 1.05 -23.96 -6.91
CA LEU A 311 1.59 -23.07 -7.88
C LEU A 311 0.57 -22.89 -9.00
N ALA A 312 -0.01 -23.99 -9.46
CA ALA A 312 -1.07 -23.95 -10.45
C ALA A 312 -2.25 -23.06 -10.01
N HIS A 313 -2.59 -23.17 -8.74
CA HIS A 313 -3.66 -22.43 -8.12
C HIS A 313 -3.37 -20.91 -8.24
N TRP A 314 -2.10 -20.57 -8.02
CA TRP A 314 -1.58 -19.21 -8.04
C TRP A 314 -1.69 -18.67 -9.46
N ILE A 315 -1.35 -19.50 -10.43
CA ILE A 315 -1.50 -19.13 -11.82
C ILE A 315 -2.96 -18.88 -12.20
N LEU A 316 -3.84 -19.79 -11.80
CA LEU A 316 -5.23 -19.69 -12.23
C LEU A 316 -5.95 -18.52 -11.58
N THR A 317 -5.81 -18.40 -10.26
CA THR A 317 -6.40 -17.28 -9.54
C THR A 317 -5.94 -15.93 -10.13
N LEU A 318 -4.66 -15.82 -10.41
CA LEU A 318 -4.10 -14.57 -10.88
C LEU A 318 -4.56 -14.29 -12.30
N CYS A 319 -4.66 -15.33 -13.13
CA CYS A 319 -5.18 -15.21 -14.50
C CYS A 319 -6.63 -14.69 -14.48
N ALA A 320 -7.45 -15.26 -13.60
CA ALA A 320 -8.81 -14.81 -13.45
C ALA A 320 -8.86 -13.35 -13.03
N MET A 321 -8.04 -12.97 -12.06
CA MET A 321 -8.04 -11.60 -11.55
C MET A 321 -7.64 -10.58 -12.60
N VAL A 322 -6.61 -10.91 -13.36
CA VAL A 322 -6.08 -10.08 -14.41
C VAL A 322 -7.07 -9.94 -15.57
N GLU A 323 -7.67 -11.07 -15.97
CA GLU A 323 -8.70 -11.11 -17.02
C GLU A 323 -9.86 -10.15 -16.68
N VAL A 324 -10.24 -10.08 -15.40
CA VAL A 324 -11.42 -9.39 -14.98
C VAL A 324 -11.16 -7.91 -14.65
N THR A 325 -10.10 -7.63 -13.89
CA THR A 325 -9.76 -6.26 -13.45
C THR A 325 -8.97 -5.50 -14.52
N ARG A 326 -8.28 -6.26 -15.38
CA ARG A 326 -7.36 -5.80 -16.42
C ARG A 326 -6.06 -5.20 -15.87
N VAL A 327 -5.86 -5.28 -14.55
CA VAL A 327 -4.58 -4.91 -13.91
C VAL A 327 -3.51 -5.96 -14.23
N ASP A 328 -2.29 -5.53 -14.48
CA ASP A 328 -1.18 -6.42 -14.79
C ASP A 328 -0.88 -7.29 -13.56
N PRO A 329 -0.45 -8.56 -13.78
CA PRO A 329 -0.32 -9.52 -12.66
C PRO A 329 0.63 -9.08 -11.52
N ASP A 330 1.68 -8.35 -11.86
CA ASP A 330 2.59 -7.82 -10.87
C ASP A 330 1.93 -6.75 -10.02
N ILE A 331 1.17 -5.87 -10.65
CA ILE A 331 0.48 -4.81 -9.90
C ILE A 331 -0.59 -5.44 -9.01
N VAL A 332 -1.21 -6.52 -9.48
CA VAL A 332 -2.18 -7.24 -8.69
C VAL A 332 -1.54 -7.76 -7.42
N MET A 333 -0.30 -8.23 -7.53
CA MET A 333 0.41 -8.73 -6.35
C MET A 333 0.89 -7.62 -5.44
N GLN A 334 1.12 -6.42 -5.98
CA GLN A 334 1.23 -5.21 -5.15
C GLN A 334 -0.03 -4.87 -4.33
N GLU A 335 -1.22 -5.19 -4.86
CA GLU A 335 -2.47 -4.71 -4.29
C GLU A 335 -3.28 -5.82 -3.64
N SER A 336 -2.64 -6.97 -3.42
CA SER A 336 -3.31 -8.16 -2.92
C SER A 336 -2.39 -8.94 -1.99
N GLU A 337 -3.00 -9.84 -1.21
CA GLU A 337 -2.27 -10.85 -0.46
C GLU A 337 -2.96 -12.20 -0.69
N PHE A 338 -2.22 -13.16 -1.23
CA PHE A 338 -2.77 -14.47 -1.48
C PHE A 338 -2.29 -15.50 -0.48
N SER A 339 -3.12 -16.50 -0.27
CA SER A 339 -2.68 -17.71 0.38
C SER A 339 -3.22 -18.82 -0.44
N PHE A 340 -2.35 -19.73 -0.84
CA PHE A 340 -2.72 -20.94 -1.49
C PHE A 340 -2.14 -22.08 -0.72
N TYR A 341 -2.93 -23.13 -0.54
CA TYR A 341 -2.42 -24.37 0.03
C TYR A 341 -3.12 -25.48 -0.70
N GLY A 342 -2.48 -25.98 -1.78
CA GLY A 342 -3.17 -26.83 -2.73
C GLY A 342 -4.44 -26.12 -3.24
N ASP A 343 -5.60 -26.69 -2.96
CA ASP A 343 -6.89 -26.13 -3.41
C ASP A 343 -7.48 -25.08 -2.47
N ASP A 344 -6.93 -24.96 -1.26
CA ASP A 344 -7.45 -23.97 -0.32
C ASP A 344 -6.91 -22.60 -0.71
N GLU A 345 -7.78 -21.59 -0.78
CA GLU A 345 -7.36 -20.25 -1.12
C GLU A 345 -7.86 -19.23 -0.11
N VAL A 346 -7.09 -18.14 0.02
CA VAL A 346 -7.57 -16.91 0.59
C VAL A 346 -6.97 -15.78 -0.23
N VAL A 347 -7.84 -14.95 -0.80
CA VAL A 347 -7.43 -13.80 -1.57
C VAL A 347 -7.93 -12.56 -0.87
N SER A 348 -7.00 -11.67 -0.54
CA SER A 348 -7.32 -10.36 -0.01
C SER A 348 -6.81 -9.36 -1.04
N THR A 349 -7.57 -8.31 -1.31
CA THR A 349 -7.17 -7.38 -2.35
C THR A 349 -7.76 -6.00 -2.11
N ASN A 350 -7.09 -4.99 -2.63
CA ASN A 350 -7.59 -3.65 -2.62
C ASN A 350 -8.34 -3.33 -3.90
N LEU A 351 -8.24 -4.20 -4.89
CA LEU A 351 -8.83 -3.93 -6.20
C LEU A 351 -10.33 -4.09 -6.14
N GLU A 352 -11.02 -3.37 -7.02
CA GLU A 352 -12.46 -3.54 -7.15
C GLU A 352 -12.71 -4.72 -8.08
N LEU A 353 -12.96 -5.88 -7.49
CA LEU A 353 -13.08 -7.13 -8.23
C LEU A 353 -14.51 -7.56 -8.44
N ASP A 354 -14.90 -7.70 -9.69
CA ASP A 354 -16.26 -8.14 -10.03
C ASP A 354 -16.37 -9.64 -9.75
N MET A 355 -16.95 -9.95 -8.59
CA MET A 355 -17.12 -11.31 -8.12
C MET A 355 -17.90 -12.22 -9.07
N VAL A 356 -18.91 -11.68 -9.72
CA VAL A 356 -19.60 -12.47 -10.74
C VAL A 356 -18.64 -12.80 -11.90
N LYS A 357 -17.85 -11.83 -12.37
CA LYS A 357 -16.95 -12.08 -13.49
C LYS A 357 -15.81 -13.04 -13.10
N TYR A 358 -15.34 -12.90 -11.86
CA TYR A 358 -14.26 -13.72 -11.33
C TYR A 358 -14.71 -15.19 -11.28
N THR A 359 -15.89 -15.42 -10.73
CA THR A 359 -16.50 -16.74 -10.70
C THR A 359 -16.63 -17.32 -12.10
N MET A 360 -17.02 -16.50 -13.07
CA MET A 360 -17.24 -17.00 -14.42
C MET A 360 -15.94 -17.41 -15.05
N ALA A 361 -14.92 -16.60 -14.83
CA ALA A 361 -13.63 -16.86 -15.46
C ALA A 361 -13.06 -18.19 -14.90
N LEU A 362 -13.20 -18.40 -13.60
CA LEU A 362 -12.73 -19.66 -12.99
C LEU A 362 -13.50 -20.85 -13.53
N ARG A 363 -14.82 -20.73 -13.62
CA ARG A 363 -15.66 -21.79 -14.21
C ARG A 363 -15.28 -22.04 -15.66
N ARG A 364 -14.96 -20.96 -16.36
CA ARG A 364 -14.49 -21.08 -17.73
C ARG A 364 -13.19 -21.89 -17.81
N TYR A 365 -12.33 -21.80 -16.79
CA TYR A 365 -11.08 -22.60 -16.81
C TYR A 365 -11.31 -24.07 -16.43
N GLY A 366 -12.53 -24.43 -16.05
CA GLY A 366 -12.88 -25.80 -15.68
C GLY A 366 -13.03 -25.98 -14.19
N LEU A 367 -12.80 -24.92 -13.42
CA LEU A 367 -12.81 -25.03 -11.97
C LEU A 367 -14.24 -24.94 -11.50
N LEU A 368 -14.48 -25.38 -10.27
CA LEU A 368 -15.79 -25.43 -9.69
C LEU A 368 -15.75 -24.73 -8.34
N PRO A 369 -15.64 -23.41 -8.37
CA PRO A 369 -15.68 -22.65 -7.13
C PRO A 369 -17.04 -22.75 -6.46
N THR A 370 -17.15 -22.62 -5.14
CA THR A 370 -18.46 -22.83 -4.47
C THR A 370 -18.92 -21.91 -3.33
N ARG A 371 -18.05 -21.50 -2.40
CA ARG A 371 -18.53 -20.96 -1.09
C ARG A 371 -19.75 -20.00 -1.16
N ALA A 372 -20.65 -19.98 -0.17
CA ALA A 372 -20.51 -20.60 1.16
C ALA A 372 -21.65 -21.59 1.46
N ASP A 373 -22.88 -21.19 1.20
CA ASP A 373 -24.04 -22.08 1.33
C ASP A 373 -23.90 -23.26 0.39
N PRO A 378 -22.71 -17.10 -7.02
CA PRO A 378 -21.33 -16.70 -7.25
C PRO A 378 -20.55 -16.43 -5.97
N LEU A 379 -19.23 -16.32 -6.11
CA LEU A 379 -18.38 -16.07 -4.98
C LEU A 379 -18.63 -14.71 -4.33
N GLU A 380 -18.65 -14.70 -3.01
CA GLU A 380 -18.89 -13.49 -2.23
C GLU A 380 -17.58 -12.95 -1.68
N ARG A 381 -17.47 -11.63 -1.61
CA ARG A 381 -16.33 -10.93 -1.04
C ARG A 381 -16.76 -10.14 0.17
N ARG A 382 -15.96 -10.11 1.23
CA ARG A 382 -16.31 -9.41 2.46
C ARG A 382 -15.27 -8.34 2.73
N GLN A 383 -15.59 -7.39 3.60
CA GLN A 383 -14.67 -6.30 3.98
C GLN A 383 -14.00 -6.54 5.32
N THR A 384 -14.19 -7.74 5.86
CA THR A 384 -13.51 -8.14 7.06
C THR A 384 -12.98 -9.56 6.86
N LEU A 385 -11.81 -9.84 7.46
CA LEU A 385 -11.19 -11.15 7.41
C LEU A 385 -11.81 -12.05 8.48
N GLN A 386 -12.40 -11.43 9.51
CA GLN A 386 -13.08 -12.20 10.56
C GLN A 386 -13.95 -13.23 9.88
N GLY A 387 -13.75 -14.49 10.22
CA GLY A 387 -14.65 -15.54 9.79
C GLY A 387 -14.21 -16.21 8.51
N ILE A 388 -13.31 -15.55 7.77
CA ILE A 388 -12.77 -16.16 6.55
C ILE A 388 -12.14 -17.49 6.95
N SER A 389 -12.35 -18.51 6.14
CA SER A 389 -11.87 -19.83 6.45
C SER A 389 -10.53 -20.07 5.80
N PHE A 390 -9.64 -20.77 6.50
CA PHE A 390 -8.37 -21.20 5.94
C PHE A 390 -8.06 -22.54 6.55
N LEU A 391 -7.80 -23.54 5.70
CA LEU A 391 -7.65 -24.93 6.13
C LEU A 391 -8.82 -25.22 7.05
N ARG A 392 -8.60 -25.80 8.22
CA ARG A 392 -9.73 -26.16 9.08
C ARG A 392 -10.09 -25.06 10.07
N ARG A 393 -9.45 -23.92 9.95
CA ARG A 393 -9.55 -22.87 10.92
C ARG A 393 -10.50 -21.81 10.45
N ALA A 394 -11.00 -21.03 11.40
CA ALA A 394 -11.61 -19.76 11.13
C ALA A 394 -10.64 -18.70 11.60
N ILE A 395 -10.48 -17.67 10.80
CA ILE A 395 -9.59 -16.59 11.15
C ILE A 395 -10.28 -15.71 12.12
N VAL A 396 -9.69 -15.54 13.30
CA VAL A 396 -10.25 -14.70 14.33
C VAL A 396 -9.26 -13.60 14.67
N GLY A 397 -9.76 -12.40 14.89
CA GLY A 397 -8.94 -11.26 15.30
C GLY A 397 -9.42 -10.66 16.61
N ASP A 398 -8.50 -10.24 17.47
CA ASP A 398 -8.88 -9.53 18.69
C ASP A 398 -7.79 -8.52 19.07
N GLN A 399 -7.92 -7.90 20.24
CA GLN A 399 -6.97 -6.89 20.68
C GLN A 399 -5.51 -7.36 20.53
N PHE A 400 -5.27 -8.65 20.66
CA PHE A 400 -3.90 -9.19 20.62
C PHE A 400 -3.41 -9.46 19.21
N GLY A 401 -4.30 -9.88 18.33
CA GLY A 401 -3.99 -10.10 16.93
C GLY A 401 -4.88 -11.17 16.33
N TRP A 402 -4.38 -11.77 15.25
CA TRP A 402 -5.14 -12.74 14.50
C TRP A 402 -4.64 -14.13 14.79
N TYR A 403 -5.50 -15.12 14.59
CA TYR A 403 -5.12 -16.50 14.75
C TYR A 403 -6.13 -17.41 14.11
N GLY A 404 -5.68 -18.63 13.86
CA GLY A 404 -6.53 -19.65 13.31
C GLY A 404 -7.09 -20.59 14.36
N ARG A 405 -8.42 -20.59 14.41
CA ARG A 405 -9.15 -21.30 15.42
C ARG A 405 -9.78 -22.50 14.77
N LEU A 406 -9.48 -23.67 15.29
CA LEU A 406 -10.02 -24.90 14.79
C LEU A 406 -11.46 -24.98 15.24
N ASP A 407 -12.36 -25.37 14.34
CA ASP A 407 -13.78 -25.42 14.70
C ASP A 407 -14.04 -26.53 15.71
N ARG A 408 -15.09 -26.36 16.50
CA ARG A 408 -15.42 -27.31 17.57
C ARG A 408 -15.76 -28.69 17.00
N ALA A 409 -16.42 -28.72 15.84
CA ALA A 409 -16.68 -29.97 15.12
C ALA A 409 -15.43 -30.86 15.11
N SER A 410 -14.36 -30.35 14.50
CA SER A 410 -13.08 -31.03 14.43
C SER A 410 -12.49 -31.36 15.79
N ILE A 411 -12.69 -30.48 16.76
CA ILE A 411 -12.21 -30.73 18.11
C ILE A 411 -12.88 -31.96 18.72
N ASP A 412 -14.21 -31.99 18.71
CA ASP A 412 -14.94 -33.10 19.30
C ASP A 412 -14.63 -34.37 18.52
N ARG A 413 -14.56 -34.24 17.20
CA ARG A 413 -14.17 -35.35 16.36
C ARG A 413 -12.88 -36.01 16.81
N GLN A 414 -11.88 -35.21 17.14
CA GLN A 414 -10.62 -35.75 17.70
C GLN A 414 -10.78 -36.36 19.09
N LEU A 415 -11.85 -35.99 19.80
CA LEU A 415 -12.12 -36.57 21.11
C LEU A 415 -12.68 -37.98 21.00
N LEU A 416 -13.47 -38.22 19.96
CA LEU A 416 -14.12 -39.52 19.70
C LEU A 416 -13.20 -40.55 19.03
N TRP A 417 -12.26 -40.08 18.22
CA TRP A 417 -11.41 -40.99 17.41
C TRP A 417 -9.93 -40.79 17.65
N THR A 418 -9.20 -41.91 17.62
CA THR A 418 -7.76 -41.92 17.75
C THR A 418 -7.22 -42.85 16.66
N LYS A 419 -5.96 -42.70 16.33
CA LYS A 419 -5.33 -43.57 15.34
C LYS A 419 -4.66 -44.73 16.02
N GLY A 420 -4.48 -45.80 15.27
CA GLY A 420 -3.91 -47.02 15.83
C GLY A 420 -3.62 -48.00 14.72
N PRO A 421 -3.41 -49.27 15.07
CA PRO A 421 -3.14 -50.25 14.05
C PRO A 421 -4.38 -50.57 13.22
N ASN A 422 -4.18 -50.91 11.96
CA ASN A 422 -5.27 -51.14 11.05
C ASN A 422 -6.18 -52.25 11.55
N HIS A 423 -7.49 -52.01 11.52
CA HIS A 423 -8.42 -53.08 11.83
C HIS A 423 -9.68 -53.01 11.00
N GLN A 424 -10.52 -54.04 11.15
CA GLN A 424 -11.74 -54.18 10.35
C GLN A 424 -12.95 -53.43 10.91
N ASN A 425 -13.07 -53.38 12.24
CA ASN A 425 -14.20 -52.72 12.90
C ASN A 425 -13.80 -51.43 13.59
N PRO A 426 -14.24 -50.28 13.05
CA PRO A 426 -13.79 -49.05 13.68
C PRO A 426 -14.37 -48.76 15.06
N PHE A 427 -15.42 -49.48 15.48
CA PHE A 427 -15.98 -49.18 16.81
C PHE A 427 -15.28 -49.92 17.96
N GLU A 428 -14.32 -50.81 17.67
CA GLU A 428 -13.47 -51.38 18.71
C GLU A 428 -12.74 -50.18 19.37
N THR A 429 -12.53 -50.23 20.68
CA THR A 429 -11.62 -49.31 21.36
C THR A 429 -10.24 -49.96 21.48
N LEU A 430 -9.18 -49.17 21.60
CA LEU A 430 -7.86 -49.75 21.89
C LEU A 430 -7.87 -50.23 23.34
N PRO A 431 -7.22 -51.36 23.62
CA PRO A 431 -7.08 -51.72 25.04
C PRO A 431 -6.01 -50.91 25.76
N GLY A 432 -6.16 -50.78 27.06
CA GLY A 432 -5.23 -50.01 27.89
C GLY A 432 -5.34 -48.52 27.63
N HIS A 433 -4.20 -47.88 27.40
CA HIS A 433 -4.16 -46.47 27.05
C HIS A 433 -4.08 -46.38 25.52
N ALA A 434 -4.61 -45.34 24.86
CA ALA A 434 -4.85 -43.97 25.37
C ALA A 434 -3.52 -43.27 25.53
N GLN A 435 -2.50 -43.79 24.86
CA GLN A 435 -1.19 -43.17 24.79
C GLN A 435 -1.27 -41.96 23.86
N ARG A 436 -1.84 -40.85 24.34
CA ARG A 436 -1.84 -39.61 23.57
C ARG A 436 -1.95 -38.35 24.42
N PRO A 437 -0.93 -38.08 25.27
CA PRO A 437 -0.92 -36.85 26.06
C PRO A 437 -0.73 -35.56 25.25
N SER A 438 0.19 -35.57 24.27
CA SER A 438 0.47 -34.39 23.43
C SER A 438 -0.82 -33.83 22.84
N GLN A 439 -1.54 -34.69 22.14
CA GLN A 439 -2.79 -34.31 21.47
C GLN A 439 -3.78 -33.74 22.47
N LEU A 440 -4.07 -34.47 23.54
CA LEU A 440 -4.93 -33.94 24.61
C LEU A 440 -4.61 -32.49 25.00
N MET A 441 -3.34 -32.20 25.25
CA MET A 441 -2.93 -30.82 25.53
C MET A 441 -3.30 -29.89 24.36
N ALA A 442 -2.82 -30.19 23.16
CA ALA A 442 -3.14 -29.40 21.98
C ALA A 442 -4.65 -29.15 21.88
N LEU A 443 -5.44 -30.19 22.13
CA LEU A 443 -6.89 -30.08 22.14
C LEU A 443 -7.39 -29.07 23.17
N LEU A 444 -6.83 -29.12 24.37
CA LEU A 444 -7.09 -28.08 25.38
C LEU A 444 -6.78 -26.68 24.81
N GLY A 445 -5.61 -26.56 24.20
CA GLY A 445 -5.21 -25.35 23.51
C GLY A 445 -6.28 -24.89 22.55
N GLU A 446 -6.68 -25.79 21.65
CA GLU A 446 -7.65 -25.45 20.63
C GLU A 446 -8.96 -25.11 21.25
N ALA A 447 -9.32 -25.82 22.31
CA ALA A 447 -10.56 -25.57 23.04
C ALA A 447 -10.54 -24.21 23.76
N ALA A 448 -9.39 -23.89 24.37
CA ALA A 448 -9.21 -22.62 25.09
C ALA A 448 -9.60 -21.41 24.25
N MET A 449 -9.20 -21.40 22.98
CA MET A 449 -9.50 -20.26 22.08
C MET A 449 -11.00 -20.07 21.87
N HIS A 450 -11.80 -21.08 22.25
CA HIS A 450 -13.26 -20.98 22.15
C HIS A 450 -13.94 -20.36 23.38
N GLY A 451 -13.15 -20.05 24.42
CA GLY A 451 -13.67 -19.45 25.67
C GLY A 451 -13.74 -20.47 26.78
N GLU A 452 -13.80 -19.98 28.03
CA GLU A 452 -13.77 -20.89 29.18
C GLU A 452 -14.96 -21.85 29.22
N LYS A 453 -16.16 -21.36 28.89
CA LYS A 453 -17.34 -22.22 28.82
C LYS A 453 -17.03 -23.53 28.05
N TYR A 454 -16.66 -23.40 26.79
CA TYR A 454 -16.33 -24.56 25.96
C TYR A 454 -15.11 -25.30 26.51
N TYR A 455 -14.05 -24.55 26.81
CA TYR A 455 -12.82 -25.17 27.33
C TYR A 455 -13.13 -26.08 28.51
N ARG A 456 -14.12 -25.69 29.31
CA ARG A 456 -14.49 -26.45 30.51
C ARG A 456 -15.04 -27.83 30.11
N THR A 457 -16.08 -27.82 29.26
CA THR A 457 -16.58 -29.06 28.68
C THR A 457 -15.39 -29.94 28.24
N VAL A 458 -14.58 -29.41 27.33
CA VAL A 458 -13.50 -30.20 26.74
C VAL A 458 -12.51 -30.66 27.81
N ALA A 459 -12.21 -29.79 28.76
CA ALA A 459 -11.33 -30.12 29.88
C ALA A 459 -11.85 -31.33 30.62
N SER A 460 -13.16 -31.33 30.86
CA SER A 460 -13.83 -32.45 31.52
C SER A 460 -13.59 -33.76 30.78
N ARG A 461 -13.97 -33.81 29.50
CA ARG A 461 -13.77 -34.99 28.66
C ARG A 461 -12.31 -35.38 28.58
N VAL A 462 -11.43 -34.41 28.44
CA VAL A 462 -9.99 -34.68 28.38
C VAL A 462 -9.51 -35.31 29.70
N SER A 463 -10.05 -34.84 30.82
CA SER A 463 -9.70 -35.38 32.14
C SER A 463 -10.25 -36.80 32.28
N LYS A 464 -11.55 -36.96 32.03
CA LYS A 464 -12.24 -38.25 32.03
C LYS A 464 -11.47 -39.33 31.23
N GLU A 465 -11.03 -38.97 30.03
CA GLU A 465 -10.33 -39.90 29.15
C GLU A 465 -8.91 -40.16 29.64
N ALA A 466 -8.23 -39.10 30.09
CA ALA A 466 -6.87 -39.21 30.60
C ALA A 466 -6.77 -40.14 31.83
N ALA A 467 -7.87 -40.27 32.58
CA ALA A 467 -7.95 -41.25 33.65
C ALA A 467 -7.83 -42.67 33.08
N GLN A 468 -8.76 -43.04 32.22
CA GLN A 468 -8.81 -44.39 31.64
C GLN A 468 -7.74 -44.56 30.56
N VAL A 474 -1.74 -33.76 34.21
CA VAL A 474 -1.92 -32.36 34.62
C VAL A 474 -2.77 -31.57 33.61
N VAL A 475 -3.98 -31.20 34.02
CA VAL A 475 -4.93 -30.51 33.15
C VAL A 475 -5.13 -29.04 33.62
N PRO A 476 -4.38 -28.08 33.03
CA PRO A 476 -4.33 -26.72 33.59
C PRO A 476 -5.64 -25.94 33.58
N ARG A 477 -5.63 -24.82 34.30
CA ARG A 477 -6.75 -23.87 34.28
C ARG A 477 -6.76 -23.17 32.92
N HIS A 478 -7.90 -22.53 32.62
CA HIS A 478 -8.17 -21.98 31.30
C HIS A 478 -7.26 -20.83 30.90
N ARG A 479 -7.13 -19.85 31.78
CA ARG A 479 -6.37 -18.66 31.46
C ARG A 479 -4.90 -18.96 31.17
N SER A 480 -4.34 -20.01 31.75
CA SER A 480 -2.91 -20.32 31.54
C SER A 480 -2.65 -21.00 30.20
N VAL A 481 -3.60 -21.82 29.74
CA VAL A 481 -3.43 -22.51 28.45
C VAL A 481 -3.67 -21.51 27.32
N LEU A 482 -4.72 -20.70 27.49
CA LEU A 482 -5.04 -19.67 26.51
C LEU A 482 -3.85 -18.77 26.24
N ARG A 483 -3.08 -18.49 27.28
CA ARG A 483 -1.94 -17.59 27.18
C ARG A 483 -0.80 -18.34 26.54
N TRP A 484 -0.62 -19.58 26.99
CA TRP A 484 0.40 -20.44 26.39
C TRP A 484 0.09 -20.66 24.90
N VAL A 485 -1.18 -20.86 24.55
CA VAL A 485 -1.46 -21.21 23.17
C VAL A 485 -1.37 -20.02 22.23
N ARG A 486 -1.78 -18.84 22.68
CA ARG A 486 -1.73 -17.65 21.80
C ARG A 486 -0.33 -17.03 21.71
N PHE A 487 0.36 -16.99 22.85
CA PHE A 487 1.65 -16.33 22.96
C PHE A 487 2.71 -17.38 23.34
N GLY A 488 2.63 -17.88 24.57
CA GLY A 488 3.53 -18.94 25.06
C GLY A 488 5.00 -18.71 24.80
N LEU B 2 33.79 18.77 56.45
CA LEU B 2 33.11 18.15 57.64
C LEU B 2 31.63 18.55 57.75
N PRO B 3 31.30 19.84 57.52
CA PRO B 3 29.87 20.12 57.33
C PRO B 3 29.43 19.85 55.89
N ARG B 4 28.22 19.32 55.76
CA ARG B 4 27.62 18.93 54.50
C ARG B 4 27.41 20.24 53.73
N PRO B 5 27.77 20.28 52.43
CA PRO B 5 27.65 21.54 51.72
C PRO B 5 26.19 21.95 51.54
N SER B 6 25.98 23.19 51.10
CA SER B 6 24.65 23.75 50.99
C SER B 6 24.55 24.59 49.76
N GLY B 7 23.31 24.82 49.32
CA GLY B 7 23.04 25.71 48.19
C GLY B 7 22.20 25.05 47.11
N THR B 8 22.28 25.60 45.91
CA THR B 8 21.59 25.06 44.77
C THR B 8 22.49 25.14 43.51
N TYR B 9 22.51 24.05 42.75
CA TYR B 9 23.27 23.94 41.53
C TYR B 9 22.22 23.68 40.48
N ALA B 10 22.23 24.50 39.43
CA ALA B 10 21.25 24.43 38.34
C ALA B 10 19.80 24.31 38.83
N GLY B 11 19.51 24.97 39.93
CA GLY B 11 18.12 25.10 40.39
C GLY B 11 17.76 24.06 41.43
N LEU B 12 18.70 23.18 41.79
CA LEU B 12 18.38 21.98 42.58
C LEU B 12 19.20 21.99 43.86
N PRO B 13 18.67 21.42 44.96
CA PRO B 13 19.38 21.48 46.24
C PRO B 13 20.62 20.62 46.28
N ILE B 14 21.70 21.18 46.81
CA ILE B 14 22.93 20.44 47.10
C ILE B 14 22.71 19.61 48.34
N ALA B 15 23.03 18.32 48.27
CA ALA B 15 22.96 17.42 49.44
C ALA B 15 24.31 17.09 50.01
N ASP B 16 25.36 17.06 49.18
CA ASP B 16 26.65 16.51 49.64
C ASP B 16 27.74 16.87 48.67
N TYR B 17 28.97 16.51 48.99
CA TYR B 17 30.10 16.64 48.05
C TYR B 17 30.07 15.50 47.01
N GLY B 18 30.55 15.77 45.81
CA GLY B 18 30.51 14.80 44.73
C GLY B 18 31.76 13.96 44.69
N ASP B 19 31.64 12.75 44.12
CA ASP B 19 32.78 11.85 43.88
C ASP B 19 32.99 11.55 42.38
N ALA B 20 32.17 12.14 41.51
CA ALA B 20 32.23 11.81 40.09
C ALA B 20 33.55 12.28 39.52
N PRO B 21 34.12 11.50 38.59
CA PRO B 21 35.28 11.99 37.89
C PRO B 21 34.89 13.05 36.86
N PRO B 22 35.89 13.71 36.26
CA PRO B 22 35.61 14.79 35.33
C PRO B 22 34.92 14.40 34.05
N LEU B 23 34.18 15.35 33.51
CA LEU B 23 33.53 15.19 32.25
C LEU B 23 34.57 14.94 31.18
N SER B 24 34.34 13.95 30.35
CA SER B 24 35.27 13.60 29.29
C SER B 24 35.31 14.72 28.29
N THR B 25 36.50 14.98 27.79
CA THR B 25 36.74 16.00 26.78
C THR B 25 37.10 15.33 25.45
N LYS B 26 36.85 14.03 25.34
CA LYS B 26 37.27 13.23 24.18
C LYS B 26 36.09 12.56 23.50
N THR B 27 36.29 12.18 22.24
CA THR B 27 35.25 11.57 21.43
C THR B 27 35.75 10.23 20.91
N MET B 28 34.80 9.34 20.61
CA MET B 28 35.08 8.02 20.05
C MET B 28 34.85 7.96 18.54
N PHE B 29 34.55 9.11 17.94
CA PHE B 29 34.26 9.17 16.52
C PHE B 29 35.47 9.67 15.76
N TRP B 30 35.69 9.07 14.59
CA TRP B 30 36.82 9.31 13.70
C TRP B 30 36.31 9.46 12.26
N ARG B 31 37.00 10.28 11.48
CA ARG B 31 36.64 10.42 10.10
C ARG B 31 37.08 9.17 9.39
N THR B 32 36.31 8.79 8.38
CA THR B 32 36.68 7.69 7.50
C THR B 32 37.65 8.12 6.42
N SER B 33 37.72 9.42 6.13
CA SER B 33 38.65 9.95 5.15
C SER B 33 39.13 11.37 5.50
N PRO B 34 40.29 11.79 4.95
CA PRO B 34 40.82 13.14 5.23
C PRO B 34 40.14 14.26 4.47
N GLU B 35 39.26 13.92 3.54
CA GLU B 35 38.56 14.91 2.74
C GLU B 35 37.68 15.79 3.62
N LYS B 36 37.38 16.98 3.10
CA LYS B 36 36.54 17.96 3.78
C LYS B 36 35.16 17.40 3.93
N LEU B 37 34.49 17.88 4.95
CA LEU B 37 33.18 17.38 5.29
C LEU B 37 32.20 18.17 4.46
N PRO B 38 31.14 17.53 3.96
CA PRO B 38 30.12 18.29 3.26
C PRO B 38 29.53 19.39 4.13
N PRO B 39 29.02 20.46 3.50
CA PRO B 39 28.33 21.49 4.26
C PRO B 39 27.17 20.90 5.09
N GLY B 40 26.96 21.45 6.28
CA GLY B 40 25.94 20.95 7.18
C GLY B 40 26.12 19.53 7.71
N ALA B 41 27.31 18.93 7.56
CA ALA B 41 27.53 17.56 8.05
C ALA B 41 27.43 17.52 9.57
N TRP B 42 26.84 16.45 10.11
CA TRP B 42 26.82 16.28 11.56
C TRP B 42 28.24 16.03 12.03
N GLU B 43 28.48 16.30 13.30
CA GLU B 43 29.76 16.09 13.91
C GLU B 43 29.56 15.63 15.36
N PRO B 44 30.65 15.17 15.99
CA PRO B 44 30.53 14.82 17.39
C PRO B 44 30.22 16.03 18.26
N ALA B 45 29.46 15.82 19.31
CA ALA B 45 29.08 16.92 20.19
C ALA B 45 30.29 17.57 20.81
N TYR B 46 30.07 18.80 21.30
CA TYR B 46 31.07 19.66 21.91
C TYR B 46 31.91 18.95 22.95
N LEU B 47 33.20 19.26 22.95
CA LEU B 47 34.18 18.57 23.79
C LEU B 47 34.80 19.46 24.83
N GLY B 48 34.28 20.67 24.99
CA GLY B 48 34.73 21.55 26.07
C GLY B 48 35.77 22.56 25.63
N SER B 49 36.46 23.10 26.61
CA SER B 49 37.43 24.17 26.39
C SER B 49 38.61 23.77 25.48
N LYS B 50 39.00 22.50 25.48
CA LYS B 50 40.05 21.97 24.58
C LYS B 50 39.62 21.72 23.13
N ASP B 51 38.39 22.07 22.80
CA ASP B 51 37.83 21.71 21.51
C ASP B 51 38.30 22.77 20.53
N GLU B 52 39.16 22.37 19.59
CA GLU B 52 39.70 23.30 18.60
C GLU B 52 38.66 23.82 17.60
N ARG B 53 37.51 23.17 17.52
CA ARG B 53 36.47 23.59 16.59
C ARG B 53 35.79 24.90 16.97
N VAL B 54 35.76 25.21 18.26
CA VAL B 54 34.97 26.36 18.75
C VAL B 54 35.32 26.67 20.19
N ASP B 55 35.52 27.94 20.50
CA ASP B 55 35.66 28.35 21.89
C ASP B 55 34.23 28.45 22.42
N GLY B 56 33.95 27.68 23.46
CA GLY B 56 32.64 27.63 24.08
C GLY B 56 32.79 27.60 25.56
N PRO B 57 31.73 27.28 26.28
CA PRO B 57 31.82 27.28 27.73
C PRO B 57 32.46 26.01 28.28
N SER B 58 32.63 25.94 29.59
CA SER B 58 33.01 24.71 30.23
C SER B 58 31.95 23.65 30.00
N LEU B 59 32.35 22.38 29.95
CA LEU B 59 31.39 21.28 29.93
C LEU B 59 30.53 21.28 31.20
N GLN B 60 31.05 21.75 32.33
CA GLN B 60 30.23 21.87 33.54
C GLN B 60 29.09 22.82 33.28
N GLN B 61 29.38 23.90 32.57
CA GLN B 61 28.35 24.87 32.24
C GLN B 61 27.33 24.23 31.29
N VAL B 62 27.78 23.41 30.37
CA VAL B 62 26.87 22.76 29.46
C VAL B 62 25.95 21.82 30.24
N MET B 63 26.53 21.12 31.21
CA MET B 63 25.73 20.26 32.04
C MET B 63 24.71 21.04 32.89
N ARG B 64 25.08 22.21 33.41
CA ARG B 64 24.13 23.05 34.18
C ARG B 64 22.90 23.32 33.33
N ASP B 65 23.09 23.74 32.08
CA ASP B 65 21.93 24.01 31.22
C ASP B 65 21.03 22.78 31.07
N GLN B 66 21.63 21.61 31.00
CA GLN B 66 20.89 20.37 30.79
C GLN B 66 20.06 20.01 32.01
N LEU B 67 20.56 20.36 33.17
CA LEU B 67 19.82 20.11 34.39
C LEU B 67 18.65 21.05 34.67
N LYS B 68 18.67 22.29 34.19
CA LYS B 68 17.62 23.21 34.62
C LYS B 68 16.19 22.72 34.35
N PRO B 69 15.93 22.05 33.21
CA PRO B 69 14.56 21.60 33.05
C PRO B 69 14.04 20.62 34.12
N TYR B 70 14.95 19.95 34.82
CA TYR B 70 14.56 19.05 35.93
C TYR B 70 14.02 19.84 37.13
N SER B 71 14.29 21.15 37.19
CA SER B 71 13.80 21.95 38.32
C SER B 71 12.48 22.64 38.02
N GLU B 72 12.08 22.63 36.75
CA GLU B 72 10.87 23.30 36.28
C GLU B 72 9.61 22.63 36.78
N PRO B 73 8.52 23.39 36.92
CA PRO B 73 7.27 22.82 37.45
C PRO B 73 6.72 21.70 36.54
N ARG B 74 6.19 20.65 37.15
CA ARG B 74 5.59 19.55 36.41
C ARG B 74 4.31 20.00 35.76
N GLY B 75 3.89 19.26 34.74
CA GLY B 75 2.56 19.37 34.19
C GLY B 75 1.60 18.72 35.16
N LEU B 76 0.37 18.50 34.71
CA LEU B 76 -0.69 18.00 35.56
C LEU B 76 -0.88 16.50 35.39
N LEU B 77 -1.22 15.80 36.47
CA LEU B 77 -1.69 14.44 36.34
C LEU B 77 -2.87 14.46 35.42
N PRO B 78 -3.05 13.38 34.64
CA PRO B 78 -4.34 13.17 34.01
C PRO B 78 -5.43 13.00 35.07
N PRO B 79 -6.69 13.21 34.69
CA PRO B 79 -7.82 13.03 35.61
C PRO B 79 -7.79 11.67 36.26
N GLN B 80 -7.94 11.69 37.58
CA GLN B 80 -7.68 10.52 38.40
C GLN B 80 -8.44 9.28 37.94
N GLU B 81 -9.70 9.46 37.55
CA GLU B 81 -10.51 8.35 37.09
C GLU B 81 -9.98 7.76 35.81
N ILE B 82 -9.47 8.61 34.94
CA ILE B 82 -8.92 8.16 33.68
C ILE B 82 -7.64 7.39 33.95
N LEU B 83 -6.73 8.02 34.69
CA LEU B 83 -5.47 7.41 35.08
C LEU B 83 -5.65 6.02 35.68
N ASP B 84 -6.63 5.89 36.57
CA ASP B 84 -6.88 4.60 37.22
C ASP B 84 -7.42 3.58 36.23
N ALA B 85 -8.29 4.00 35.32
CA ALA B 85 -8.85 3.07 34.36
C ALA B 85 -7.76 2.62 33.38
N VAL B 86 -6.95 3.58 32.94
CA VAL B 86 -5.86 3.31 32.01
C VAL B 86 -4.82 2.38 32.63
N CYS B 87 -4.39 2.64 33.85
CA CYS B 87 -3.38 1.79 34.49
C CYS B 87 -3.90 0.37 34.67
N ASP B 88 -5.21 0.22 34.90
CA ASP B 88 -5.78 -1.12 35.06
C ASP B 88 -5.86 -1.88 33.76
N ALA B 89 -6.26 -1.19 32.70
CA ALA B 89 -6.30 -1.80 31.40
C ALA B 89 -4.91 -2.30 31.00
N ILE B 90 -3.87 -1.55 31.33
CA ILE B 90 -2.53 -1.91 30.93
C ILE B 90 -2.05 -3.09 31.77
N GLU B 91 -2.21 -3.00 33.08
CA GLU B 91 -1.81 -4.09 33.94
C GLU B 91 -2.52 -5.36 33.47
N ASN B 92 -3.81 -5.22 33.21
CA ASN B 92 -4.63 -6.36 32.83
C ASN B 92 -4.19 -6.99 31.51
N ARG B 93 -3.75 -6.15 30.57
CA ARG B 93 -3.27 -6.59 29.27
C ARG B 93 -1.96 -7.38 29.38
N LEU B 94 -1.10 -6.92 30.29
CA LEU B 94 0.15 -7.61 30.58
C LEU B 94 -0.09 -8.94 31.33
N GLU B 95 -0.94 -8.92 32.34
CA GLU B 95 -1.39 -10.15 32.99
C GLU B 95 -1.87 -11.18 31.95
N ASN B 96 -2.49 -10.71 30.87
CA ASN B 96 -2.98 -11.61 29.82
C ASN B 96 -1.97 -12.10 28.80
N THR B 97 -0.80 -11.47 28.74
CA THR B 97 0.12 -11.74 27.67
C THR B 97 1.47 -12.26 28.16
N LEU B 98 1.94 -11.84 29.33
CA LEU B 98 3.30 -12.18 29.77
C LEU B 98 3.37 -13.55 30.45
N GLU B 99 4.34 -14.35 30.03
CA GLU B 99 4.65 -15.64 30.66
C GLU B 99 5.29 -15.44 32.03
N PRO B 100 4.72 -16.00 33.09
CA PRO B 100 5.39 -15.85 34.39
C PRO B 100 6.81 -16.39 34.37
N GLN B 101 7.68 -15.79 35.17
CA GLN B 101 9.11 -16.04 35.05
C GLN B 101 9.68 -16.53 36.35
N LYS B 102 10.76 -17.29 36.24
CA LYS B 102 11.53 -17.66 37.38
C LYS B 102 12.27 -16.41 37.84
N PRO B 103 12.56 -16.30 39.13
CA PRO B 103 13.39 -15.19 39.60
C PRO B 103 14.78 -15.23 38.99
N TRP B 104 15.40 -14.06 38.85
CA TRP B 104 16.75 -13.92 38.38
C TRP B 104 17.68 -14.12 39.55
N THR B 105 18.77 -14.84 39.32
CA THR B 105 19.81 -15.06 40.32
C THR B 105 20.77 -13.89 40.31
N PHE B 106 21.61 -13.83 41.31
CA PHE B 106 22.71 -12.87 41.35
C PHE B 106 23.67 -13.09 40.17
N LYS B 107 24.03 -14.35 39.97
CA LYS B 107 24.82 -14.74 38.82
C LYS B 107 24.19 -14.18 37.54
N LYS B 108 22.90 -14.43 37.33
CA LYS B 108 22.23 -13.94 36.10
C LYS B 108 22.26 -12.39 36.04
N ALA B 109 21.96 -11.75 37.17
CA ALA B 109 21.97 -10.30 37.20
C ALA B 109 23.32 -9.76 36.77
N CYS B 110 24.38 -10.28 37.37
CA CYS B 110 25.75 -9.82 37.08
C CYS B 110 26.12 -10.05 35.63
N GLU B 111 25.74 -11.20 35.12
CA GLU B 111 26.04 -11.56 33.75
C GLU B 111 25.33 -10.59 32.82
N SER B 112 24.10 -10.20 33.17
CA SER B 112 23.29 -9.31 32.31
C SER B 112 23.91 -7.94 32.07
N LEU B 113 24.82 -7.52 32.92
CA LEU B 113 25.34 -6.17 32.91
C LEU B 113 26.36 -5.93 31.80
N ASP B 114 26.45 -4.69 31.35
CA ASP B 114 27.37 -4.33 30.28
C ASP B 114 28.73 -4.12 30.90
N LYS B 115 29.68 -4.92 30.49
CA LYS B 115 30.99 -4.90 31.10
C LYS B 115 31.88 -3.79 30.55
N ASN B 116 31.50 -3.21 29.42
CA ASN B 116 32.32 -2.19 28.79
C ASN B 116 31.99 -0.76 29.25
N THR B 117 31.09 -0.63 30.21
CA THR B 117 30.76 0.68 30.76
C THR B 117 31.11 0.79 32.24
N SER B 118 31.21 2.01 32.76
CA SER B 118 31.60 2.27 34.15
C SER B 118 30.73 1.57 35.20
N SER B 119 31.33 1.34 36.37
CA SER B 119 30.60 0.78 37.51
C SER B 119 29.91 1.92 38.24
N GLY B 120 30.15 3.16 37.83
CA GLY B 120 29.61 4.32 38.54
C GLY B 120 30.09 4.40 39.97
N TYR B 121 29.34 5.09 40.81
CA TYR B 121 29.72 5.28 42.21
C TYR B 121 29.91 3.95 42.96
N PRO B 122 30.94 3.85 43.81
CA PRO B 122 32.05 4.78 44.09
C PRO B 122 33.32 4.50 43.29
N TYR B 123 33.44 3.34 42.68
CA TYR B 123 34.73 2.94 42.09
C TYR B 123 35.00 3.54 40.72
N HIS B 124 33.97 3.90 39.98
CA HIS B 124 34.14 4.45 38.63
C HIS B 124 35.17 3.70 37.79
N LYS B 125 35.07 2.38 37.76
CA LYS B 125 35.95 1.61 36.91
C LYS B 125 35.13 0.87 35.88
N GLN B 126 35.72 0.60 34.73
CA GLN B 126 35.03 -0.21 33.78
C GLN B 126 34.72 -1.53 34.50
N LYS B 127 33.52 -2.06 34.30
CA LYS B 127 33.10 -3.28 34.98
C LYS B 127 33.99 -4.48 34.65
N SER B 128 34.35 -4.62 33.39
CA SER B 128 35.30 -5.63 32.92
C SER B 128 36.49 -5.77 33.86
N LYS B 129 36.97 -4.64 34.38
CA LYS B 129 38.21 -4.59 35.17
C LYS B 129 38.24 -5.51 36.41
N ASP B 130 37.08 -5.86 36.93
CA ASP B 130 36.94 -6.77 38.07
C ASP B 130 36.04 -7.93 37.70
N TRP B 131 35.92 -8.24 36.42
CA TRP B 131 35.05 -9.33 35.97
C TRP B 131 35.93 -10.49 35.46
N THR B 132 35.69 -11.68 35.99
CA THR B 132 36.48 -12.86 35.68
C THR B 132 35.95 -13.58 34.47
N GLY B 133 34.75 -13.20 34.01
CA GLY B 133 34.06 -13.97 32.95
C GLY B 133 32.81 -14.62 33.48
N SER B 134 32.72 -14.77 34.79
CA SER B 134 31.52 -15.38 35.40
C SER B 134 31.07 -14.69 36.70
N ALA B 135 31.95 -13.95 37.35
CA ALA B 135 31.58 -13.24 38.56
C ALA B 135 32.46 -12.05 38.70
N PHE B 136 31.98 -11.09 39.49
CA PHE B 136 32.74 -9.93 39.90
C PHE B 136 33.63 -10.21 41.11
N ILE B 137 34.84 -9.71 41.07
CA ILE B 137 35.77 -9.90 42.17
C ILE B 137 36.32 -8.57 42.57
N GLY B 138 37.19 -8.57 43.56
CA GLY B 138 37.75 -7.33 44.09
C GLY B 138 36.68 -6.34 44.53
N ASP B 139 36.97 -5.05 44.29
CA ASP B 139 36.11 -3.94 44.68
C ASP B 139 34.66 -4.13 44.24
N LEU B 140 34.45 -4.41 42.97
CA LEU B 140 33.10 -4.56 42.43
C LEU B 140 32.39 -5.79 42.96
N GLY B 141 33.13 -6.86 43.14
CA GLY B 141 32.56 -8.04 43.77
C GLY B 141 31.99 -7.68 45.14
N ASP B 142 32.71 -6.85 45.90
CA ASP B 142 32.21 -6.40 47.20
C ASP B 142 30.95 -5.58 47.03
N GLN B 143 31.00 -4.57 46.16
CA GLN B 143 29.83 -3.74 45.93
C GLN B 143 28.64 -4.62 45.53
N ALA B 144 28.91 -5.57 44.64
CA ALA B 144 27.85 -6.40 44.10
C ALA B 144 27.28 -7.33 45.14
N THR B 145 28.16 -7.93 45.92
CA THR B 145 27.73 -8.85 46.98
C THR B 145 26.87 -8.12 48.01
N HIS B 146 27.34 -6.97 48.46
CA HIS B 146 26.59 -6.16 49.42
C HIS B 146 25.17 -5.84 48.95
N ALA B 147 25.07 -5.35 47.72
CA ALA B 147 23.78 -4.94 47.16
C ALA B 147 22.88 -6.13 47.02
N ASN B 148 23.46 -7.26 46.66
CA ASN B 148 22.70 -8.48 46.55
C ASN B 148 22.12 -8.92 47.90
N ASN B 149 22.92 -8.80 48.95
CA ASN B 149 22.44 -9.07 50.31
C ASN B 149 21.30 -8.13 50.67
N MET B 150 21.52 -6.84 50.44
CA MET B 150 20.51 -5.82 50.79
C MET B 150 19.23 -6.12 50.04
N TYR B 151 19.38 -6.52 48.78
CA TYR B 151 18.25 -6.95 47.97
C TYR B 151 17.50 -8.11 48.61
N GLU B 152 18.22 -9.18 48.96
CA GLU B 152 17.57 -10.36 49.54
C GLU B 152 16.93 -10.07 50.91
N MET B 153 17.56 -9.19 51.69
CA MET B 153 17.01 -8.74 52.96
C MET B 153 15.89 -7.70 52.82
N GLY B 154 15.58 -7.29 51.60
CA GLY B 154 14.49 -6.35 51.38
C GLY B 154 14.81 -5.01 51.98
N LYS B 155 16.09 -4.70 52.14
CA LYS B 155 16.55 -3.43 52.70
C LYS B 155 16.83 -2.38 51.64
N SER B 156 16.58 -1.13 51.99
CA SER B 156 16.69 -0.02 51.07
C SER B 156 18.12 0.50 50.91
N MET B 157 18.46 0.91 49.69
CA MET B 157 19.73 1.61 49.42
C MET B 157 19.46 2.82 48.54
N ARG B 158 20.15 3.91 48.83
CA ARG B 158 19.98 5.14 48.08
C ARG B 158 20.79 5.03 46.80
N PRO B 159 20.13 4.99 45.63
CA PRO B 159 20.98 5.01 44.42
C PRO B 159 21.79 6.29 44.34
N ILE B 160 23.01 6.21 43.81
CA ILE B 160 23.79 7.37 43.49
C ILE B 160 24.13 7.38 42.00
N TYR B 161 23.55 8.34 41.29
CA TYR B 161 23.79 8.52 39.88
C TYR B 161 24.96 9.45 39.63
N THR B 162 25.60 9.27 38.49
CA THR B 162 26.76 10.04 38.11
C THR B 162 26.49 10.69 36.77
N ALA B 163 26.58 12.01 36.73
CA ALA B 163 26.21 12.74 35.52
C ALA B 163 27.34 12.69 34.50
N ALA B 164 26.95 12.56 33.23
CA ALA B 164 27.87 12.69 32.14
C ALA B 164 27.14 13.36 30.97
N LEU B 165 27.93 13.78 29.99
CA LEU B 165 27.39 14.27 28.73
C LEU B 165 27.67 13.28 27.63
N LYS B 166 26.67 13.06 26.77
CA LYS B 166 26.71 11.98 25.79
C LYS B 166 27.54 12.32 24.56
N ASP B 167 28.49 11.45 24.24
CA ASP B 167 29.35 11.60 23.07
C ASP B 167 28.57 10.99 21.96
N GLU B 168 28.12 11.82 21.03
CA GLU B 168 27.32 11.40 19.88
C GLU B 168 27.46 12.40 18.75
N LEU B 169 27.08 11.97 17.56
CA LEU B 169 26.99 12.84 16.42
C LEU B 169 25.78 13.76 16.57
N VAL B 170 26.00 15.05 16.35
CA VAL B 170 24.92 16.02 16.41
C VAL B 170 24.98 17.00 15.23
N LYS B 171 23.85 17.62 14.95
CA LYS B 171 23.76 18.60 13.87
C LYS B 171 24.65 19.80 14.22
N PRO B 172 25.37 20.33 13.20
CA PRO B 172 26.42 21.35 13.40
C PRO B 172 26.00 22.57 14.25
N ASP B 173 24.72 22.92 14.15
CA ASP B 173 24.13 24.01 14.92
C ASP B 173 24.31 23.81 16.42
N LYS B 174 24.27 22.56 16.89
CA LYS B 174 24.50 22.24 18.30
C LYS B 174 25.97 22.33 18.70
N ILE B 175 26.85 22.55 17.72
CA ILE B 175 28.25 22.79 17.98
C ILE B 175 28.65 24.24 17.70
N TYR B 176 28.26 24.75 16.55
CA TYR B 176 28.75 26.06 16.10
C TYR B 176 27.79 27.22 16.43
N GLY B 177 26.56 26.89 16.83
CA GLY B 177 25.60 27.86 17.35
C GLY B 177 25.38 27.71 18.85
N LYS B 178 24.10 27.59 19.24
CA LYS B 178 23.75 27.34 20.62
C LYS B 178 24.24 25.94 20.98
N ILE B 179 25.27 25.85 21.81
CA ILE B 179 25.87 24.55 22.15
C ILE B 179 24.98 23.75 23.09
N LYS B 180 24.66 22.52 22.66
CA LYS B 180 23.93 21.59 23.47
C LYS B 180 24.62 20.24 23.47
N LYS B 181 24.46 19.52 24.56
CA LYS B 181 24.98 18.16 24.69
C LYS B 181 24.11 17.39 25.66
N ARG B 182 23.65 16.20 25.30
CA ARG B 182 22.68 15.47 26.14
C ARG B 182 23.25 14.94 27.45
N LEU B 183 22.47 15.10 28.52
CA LEU B 183 22.85 14.65 29.86
C LEU B 183 22.57 13.17 30.03
N LEU B 184 23.46 12.47 30.74
CA LEU B 184 23.30 11.06 31.05
C LEU B 184 23.35 10.84 32.53
N TRP B 185 22.59 9.86 33.00
CA TRP B 185 22.54 9.49 34.41
C TRP B 185 23.11 8.10 34.57
N GLY B 186 24.33 8.00 35.07
CA GLY B 186 24.96 6.72 35.17
C GLY B 186 24.62 6.08 36.50
N SER B 187 24.05 4.89 36.44
CA SER B 187 23.72 4.19 37.65
C SER B 187 24.97 3.71 38.37
N ASP B 188 24.84 3.44 39.65
CA ASP B 188 25.88 2.77 40.43
C ASP B 188 25.68 1.26 40.30
N LEU B 189 26.75 0.48 40.42
CA LEU B 189 26.69 -0.98 40.19
C LEU B 189 25.69 -1.66 41.14
N GLY B 190 25.67 -1.20 42.38
CA GLY B 190 24.78 -1.81 43.39
C GLY B 190 23.35 -1.64 42.99
N THR B 191 23.01 -0.46 42.50
CA THR B 191 21.67 -0.25 41.97
C THR B 191 21.45 -1.10 40.73
N MET B 192 22.45 -1.19 39.85
CA MET B 192 22.29 -2.04 38.64
C MET B 192 21.97 -3.48 39.05
N ILE B 193 22.70 -4.00 40.03
CA ILE B 193 22.46 -5.38 40.52
C ILE B 193 21.06 -5.56 41.08
N ARG B 194 20.67 -4.69 42.02
CA ARG B 194 19.34 -4.81 42.61
C ARG B 194 18.24 -4.69 41.56
N ALA B 195 18.40 -3.74 40.63
CA ALA B 195 17.37 -3.54 39.57
C ALA B 195 17.31 -4.72 38.60
N ALA B 196 18.47 -5.23 38.20
CA ALA B 196 18.51 -6.42 37.35
C ALA B 196 17.84 -7.62 38.00
N ARG B 197 18.11 -7.89 39.27
CA ARG B 197 17.43 -9.01 39.95
C ARG B 197 15.94 -8.78 40.04
N ALA B 198 15.57 -7.58 40.45
CA ALA B 198 14.20 -7.21 40.65
C ALA B 198 13.40 -7.28 39.37
N PHE B 199 13.95 -6.72 38.28
CA PHE B 199 13.15 -6.47 37.07
C PHE B 199 13.62 -7.17 35.81
N GLY B 200 14.73 -7.86 35.86
CA GLY B 200 15.15 -8.74 34.75
C GLY B 200 14.04 -9.66 34.28
N PRO B 201 13.37 -10.33 35.23
CA PRO B 201 12.27 -11.22 34.85
C PRO B 201 11.24 -10.53 33.98
N PHE B 202 10.66 -9.44 34.50
CA PHE B 202 9.63 -8.68 33.78
C PHE B 202 10.10 -8.19 32.41
N CYS B 203 11.33 -7.66 32.33
CA CYS B 203 11.88 -7.14 31.08
C CYS B 203 11.99 -8.27 30.04
N ASP B 204 12.47 -9.45 30.45
CA ASP B 204 12.51 -10.64 29.58
C ASP B 204 11.12 -11.01 29.05
N ALA B 205 10.15 -11.13 29.95
CA ALA B 205 8.77 -11.45 29.57
C ALA B 205 8.29 -10.48 28.53
N LEU B 206 8.53 -9.22 28.80
CA LEU B 206 8.13 -8.16 27.91
C LEU B 206 8.83 -8.26 26.55
N LYS B 207 10.10 -8.64 26.54
CA LYS B 207 10.84 -8.74 25.30
C LYS B 207 10.23 -9.84 24.45
N GLU B 208 9.88 -10.94 25.09
CA GLU B 208 9.15 -12.03 24.44
C GLU B 208 7.88 -11.56 23.74
N THR B 209 7.27 -10.50 24.23
CA THR B 209 5.95 -10.10 23.73
C THR B 209 5.98 -8.86 22.87
N CYS B 210 7.17 -8.52 22.40
CA CYS B 210 7.40 -7.22 21.81
C CYS B 210 6.72 -7.04 20.48
N ILE B 211 6.04 -8.07 19.98
CA ILE B 211 5.31 -7.97 18.73
C ILE B 211 3.82 -7.78 19.01
N PHE B 212 3.28 -8.48 19.98
CA PHE B 212 1.85 -8.29 20.25
C PHE B 212 1.56 -7.36 21.45
N ASN B 213 2.59 -6.87 22.12
CA ASN B 213 2.47 -5.80 23.10
C ASN B 213 3.26 -4.56 22.63
N PRO B 214 2.77 -3.36 22.99
CA PRO B 214 3.22 -2.10 22.41
C PRO B 214 4.59 -1.59 22.87
N ILE B 215 5.13 -2.16 23.94
CA ILE B 215 6.53 -1.86 24.33
C ILE B 215 7.51 -2.69 23.46
N ARG B 216 8.08 -2.04 22.45
CA ARG B 216 8.88 -2.71 21.46
C ARG B 216 10.36 -2.96 21.86
N VAL B 217 10.76 -2.49 23.04
CA VAL B 217 12.15 -2.66 23.48
C VAL B 217 12.55 -4.11 23.39
N GLY B 218 13.67 -4.40 22.72
CA GLY B 218 14.11 -5.78 22.54
C GLY B 218 13.90 -6.34 21.14
N MET B 219 13.16 -5.61 20.32
CA MET B 219 12.84 -6.07 18.97
C MET B 219 14.06 -6.08 18.08
N SER B 220 13.96 -6.84 17.00
CA SER B 220 14.88 -6.77 15.87
C SER B 220 14.16 -6.04 14.78
N MET B 221 14.74 -4.95 14.29
CA MET B 221 14.13 -4.22 13.17
C MET B 221 13.93 -5.12 11.94
N ASN B 222 14.89 -5.97 11.64
CA ASN B 222 14.84 -6.80 10.42
C ASN B 222 13.92 -7.97 10.56
N GLU B 223 13.98 -8.66 11.70
CA GLU B 223 13.18 -9.85 11.94
C GLU B 223 11.78 -9.57 12.48
N ASP B 224 11.65 -8.60 13.38
CA ASP B 224 10.35 -8.28 13.98
C ASP B 224 9.68 -7.11 13.30
N GLY B 225 10.44 -6.21 12.70
CA GLY B 225 9.83 -4.99 12.16
C GLY B 225 8.68 -5.29 11.22
N PRO B 226 8.86 -6.26 10.32
CA PRO B 226 7.84 -6.49 9.34
C PRO B 226 6.48 -6.89 9.92
N PHE B 227 6.46 -7.59 11.04
CA PHE B 227 5.21 -8.09 11.60
C PHE B 227 4.60 -6.96 12.43
N ILE B 228 5.43 -6.14 13.05
CA ILE B 228 4.98 -5.01 13.82
C ILE B 228 4.31 -3.97 12.91
N PHE B 229 4.97 -3.64 11.82
CA PHE B 229 4.44 -2.63 10.93
C PHE B 229 3.18 -3.15 10.21
N ALA B 230 3.14 -4.45 9.92
CA ALA B 230 1.91 -5.05 9.37
C ALA B 230 0.72 -4.91 10.31
N ARG B 231 0.91 -5.19 11.60
CA ARG B 231 -0.13 -4.97 12.60
C ARG B 231 -0.62 -3.50 12.65
N HIS B 232 0.33 -2.56 12.61
CA HIS B 232 0.01 -1.12 12.55
C HIS B 232 -0.79 -0.77 11.31
N ALA B 233 -0.45 -1.40 10.19
CA ALA B 233 -1.11 -1.13 8.93
C ALA B 233 -2.59 -1.51 8.95
N ASN B 234 -3.02 -2.32 9.91
CA ASN B 234 -4.43 -2.73 9.96
C ASN B 234 -5.37 -1.66 10.48
N PHE B 235 -4.85 -0.46 10.81
CA PHE B 235 -5.68 0.64 11.33
C PHE B 235 -5.69 1.84 10.42
N ARG B 236 -6.71 2.67 10.61
CA ARG B 236 -7.05 3.70 9.65
C ARG B 236 -6.12 4.89 9.71
N TYR B 237 -5.87 5.39 10.92
CA TYR B 237 -5.13 6.62 11.08
C TYR B 237 -3.82 6.33 11.79
N HIS B 238 -2.77 7.08 11.42
CA HIS B 238 -1.45 6.89 11.97
C HIS B 238 -0.77 8.22 12.33
N MET B 239 0.06 8.20 13.36
CA MET B 239 0.75 9.39 13.77
C MET B 239 1.95 9.06 14.65
N ASP B 240 2.92 9.97 14.62
CA ASP B 240 4.07 9.93 15.50
C ASP B 240 4.22 11.26 16.19
N ALA B 241 3.73 11.37 17.41
CA ALA B 241 4.11 12.51 18.21
C ALA B 241 5.59 12.33 18.40
N ASP B 242 6.31 13.43 18.36
CA ASP B 242 7.74 13.39 18.40
C ASP B 242 8.08 14.37 19.49
N TYR B 243 8.49 13.85 20.64
CA TYR B 243 8.67 14.65 21.85
C TYR B 243 10.03 15.29 22.00
N THR B 244 10.05 16.52 22.50
CA THR B 244 11.27 17.19 22.96
C THR B 244 11.47 16.93 24.46
N ARG B 245 12.68 16.61 24.88
CA ARG B 245 13.02 16.52 26.32
C ARG B 245 12.11 15.59 27.14
N TRP B 246 11.83 14.44 26.58
CA TRP B 246 10.94 13.48 27.20
C TRP B 246 11.36 13.23 28.65
N ASP B 247 12.64 12.91 28.88
CA ASP B 247 13.02 12.42 30.23
C ASP B 247 12.81 13.52 31.29
N SER B 248 13.19 14.74 30.97
CA SER B 248 13.17 15.82 31.95
C SER B 248 11.73 16.33 32.21
N THR B 249 10.79 16.02 31.31
CA THR B 249 9.40 16.39 31.50
C THR B 249 8.56 15.31 32.18
N GLN B 250 9.16 14.19 32.59
CA GLN B 250 8.37 13.13 33.22
C GLN B 250 7.93 13.53 34.63
N GLN B 251 6.80 12.99 35.06
CA GLN B 251 6.34 13.19 36.43
C GLN B 251 6.62 11.92 37.21
N ARG B 252 7.21 12.05 38.39
CA ARG B 252 7.41 10.90 39.23
C ARG B 252 6.13 10.20 39.58
N ALA B 253 5.01 10.92 39.68
CA ALA B 253 3.75 10.27 40.02
C ALA B 253 3.30 9.29 38.92
N ILE B 254 3.53 9.65 37.65
CA ILE B 254 3.26 8.71 36.55
C ILE B 254 4.25 7.52 36.54
N LEU B 255 5.53 7.83 36.76
CA LEU B 255 6.55 6.79 36.88
C LEU B 255 6.24 5.80 37.98
N LYS B 256 5.77 6.31 39.12
N LYS B 256 5.73 6.28 39.12
CA LYS B 256 5.35 5.45 40.23
CA LYS B 256 5.41 5.39 40.23
C LYS B 256 4.30 4.46 39.77
C LYS B 256 4.24 4.46 39.86
N ARG B 257 3.30 4.94 39.04
CA ARG B 257 2.25 4.09 38.52
C ARG B 257 2.80 3.02 37.53
N ALA B 258 3.77 3.41 36.70
CA ALA B 258 4.43 2.46 35.81
C ALA B 258 5.19 1.41 36.64
N GLY B 259 5.91 1.90 37.63
CA GLY B 259 6.71 1.04 38.48
C GLY B 259 5.90 0.06 39.30
N ASP B 260 4.72 0.50 39.74
CA ASP B 260 3.77 -0.35 40.45
C ASP B 260 3.35 -1.54 39.57
N ILE B 261 3.19 -1.29 38.28
CA ILE B 261 2.78 -2.34 37.38
C ILE B 261 3.95 -3.33 37.22
N MET B 262 5.17 -2.82 37.15
CA MET B 262 6.35 -3.68 37.01
C MET B 262 6.58 -4.54 38.24
N VAL B 263 6.36 -3.96 39.41
CA VAL B 263 6.48 -4.65 40.67
C VAL B 263 5.45 -5.78 40.83
N ARG B 264 4.19 -5.51 40.49
CA ARG B 264 3.13 -6.50 40.67
C ARG B 264 3.28 -7.67 39.69
N LEU B 265 3.75 -7.39 38.48
CA LEU B 265 4.03 -8.42 37.49
C LEU B 265 5.46 -8.98 37.59
N SER B 266 6.10 -8.86 38.75
CA SER B 266 7.42 -9.43 38.95
C SER B 266 7.31 -10.64 39.86
N PRO B 267 8.31 -11.55 39.82
CA PRO B 267 8.28 -12.79 40.59
C PRO B 267 8.51 -12.62 42.07
N GLU B 268 9.20 -11.56 42.46
CA GLU B 268 9.48 -11.28 43.85
C GLU B 268 8.99 -9.84 44.17
N PRO B 269 7.66 -9.61 44.08
CA PRO B 269 7.10 -8.26 44.21
C PRO B 269 7.54 -7.52 45.46
N ASP B 270 7.66 -8.21 46.59
CA ASP B 270 8.05 -7.55 47.84
C ASP B 270 9.44 -6.99 47.78
N LEU B 271 10.35 -7.79 47.24
CA LEU B 271 11.74 -7.41 47.11
C LEU B 271 11.87 -6.35 46.02
N ALA B 272 11.12 -6.53 44.95
CA ALA B 272 11.16 -5.59 43.84
C ALA B 272 10.65 -4.21 44.25
N ARG B 273 9.67 -4.21 45.17
CA ARG B 273 8.98 -2.99 45.60
C ARG B 273 9.95 -2.12 46.33
N VAL B 274 10.80 -2.76 47.12
CA VAL B 274 11.85 -2.03 47.79
C VAL B 274 12.76 -1.34 46.76
N VAL B 275 13.11 -2.04 45.68
CA VAL B 275 14.01 -1.48 44.65
C VAL B 275 13.33 -0.35 43.90
N MET B 276 12.06 -0.52 43.55
CA MET B 276 11.36 0.49 42.76
C MET B 276 11.18 1.77 43.60
N ASP B 277 10.78 1.59 44.84
CA ASP B 277 10.72 2.73 45.75
C ASP B 277 12.06 3.47 45.74
N ASP B 278 13.18 2.74 45.90
CA ASP B 278 14.48 3.42 45.91
C ASP B 278 14.76 4.15 44.61
N LEU B 279 14.41 3.58 43.47
CA LEU B 279 14.73 4.22 42.19
C LEU B 279 13.89 5.49 41.98
N LEU B 280 12.64 5.47 42.42
CA LEU B 280 11.74 6.61 42.25
C LEU B 280 11.79 7.64 43.39
N ALA B 281 12.49 7.33 44.48
CA ALA B 281 12.74 8.29 45.54
C ALA B 281 13.52 9.45 44.95
N PRO B 282 13.48 10.61 45.60
CA PRO B 282 14.18 11.77 45.03
C PRO B 282 15.65 11.42 44.80
N SER B 283 16.19 11.84 43.65
CA SER B 283 17.39 11.21 43.10
C SER B 283 18.64 11.99 43.42
N LEU B 284 19.61 11.28 43.96
CA LEU B 284 20.89 11.84 44.26
C LEU B 284 21.78 11.73 43.01
N LEU B 285 22.20 12.87 42.47
CA LEU B 285 22.99 12.91 41.25
C LEU B 285 24.33 13.57 41.52
N ASP B 286 25.41 12.91 41.11
CA ASP B 286 26.77 13.39 41.35
C ASP B 286 27.24 14.18 40.15
N VAL B 287 27.36 15.50 40.31
CA VAL B 287 27.80 16.37 39.20
C VAL B 287 29.28 16.78 39.28
N GLY B 288 30.05 16.12 40.16
CA GLY B 288 31.47 16.43 40.35
C GLY B 288 31.70 17.03 41.71
N ASP B 289 31.62 18.34 41.79
CA ASP B 289 31.84 19.03 43.04
C ASP B 289 30.78 18.65 44.08
N TYR B 290 29.57 18.36 43.61
CA TYR B 290 28.47 18.09 44.53
C TYR B 290 27.62 16.93 44.06
N LYS B 291 26.92 16.30 44.99
CA LYS B 291 25.75 15.49 44.67
C LYS B 291 24.53 16.33 44.98
N ILE B 292 23.61 16.38 44.02
CA ILE B 292 22.43 17.20 44.14
C ILE B 292 21.19 16.30 44.17
N VAL B 293 20.07 16.83 44.67
CA VAL B 293 18.82 16.08 44.73
C VAL B 293 17.85 16.46 43.61
N VAL B 294 17.34 15.46 42.90
CA VAL B 294 16.46 15.65 41.77
C VAL B 294 15.16 14.90 41.99
N GLU B 295 14.11 15.66 42.30
CA GLU B 295 12.83 15.12 42.74
C GLU B 295 12.01 14.65 41.58
N GLU B 296 12.19 15.28 40.44
CA GLU B 296 11.32 15.05 39.31
C GLU B 296 12.04 14.64 38.05
N GLY B 297 11.26 14.22 37.06
CA GLY B 297 11.81 13.80 35.78
C GLY B 297 12.27 12.36 35.88
N LEU B 298 12.77 11.83 34.76
CA LEU B 298 13.24 10.45 34.70
C LEU B 298 14.74 10.38 34.94
N PRO B 299 15.16 9.59 35.94
CA PRO B 299 16.58 9.18 36.13
C PRO B 299 16.97 7.92 35.29
N SER B 300 17.77 8.16 34.24
CA SER B 300 18.16 7.15 33.23
C SER B 300 19.12 6.00 33.70
N GLY B 301 19.18 5.72 35.00
CA GLY B 301 20.15 4.74 35.49
C GLY B 301 19.91 3.26 35.19
N CYS B 302 18.83 2.73 35.76
CA CYS B 302 18.54 1.27 35.80
C CYS B 302 18.56 0.54 34.43
N PRO B 303 18.79 -0.81 34.47
CA PRO B 303 18.55 -1.70 33.33
C PRO B 303 17.15 -1.55 32.71
N CYS B 304 16.16 -1.38 33.58
CA CYS B 304 14.76 -1.33 33.22
C CYS B 304 14.23 0.07 32.84
N THR B 305 15.11 1.06 32.83
CA THR B 305 14.77 2.44 32.49
C THR B 305 13.90 2.57 31.24
N THR B 306 14.36 2.07 30.09
CA THR B 306 13.61 2.17 28.84
C THR B 306 12.20 1.54 28.94
N GLN B 307 12.07 0.51 29.73
CA GLN B 307 10.81 -0.20 29.87
C GLN B 307 9.87 0.57 30.80
N LEU B 308 10.44 1.07 31.89
CA LEU B 308 9.72 1.96 32.77
C LEU B 308 9.28 3.20 31.97
N ASN B 309 10.21 3.76 31.23
CA ASN B 309 9.93 4.90 30.41
C ASN B 309 8.84 4.62 29.36
N SER B 310 8.91 3.47 28.72
CA SER B 310 7.95 3.13 27.63
C SER B 310 6.56 2.87 28.19
N LEU B 311 6.54 2.26 29.36
CA LEU B 311 5.32 2.02 30.09
C LEU B 311 4.69 3.33 30.52
N ALA B 312 5.50 4.27 30.98
CA ALA B 312 4.96 5.58 31.34
C ALA B 312 4.43 6.23 30.08
N HIS B 313 5.18 6.07 28.99
CA HIS B 313 4.72 6.58 27.71
C HIS B 313 3.32 6.04 27.36
N TRP B 314 3.09 4.75 27.61
CA TRP B 314 1.85 4.06 27.26
C TRP B 314 0.68 4.65 28.08
N ILE B 315 0.91 4.77 29.39
CA ILE B 315 -0.03 5.35 30.32
C ILE B 315 -0.48 6.74 29.86
N LEU B 316 0.46 7.56 29.44
CA LEU B 316 0.12 8.91 29.08
C LEU B 316 -0.62 9.02 27.75
N THR B 317 -0.15 8.26 26.76
CA THR B 317 -0.74 8.35 25.44
C THR B 317 -2.16 7.85 25.57
N LEU B 318 -2.35 6.77 26.30
CA LEU B 318 -3.68 6.19 26.43
C LEU B 318 -4.58 7.14 27.25
N CYS B 319 -4.02 7.80 28.26
CA CYS B 319 -4.76 8.81 29.03
C CYS B 319 -5.22 9.94 28.10
N ALA B 320 -4.33 10.44 27.26
CA ALA B 320 -4.70 11.54 26.37
C ALA B 320 -5.79 11.11 25.39
N MET B 321 -5.72 9.87 24.94
CA MET B 321 -6.69 9.40 23.94
C MET B 321 -8.05 9.19 24.59
N VAL B 322 -8.05 8.62 25.79
CA VAL B 322 -9.27 8.37 26.51
C VAL B 322 -9.99 9.69 26.88
N GLU B 323 -9.26 10.65 27.43
CA GLU B 323 -9.81 11.99 27.68
C GLU B 323 -10.61 12.48 26.49
N VAL B 324 -9.94 12.54 25.36
CA VAL B 324 -10.41 13.21 24.18
C VAL B 324 -11.53 12.48 23.41
N THR B 325 -11.53 11.16 23.43
CA THR B 325 -12.56 10.35 22.78
C THR B 325 -13.65 9.91 23.76
N ARG B 326 -13.31 9.89 25.05
CA ARG B 326 -14.23 9.42 26.08
C ARG B 326 -14.59 7.94 25.88
N VAL B 327 -13.71 7.22 25.17
CA VAL B 327 -13.85 5.79 25.00
C VAL B 327 -13.04 5.10 26.09
N ASP B 328 -13.57 4.00 26.61
CA ASP B 328 -12.87 3.17 27.60
C ASP B 328 -11.49 2.73 27.10
N PRO B 329 -10.47 2.82 27.96
CA PRO B 329 -9.11 2.39 27.58
C PRO B 329 -9.06 1.05 26.83
N ASP B 330 -9.63 -0.01 27.41
CA ASP B 330 -9.65 -1.33 26.75
C ASP B 330 -10.32 -1.27 25.38
N ILE B 331 -11.28 -0.38 25.21
CA ILE B 331 -11.84 -0.18 23.89
C ILE B 331 -10.83 0.53 23.00
N VAL B 332 -10.17 1.57 23.51
CA VAL B 332 -9.17 2.25 22.69
C VAL B 332 -8.12 1.24 22.19
N MET B 333 -7.76 0.28 23.06
CA MET B 333 -6.76 -0.71 22.72
C MET B 333 -7.25 -1.71 21.68
N GLN B 334 -8.55 -2.05 21.68
CA GLN B 334 -9.13 -2.89 20.62
C GLN B 334 -9.08 -2.21 19.27
N GLU B 335 -9.24 -0.90 19.29
CA GLU B 335 -9.36 -0.14 18.05
C GLU B 335 -8.03 0.52 17.69
N SER B 336 -6.95 0.11 18.32
CA SER B 336 -5.65 0.72 18.08
C SER B 336 -4.47 -0.27 18.13
N GLU B 337 -3.34 0.12 17.54
CA GLU B 337 -2.06 -0.54 17.76
C GLU B 337 -1.05 0.55 18.08
N PHE B 338 -0.35 0.40 19.21
CA PHE B 338 0.67 1.34 19.65
C PHE B 338 2.06 0.75 19.50
N SER B 339 3.05 1.62 19.33
CA SER B 339 4.45 1.25 19.51
C SER B 339 5.10 2.34 20.33
N PHE B 340 5.67 1.95 21.47
CA PHE B 340 6.48 2.82 22.28
C PHE B 340 7.84 2.20 22.47
N TYR B 341 8.86 3.05 22.40
CA TYR B 341 10.24 2.66 22.60
C TYR B 341 10.86 3.84 23.35
N GLY B 342 10.67 3.84 24.67
CA GLY B 342 10.99 5.02 25.47
C GLY B 342 10.14 6.18 25.01
N ASP B 343 10.76 7.19 24.45
CA ASP B 343 10.03 8.38 24.05
C ASP B 343 9.51 8.28 22.63
N ASP B 344 9.97 7.27 21.88
CA ASP B 344 9.55 7.17 20.49
C ASP B 344 8.19 6.52 20.39
N GLU B 345 7.34 7.00 19.49
CA GLU B 345 5.99 6.44 19.41
C GLU B 345 5.41 6.36 18.00
N VAL B 346 4.58 5.35 17.82
CA VAL B 346 3.74 5.28 16.67
C VAL B 346 2.40 4.88 17.27
N VAL B 347 1.37 5.62 16.90
CA VAL B 347 0.05 5.31 17.37
C VAL B 347 -0.78 5.10 16.11
N SER B 348 -1.44 3.95 16.02
CA SER B 348 -2.36 3.72 14.91
C SER B 348 -3.69 3.38 15.51
N THR B 349 -4.74 3.93 14.93
CA THR B 349 -6.07 3.73 15.48
C THR B 349 -7.15 3.95 14.42
N ASN B 350 -8.29 3.33 14.65
CA ASN B 350 -9.48 3.60 13.85
C ASN B 350 -10.34 4.71 14.46
N LEU B 351 -10.05 5.12 15.70
CA LEU B 351 -10.85 6.13 16.36
C LEU B 351 -10.63 7.49 15.70
N GLU B 352 -11.70 8.26 15.63
CA GLU B 352 -11.65 9.64 15.16
C GLU B 352 -11.09 10.47 16.31
N LEU B 353 -9.88 10.97 16.12
CA LEU B 353 -9.15 11.57 17.20
C LEU B 353 -9.02 13.02 16.84
N ASP B 354 -9.44 13.88 17.77
CA ASP B 354 -9.34 15.32 17.64
C ASP B 354 -7.93 15.68 18.04
N MET B 355 -7.13 16.00 17.05
CA MET B 355 -5.72 16.17 17.24
C MET B 355 -5.36 17.47 17.99
N VAL B 356 -6.19 18.49 17.84
CA VAL B 356 -6.01 19.68 18.65
C VAL B 356 -6.16 19.26 20.11
N LYS B 357 -7.24 18.60 20.46
CA LYS B 357 -7.44 18.23 21.84
C LYS B 357 -6.41 17.20 22.35
N TYR B 358 -5.93 16.33 21.46
CA TYR B 358 -4.93 15.31 21.82
C TYR B 358 -3.62 16.00 22.18
N THR B 359 -3.19 16.91 21.31
CA THR B 359 -2.00 17.71 21.56
C THR B 359 -2.12 18.54 22.84
N MET B 360 -3.26 19.22 23.03
CA MET B 360 -3.46 20.03 24.25
C MET B 360 -3.33 19.15 25.48
N ALA B 361 -3.91 17.96 25.47
CA ALA B 361 -3.81 17.07 26.64
C ALA B 361 -2.36 16.67 26.98
N LEU B 362 -1.59 16.31 25.93
CA LEU B 362 -0.18 15.93 26.12
C LEU B 362 0.60 17.13 26.68
N ARG B 363 0.43 18.30 26.09
CA ARG B 363 1.07 19.50 26.64
C ARG B 363 0.65 19.76 28.09
N ARG B 364 -0.59 19.52 28.44
CA ARG B 364 -1.02 19.75 29.81
C ARG B 364 -0.35 18.77 30.77
N TYR B 365 -0.01 17.61 30.25
CA TYR B 365 0.66 16.61 31.07
C TYR B 365 2.13 16.97 31.27
N GLY B 366 2.58 18.01 30.58
CA GLY B 366 3.94 18.51 30.72
C GLY B 366 4.80 18.16 29.53
N LEU B 367 4.24 17.39 28.59
CA LEU B 367 5.02 16.82 27.49
C LEU B 367 5.16 17.86 26.39
N LEU B 368 6.17 17.68 25.54
CA LEU B 368 6.49 18.65 24.50
C LEU B 368 6.44 18.02 23.11
N PRO B 369 5.25 17.61 22.67
CA PRO B 369 5.12 17.05 21.35
C PRO B 369 5.42 18.06 20.28
N THR B 370 5.79 17.58 19.10
CA THR B 370 6.14 18.43 17.99
C THR B 370 5.66 17.81 16.68
N ARG B 371 5.32 18.68 15.73
CA ARG B 371 4.90 18.30 14.38
C ARG B 371 6.15 18.09 13.52
N ALA B 372 5.98 17.53 12.32
CA ALA B 372 7.11 17.30 11.41
C ALA B 372 7.70 18.63 10.92
N ASP B 373 6.81 19.56 10.58
CA ASP B 373 7.18 20.89 10.07
C ASP B 373 7.59 21.88 11.18
N LYS B 374 7.70 21.40 12.41
CA LYS B 374 8.25 22.18 13.52
C LYS B 374 7.41 23.42 13.91
N GLU B 375 6.23 23.58 13.31
CA GLU B 375 5.37 24.73 13.61
C GLU B 375 4.75 24.62 15.01
N GLY B 377 1.06 24.80 16.55
CA GLY B 377 -0.25 24.12 16.56
C GLY B 377 -0.22 22.60 16.77
N PRO B 378 -1.31 21.90 16.35
CA PRO B 378 -1.58 20.50 16.70
C PRO B 378 -0.93 19.47 15.77
N LEU B 379 -0.73 18.26 16.29
CA LEU B 379 -0.10 17.17 15.53
C LEU B 379 -0.98 16.78 14.38
N GLU B 380 -0.39 16.33 13.28
CA GLU B 380 -1.18 15.81 12.19
C GLU B 380 -1.32 14.28 12.36
N ARG B 381 -2.23 13.71 11.60
CA ARG B 381 -2.37 12.27 11.45
C ARG B 381 -2.54 12.01 9.97
N ARG B 382 -2.52 10.74 9.59
CA ARG B 382 -2.46 10.37 8.19
C ARG B 382 -3.20 9.08 7.97
N GLN B 383 -3.72 8.94 6.76
CA GLN B 383 -4.46 7.75 6.33
C GLN B 383 -3.51 6.64 5.86
N THR B 384 -2.20 6.89 5.89
CA THR B 384 -1.23 5.91 5.42
C THR B 384 -0.05 5.81 6.38
N LEU B 385 0.34 4.58 6.66
CA LEU B 385 1.56 4.27 7.42
C LEU B 385 2.83 4.56 6.62
N GLN B 386 2.75 4.37 5.30
CA GLN B 386 3.87 4.70 4.39
C GLN B 386 4.42 6.06 4.78
N GLY B 387 5.69 6.11 5.14
CA GLY B 387 6.34 7.37 5.47
C GLY B 387 6.40 7.73 6.95
N ILE B 388 5.56 7.09 7.78
CA ILE B 388 5.60 7.39 9.23
C ILE B 388 6.95 6.91 9.79
N SER B 389 7.35 7.51 10.91
CA SER B 389 8.70 7.32 11.47
C SER B 389 8.68 6.35 12.62
N PHE B 390 9.70 5.51 12.70
CA PHE B 390 9.96 4.72 13.89
C PHE B 390 11.45 4.68 14.06
N LEU B 391 11.93 5.22 15.19
CA LEU B 391 13.37 5.33 15.46
C LEU B 391 13.96 6.12 14.30
N ARG B 392 15.08 5.69 13.74
CA ARG B 392 15.72 6.41 12.65
C ARG B 392 15.32 5.87 11.30
N ARG B 393 14.17 5.20 11.26
CA ARG B 393 13.71 4.53 10.04
C ARG B 393 12.37 5.06 9.60
N ALA B 394 12.17 5.06 8.29
CA ALA B 394 10.85 5.27 7.73
C ALA B 394 10.27 3.90 7.45
N ILE B 395 9.01 3.73 7.81
CA ILE B 395 8.30 2.48 7.60
C ILE B 395 7.88 2.46 6.13
N VAL B 396 8.33 1.44 5.40
CA VAL B 396 8.07 1.34 3.97
C VAL B 396 7.31 0.06 3.73
N GLY B 397 6.44 0.07 2.72
CA GLY B 397 5.60 -1.08 2.42
C GLY B 397 5.61 -1.37 0.93
N ASP B 398 5.76 -2.64 0.56
CA ASP B 398 5.76 -2.97 -0.86
C ASP B 398 5.16 -4.34 -1.11
N GLN B 399 5.28 -4.80 -2.34
CA GLN B 399 4.78 -6.10 -2.76
CA GLN B 399 4.81 -6.12 -2.76
C GLN B 399 5.02 -7.18 -1.69
N PHE B 400 6.20 -7.15 -1.07
CA PHE B 400 6.62 -8.23 -0.15
C PHE B 400 6.23 -8.01 1.31
N GLY B 401 5.97 -6.77 1.67
CA GLY B 401 5.48 -6.41 3.01
C GLY B 401 6.08 -5.11 3.50
N TRP B 402 6.10 -4.96 4.82
CA TRP B 402 6.58 -3.75 5.46
C TRP B 402 7.93 -3.95 6.07
N TYR B 403 8.70 -2.88 6.13
CA TYR B 403 10.02 -2.93 6.71
C TYR B 403 10.47 -1.53 7.04
N GLY B 404 11.44 -1.42 7.93
CA GLY B 404 12.02 -0.14 8.32
C GLY B 404 13.27 0.18 7.53
N ARG B 405 13.24 1.32 6.84
CA ARG B 405 14.32 1.77 5.98
C ARG B 405 15.12 2.87 6.67
N LEU B 406 16.42 2.65 6.82
CA LEU B 406 17.28 3.68 7.38
C LEU B 406 17.33 4.86 6.40
N ASP B 407 17.21 6.08 6.93
CA ASP B 407 17.19 7.25 6.07
C ASP B 407 18.55 7.46 5.39
N ARG B 408 18.53 8.19 4.29
CA ARG B 408 19.72 8.42 3.49
C ARG B 408 20.76 9.15 4.31
N ALA B 409 20.31 10.13 5.08
CA ALA B 409 21.19 10.94 5.90
C ALA B 409 22.07 10.06 6.79
N SER B 410 21.41 9.20 7.56
CA SER B 410 22.06 8.29 8.49
C SER B 410 23.03 7.37 7.75
N ILE B 411 22.61 6.86 6.60
CA ILE B 411 23.48 6.02 5.78
C ILE B 411 24.74 6.76 5.38
N ASP B 412 24.58 8.01 4.96
CA ASP B 412 25.73 8.82 4.55
C ASP B 412 26.52 9.25 5.78
N ARG B 413 25.81 9.51 6.88
CA ARG B 413 26.46 9.79 8.15
C ARG B 413 27.44 8.69 8.57
N GLN B 414 27.02 7.45 8.48
CA GLN B 414 27.89 6.34 8.88
C GLN B 414 29.07 6.11 7.92
N LEU B 415 29.00 6.67 6.72
CA LEU B 415 30.07 6.51 5.73
C LEU B 415 31.19 7.49 6.04
N LEU B 416 30.83 8.61 6.63
CA LEU B 416 31.76 9.65 7.02
C LEU B 416 32.37 9.43 8.40
N TRP B 417 31.67 8.74 9.29
CA TRP B 417 32.20 8.49 10.62
C TRP B 417 32.20 7.02 10.97
N THR B 418 33.14 6.66 11.84
CA THR B 418 33.20 5.34 12.43
C THR B 418 33.68 5.46 13.87
N LYS B 419 33.41 4.41 14.62
CA LYS B 419 33.78 4.37 16.01
C LYS B 419 35.20 3.87 16.16
N GLY B 420 35.90 4.42 17.13
CA GLY B 420 37.23 3.97 17.48
C GLY B 420 37.50 4.41 18.91
N PRO B 421 38.74 4.25 19.36
CA PRO B 421 39.16 4.69 20.69
C PRO B 421 39.06 6.20 20.90
N ASN B 422 38.99 6.59 22.16
CA ASN B 422 38.78 7.98 22.46
C ASN B 422 39.96 8.84 22.05
N HIS B 423 39.65 10.03 21.53
CA HIS B 423 40.65 10.98 21.12
C HIS B 423 40.07 12.40 21.06
N GLN B 424 40.96 13.38 20.91
CA GLN B 424 40.64 14.79 21.11
C GLN B 424 40.18 15.48 19.82
N ASN B 425 40.72 15.07 18.67
CA ASN B 425 40.36 15.68 17.39
C ASN B 425 39.52 14.76 16.49
N PRO B 426 38.23 15.08 16.30
CA PRO B 426 37.42 14.17 15.53
C PRO B 426 37.77 14.09 14.06
N PHE B 427 38.50 15.05 13.53
CA PHE B 427 38.77 15.03 12.10
C PHE B 427 39.95 14.11 11.69
N GLU B 428 40.73 13.63 12.69
CA GLU B 428 41.72 12.59 12.48
C GLU B 428 41.04 11.37 11.85
N THR B 429 41.67 10.77 10.84
CA THR B 429 41.15 9.53 10.27
C THR B 429 41.78 8.38 11.05
N LEU B 430 41.13 7.23 11.05
CA LEU B 430 41.59 6.10 11.84
C LEU B 430 42.44 5.19 10.97
N PRO B 431 43.72 5.00 11.31
CA PRO B 431 44.55 4.08 10.52
C PRO B 431 44.00 2.64 10.56
N GLY B 432 44.02 1.97 9.40
CA GLY B 432 43.51 0.61 9.26
C GLY B 432 42.31 0.47 8.32
N ARG B 436 36.03 -1.67 8.40
CA ARG B 436 34.90 -1.76 9.31
C ARG B 436 34.87 -3.11 10.03
N PRO B 437 34.60 -4.22 9.29
CA PRO B 437 34.26 -4.40 7.88
C PRO B 437 32.78 -4.65 7.57
N SER B 438 32.07 -5.29 8.52
CA SER B 438 30.73 -5.80 8.29
C SER B 438 29.67 -4.71 8.37
N GLN B 439 29.95 -3.63 9.11
CA GLN B 439 29.10 -2.44 9.05
C GLN B 439 28.91 -2.10 7.58
N LEU B 440 30.02 -2.00 6.85
CA LEU B 440 29.97 -1.76 5.41
C LEU B 440 29.05 -2.75 4.65
N MET B 441 28.99 -4.01 5.10
CA MET B 441 28.03 -4.97 4.53
C MET B 441 26.59 -4.59 4.91
N ALA B 442 26.34 -4.37 6.19
CA ALA B 442 25.00 -4.00 6.66
C ALA B 442 24.54 -2.68 6.03
N LEU B 443 25.47 -1.75 5.87
CA LEU B 443 25.17 -0.46 5.26
C LEU B 443 24.81 -0.64 3.82
N LEU B 444 25.47 -1.62 3.20
CA LEU B 444 25.21 -1.98 1.82
C LEU B 444 23.76 -2.45 1.75
N GLY B 445 23.40 -3.32 2.68
CA GLY B 445 22.01 -3.80 2.84
C GLY B 445 21.02 -2.67 3.04
N GLU B 446 21.40 -1.67 3.84
CA GLU B 446 20.55 -0.49 4.02
C GLU B 446 20.45 0.29 2.73
N ALA B 447 21.55 0.40 2.00
CA ALA B 447 21.51 1.11 0.71
C ALA B 447 20.60 0.40 -0.30
N ALA B 448 20.57 -0.93 -0.22
CA ALA B 448 19.87 -1.75 -1.22
C ALA B 448 18.37 -1.54 -1.16
N MET B 449 17.86 -1.19 0.01
CA MET B 449 16.43 -0.92 0.16
C MET B 449 16.01 0.44 -0.42
N HIS B 450 16.96 1.27 -0.86
CA HIS B 450 16.66 2.53 -1.56
C HIS B 450 16.73 2.37 -3.07
N GLY B 451 16.95 1.14 -3.53
CA GLY B 451 16.92 0.83 -4.97
C GLY B 451 18.28 0.93 -5.64
N GLU B 452 18.40 0.26 -6.77
CA GLU B 452 19.69 0.11 -7.45
C GLU B 452 20.37 1.45 -7.74
N LYS B 453 19.62 2.50 -8.06
CA LYS B 453 20.24 3.79 -8.34
C LYS B 453 21.03 4.29 -7.12
N TYR B 454 20.42 4.23 -5.93
CA TYR B 454 21.09 4.68 -4.70
C TYR B 454 22.18 3.70 -4.33
N TYR B 455 21.83 2.41 -4.34
CA TYR B 455 22.80 1.37 -4.02
C TYR B 455 24.06 1.47 -4.88
N ARG B 456 23.93 2.05 -6.07
CA ARG B 456 25.08 2.26 -6.95
C ARG B 456 26.04 3.30 -6.35
N THR B 457 25.52 4.45 -5.89
CA THR B 457 26.39 5.49 -5.33
C THR B 457 27.09 4.95 -4.06
N VAL B 458 26.32 4.43 -3.12
CA VAL B 458 26.88 3.91 -1.86
C VAL B 458 27.91 2.81 -2.12
N ALA B 459 27.63 1.92 -3.07
CA ALA B 459 28.54 0.83 -3.44
C ALA B 459 29.88 1.35 -3.96
N SER B 460 29.84 2.44 -4.73
CA SER B 460 31.05 3.13 -5.19
C SER B 460 31.73 3.81 -4.01
N ARG B 461 30.96 4.61 -3.27
CA ARG B 461 31.44 5.31 -2.08
C ARG B 461 32.01 4.35 -1.05
N VAL B 462 31.47 3.13 -1.01
CA VAL B 462 32.03 2.03 -0.21
C VAL B 462 33.30 1.51 -0.84
N SER B 463 33.29 1.33 -2.16
CA SER B 463 34.45 0.81 -2.89
C SER B 463 35.64 1.78 -2.89
N LYS B 464 35.36 3.09 -2.80
CA LYS B 464 36.42 4.08 -2.58
C LYS B 464 37.11 3.81 -1.24
N GLU B 465 36.31 3.47 -0.23
CA GLU B 465 36.83 3.11 1.08
C GLU B 465 37.60 1.79 1.04
N ALA B 466 37.25 0.90 0.13
CA ALA B 466 37.95 -0.37 0.03
C ALA B 466 39.39 -0.18 -0.43
N ALA B 467 39.66 0.93 -1.09
CA ALA B 467 41.01 1.19 -1.57
C ALA B 467 41.87 1.24 -0.35
N GLN B 468 41.34 1.88 0.67
CA GLN B 468 42.02 1.98 1.93
C GLN B 468 42.19 0.59 2.52
N SER B 469 41.18 -0.24 2.34
CA SER B 469 41.12 -1.53 3.01
C SER B 469 41.11 -2.76 2.13
N GLY B 470 40.11 -2.87 1.26
CA GLY B 470 39.90 -4.10 0.52
C GLY B 470 39.67 -5.30 1.43
N VAL B 474 34.60 -7.69 -1.51
CA VAL B 474 33.40 -8.42 -1.91
C VAL B 474 32.51 -7.55 -2.86
N VAL B 475 31.70 -6.65 -2.30
CA VAL B 475 30.76 -5.77 -3.05
C VAL B 475 29.76 -6.54 -3.94
N PRO B 476 28.86 -7.34 -3.32
CA PRO B 476 27.88 -8.13 -4.08
C PRO B 476 26.91 -7.33 -4.98
N ARG B 477 26.02 -8.06 -5.64
CA ARG B 477 25.06 -7.47 -6.57
C ARG B 477 23.79 -7.10 -5.82
N HIS B 478 23.13 -6.04 -6.31
CA HIS B 478 21.89 -5.53 -5.71
C HIS B 478 20.86 -6.62 -5.43
N ARG B 479 20.66 -7.54 -6.38
CA ARG B 479 19.64 -8.60 -6.25
C ARG B 479 19.88 -9.44 -5.01
N SER B 480 21.11 -9.90 -4.84
CA SER B 480 21.45 -10.84 -3.76
C SER B 480 21.34 -10.18 -2.39
N VAL B 481 21.99 -9.03 -2.26
CA VAL B 481 22.04 -8.36 -0.96
C VAL B 481 20.64 -7.89 -0.58
N LEU B 482 19.87 -7.42 -1.56
CA LEU B 482 18.50 -6.99 -1.33
C LEU B 482 17.65 -8.12 -0.80
N ARG B 483 17.82 -9.28 -1.41
CA ARG B 483 17.07 -10.46 -1.00
C ARG B 483 17.51 -10.90 0.38
N TRP B 484 18.82 -10.83 0.64
CA TRP B 484 19.38 -11.22 1.94
C TRP B 484 18.86 -10.31 3.05
N VAL B 485 18.86 -9.00 2.77
CA VAL B 485 18.49 -8.04 3.78
C VAL B 485 16.98 -8.05 4.03
N ARG B 486 16.17 -8.27 2.97
CA ARG B 486 14.72 -8.30 3.16
C ARG B 486 14.25 -9.63 3.72
N PHE B 487 14.86 -10.73 3.27
CA PHE B 487 14.43 -12.08 3.61
C PHE B 487 15.57 -13.01 4.08
N GLY B 488 16.55 -13.23 3.19
CA GLY B 488 17.53 -14.32 3.32
C GLY B 488 18.32 -14.35 4.61
N PRO C 5 9.38 49.07 -15.39
CA PRO C 5 8.82 49.11 -14.05
C PRO C 5 8.82 47.76 -13.34
N SER C 6 8.35 47.77 -12.09
CA SER C 6 8.36 46.57 -11.27
C SER C 6 7.16 46.51 -10.32
N GLY C 7 7.10 45.39 -9.61
CA GLY C 7 6.13 45.15 -8.58
C GLY C 7 5.23 43.99 -8.97
N THR C 8 4.02 43.97 -8.41
CA THR C 8 3.06 42.93 -8.68
C THR C 8 1.69 43.50 -8.96
N TYR C 9 0.94 42.80 -9.80
CA TYR C 9 -0.46 43.06 -10.02
C TYR C 9 -1.20 41.75 -9.81
N ALA C 10 -2.12 41.72 -8.87
CA ALA C 10 -2.91 40.53 -8.63
C ALA C 10 -2.02 39.34 -8.46
N GLY C 11 -0.93 39.51 -7.72
CA GLY C 11 -0.05 38.42 -7.41
C GLY C 11 0.97 38.08 -8.47
N LEU C 12 1.01 38.86 -9.54
CA LEU C 12 1.84 38.52 -10.67
C LEU C 12 2.91 39.56 -10.98
N PRO C 13 4.11 39.06 -11.27
CA PRO C 13 5.22 39.93 -11.63
C PRO C 13 4.91 40.87 -12.81
N ILE C 14 5.28 42.14 -12.66
CA ILE C 14 5.20 43.10 -13.75
C ILE C 14 6.58 43.15 -14.43
N ALA C 15 6.54 43.16 -15.76
CA ALA C 15 7.77 43.14 -16.58
C ALA C 15 7.88 44.36 -17.49
N ASP C 16 6.78 45.09 -17.69
CA ASP C 16 6.75 46.16 -18.67
C ASP C 16 5.45 46.94 -18.51
N TYR C 17 5.38 48.09 -19.20
CA TYR C 17 4.19 48.93 -19.25
C TYR C 17 3.22 48.38 -20.28
N GLY C 18 1.95 48.73 -20.12
CA GLY C 18 0.89 48.20 -20.96
C GLY C 18 0.59 49.10 -22.15
N ASP C 19 0.19 48.50 -23.27
CA ASP C 19 -0.25 49.22 -24.48
C ASP C 19 -1.66 48.79 -24.87
N ALA C 20 -2.39 48.15 -23.95
CA ALA C 20 -3.69 47.58 -24.29
C ALA C 20 -4.79 48.62 -24.19
N PRO C 21 -5.82 48.50 -25.03
CA PRO C 21 -6.98 49.40 -25.02
C PRO C 21 -7.80 49.21 -23.77
N PRO C 22 -8.68 50.18 -23.45
CA PRO C 22 -9.50 50.04 -22.27
C PRO C 22 -10.49 48.96 -22.53
N LEU C 23 -10.98 48.31 -21.47
CA LEU C 23 -11.94 47.22 -21.60
C LEU C 23 -13.25 47.78 -22.12
N SER C 24 -13.99 46.94 -22.85
CA SER C 24 -15.29 47.32 -23.44
C SER C 24 -16.33 47.46 -22.36
N THR C 25 -17.39 48.21 -22.68
CA THR C 25 -18.50 48.53 -21.78
C THR C 25 -19.84 48.19 -22.41
N LYS C 26 -19.81 47.54 -23.57
CA LYS C 26 -21.02 47.35 -24.37
C LYS C 26 -21.34 45.86 -24.48
N THR C 27 -22.61 45.51 -24.69
CA THR C 27 -22.96 44.14 -25.07
C THR C 27 -23.50 44.03 -26.50
N MET C 28 -23.39 42.84 -27.09
CA MET C 28 -24.00 42.56 -28.38
C MET C 28 -25.41 41.99 -28.28
N PHE C 29 -25.91 41.71 -27.08
CA PHE C 29 -27.23 41.05 -26.99
C PHE C 29 -28.37 42.05 -26.92
N TRP C 30 -29.46 41.72 -27.59
CA TRP C 30 -30.64 42.56 -27.67
C TRP C 30 -31.83 41.70 -27.34
N ARG C 31 -32.78 42.27 -26.59
CA ARG C 31 -34.00 41.56 -26.30
C ARG C 31 -34.74 41.45 -27.61
N THR C 32 -35.67 40.51 -27.68
CA THR C 32 -36.44 40.27 -28.88
C THR C 32 -37.91 40.59 -28.71
N SER C 33 -38.26 41.12 -27.54
CA SER C 33 -39.65 41.48 -27.26
C SER C 33 -39.68 42.63 -26.27
N PRO C 34 -40.72 43.49 -26.37
CA PRO C 34 -40.84 44.57 -25.38
C PRO C 34 -41.14 44.02 -23.98
N GLU C 35 -41.87 42.90 -23.95
CA GLU C 35 -42.27 42.17 -22.73
C GLU C 35 -41.24 42.12 -21.60
N LYS C 36 -41.77 41.97 -20.38
CA LYS C 36 -40.98 41.70 -19.20
C LYS C 36 -40.20 40.38 -19.32
N LEU C 37 -39.08 40.31 -18.63
CA LEU C 37 -38.17 39.17 -18.71
C LEU C 37 -38.51 38.14 -17.61
N PRO C 38 -38.99 36.94 -18.00
CA PRO C 38 -39.30 35.87 -17.03
C PRO C 38 -38.19 35.65 -16.01
N PRO C 39 -38.55 35.61 -14.71
CA PRO C 39 -37.54 35.47 -13.66
C PRO C 39 -37.08 34.02 -13.56
N GLY C 40 -35.82 33.75 -13.25
CA GLY C 40 -34.75 34.73 -13.16
C GLY C 40 -33.85 34.47 -14.36
N ALA C 41 -34.37 34.79 -15.54
CA ALA C 41 -33.71 34.51 -16.82
C ALA C 41 -32.30 35.08 -16.88
N TRP C 42 -31.51 34.54 -17.79
CA TRP C 42 -30.13 34.99 -17.96
C TRP C 42 -30.08 36.38 -18.60
N GLU C 43 -28.92 37.03 -18.45
CA GLU C 43 -28.71 38.39 -18.93
C GLU C 43 -27.22 38.62 -19.22
N PRO C 44 -26.91 39.67 -19.99
CA PRO C 44 -25.52 39.84 -20.30
C PRO C 44 -24.64 40.21 -19.10
N ALA C 45 -23.44 39.64 -19.07
CA ALA C 45 -22.43 40.01 -18.08
C ALA C 45 -22.34 41.52 -17.86
N TYR C 46 -21.73 41.87 -16.73
CA TYR C 46 -21.73 43.22 -16.19
C TYR C 46 -20.93 44.17 -17.07
N LEU C 47 -21.55 45.31 -17.38
CA LEU C 47 -21.02 46.26 -18.35
C LEU C 47 -20.06 47.29 -17.71
N GLY C 48 -19.83 47.18 -16.42
CA GLY C 48 -18.79 47.96 -15.75
C GLY C 48 -19.27 49.31 -15.26
N SER C 49 -18.34 50.26 -15.31
CA SER C 49 -18.56 51.64 -14.93
C SER C 49 -19.99 52.10 -15.11
N LYS C 50 -20.52 51.93 -16.31
CA LYS C 50 -21.78 52.56 -16.70
C LYS C 50 -23.01 51.65 -16.66
N ASP C 51 -22.88 50.42 -16.15
CA ASP C 51 -24.01 49.51 -16.19
C ASP C 51 -25.21 50.16 -15.50
N GLU C 52 -26.30 50.40 -16.24
CA GLU C 52 -27.52 50.98 -15.66
C GLU C 52 -28.16 50.06 -14.63
N ARG C 53 -27.88 48.77 -14.74
CA ARG C 53 -28.66 47.74 -14.04
C ARG C 53 -28.20 47.53 -12.58
N VAL C 54 -26.98 47.97 -12.30
CA VAL C 54 -26.39 47.79 -10.97
C VAL C 54 -25.13 48.64 -10.82
N ASP C 55 -24.77 48.93 -9.57
CA ASP C 55 -23.47 49.49 -9.29
C ASP C 55 -22.58 48.31 -8.94
N GLY C 56 -21.36 48.32 -9.42
CA GLY C 56 -20.41 47.25 -9.13
C GLY C 56 -19.01 47.80 -9.29
N PRO C 57 -17.99 46.95 -9.15
CA PRO C 57 -16.62 47.45 -9.35
C PRO C 57 -16.33 48.07 -10.73
N SER C 58 -15.12 48.59 -10.87
CA SER C 58 -14.54 48.83 -12.17
C SER C 58 -14.24 47.48 -12.82
N LEU C 59 -14.40 47.41 -14.14
CA LEU C 59 -14.02 46.23 -14.87
C LEU C 59 -12.55 45.90 -14.62
N GLN C 60 -11.70 46.91 -14.45
CA GLN C 60 -10.28 46.63 -14.13
C GLN C 60 -10.13 45.83 -12.82
N GLN C 61 -11.02 46.08 -11.87
CA GLN C 61 -11.07 45.33 -10.60
C GLN C 61 -11.59 43.91 -10.87
N VAL C 62 -12.67 43.81 -11.64
CA VAL C 62 -13.20 42.51 -12.04
C VAL C 62 -12.14 41.67 -12.74
N MET C 63 -11.41 42.27 -13.67
CA MET C 63 -10.32 41.55 -14.28
C MET C 63 -9.25 41.07 -13.24
N ARG C 64 -9.00 41.87 -12.19
CA ARG C 64 -8.09 41.44 -11.08
C ARG C 64 -8.60 40.19 -10.35
N ASP C 65 -9.88 40.13 -9.99
CA ASP C 65 -10.46 38.91 -9.40
C ASP C 65 -10.06 37.66 -10.22
N GLN C 66 -10.38 37.74 -11.51
CA GLN C 66 -10.24 36.64 -12.44
C GLN C 66 -8.78 36.30 -12.66
N LEU C 67 -7.90 37.25 -12.38
CA LEU C 67 -6.47 36.97 -12.52
C LEU C 67 -5.84 36.19 -11.34
N LYS C 68 -6.35 36.39 -10.13
CA LYS C 68 -5.64 35.84 -8.94
C LYS C 68 -5.55 34.30 -8.92
N PRO C 69 -6.57 33.59 -9.45
CA PRO C 69 -6.43 32.14 -9.47
C PRO C 69 -5.20 31.69 -10.23
N TYR C 70 -4.62 32.57 -11.05
CA TYR C 70 -3.35 32.29 -11.74
C TYR C 70 -2.12 32.46 -10.83
N SER C 71 -2.31 33.14 -9.71
CA SER C 71 -1.28 33.33 -8.69
C SER C 71 -1.25 32.15 -7.74
N GLU C 72 -2.41 31.53 -7.51
CA GLU C 72 -2.53 30.41 -6.58
C GLU C 72 -1.59 29.27 -6.93
N PRO C 73 -1.15 28.52 -5.90
CA PRO C 73 -0.16 27.49 -6.19
C PRO C 73 -0.78 26.34 -6.96
N ARG C 74 0.03 25.68 -7.78
CA ARG C 74 -0.41 24.52 -8.54
C ARG C 74 -0.70 23.30 -7.65
N GLY C 75 -1.54 22.40 -8.13
CA GLY C 75 -1.68 21.09 -7.55
C GLY C 75 -0.41 20.38 -7.91
N LEU C 76 -0.42 19.06 -7.72
CA LEU C 76 0.76 18.22 -7.95
C LEU C 76 0.77 17.60 -9.34
N LEU C 77 1.93 17.51 -9.96
CA LEU C 77 2.09 16.65 -11.11
C LEU C 77 1.56 15.29 -10.72
N PRO C 78 0.95 14.56 -11.66
CA PRO C 78 0.63 13.17 -11.33
C PRO C 78 1.96 12.45 -11.26
N PRO C 79 1.99 11.26 -10.64
CA PRO C 79 3.23 10.50 -10.52
C PRO C 79 3.97 10.35 -11.85
N GLN C 80 5.25 10.71 -11.83
CA GLN C 80 6.05 10.76 -13.06
C GLN C 80 5.92 9.49 -13.93
N GLU C 81 5.83 8.32 -13.30
CA GLU C 81 5.79 7.06 -14.07
C GLU C 81 4.48 6.90 -14.83
N ILE C 82 3.41 7.40 -14.20
CA ILE C 82 2.08 7.33 -14.79
C ILE C 82 1.99 8.29 -15.96
N LEU C 83 2.29 9.56 -15.68
CA LEU C 83 2.31 10.63 -16.67
C LEU C 83 3.09 10.24 -17.93
N ASP C 84 4.23 9.59 -17.72
CA ASP C 84 5.04 9.13 -18.82
C ASP C 84 4.30 8.07 -19.58
N ALA C 85 3.73 7.12 -18.87
CA ALA C 85 2.96 6.07 -19.54
C ALA C 85 1.78 6.71 -20.27
N VAL C 86 1.04 7.58 -19.60
CA VAL C 86 -0.15 8.21 -20.18
C VAL C 86 0.22 8.95 -21.46
N CYS C 87 1.21 9.84 -21.38
CA CYS C 87 1.58 10.61 -22.55
C CYS C 87 2.06 9.74 -23.71
N ASP C 88 2.80 8.68 -23.40
CA ASP C 88 3.26 7.78 -24.46
C ASP C 88 2.05 7.12 -25.07
N ALA C 89 1.07 6.79 -24.22
CA ALA C 89 -0.12 6.12 -24.68
C ALA C 89 -0.98 7.02 -25.60
N ILE C 90 -1.17 8.27 -25.20
CA ILE C 90 -1.90 9.21 -25.99
C ILE C 90 -1.17 9.49 -27.29
N GLU C 91 0.12 9.74 -27.21
CA GLU C 91 0.88 10.00 -28.43
C GLU C 91 0.77 8.84 -29.41
N ASN C 92 0.86 7.62 -28.88
CA ASN C 92 0.86 6.43 -29.73
C ASN C 92 -0.49 6.23 -30.43
N ARG C 93 -1.59 6.49 -29.72
CA ARG C 93 -2.89 6.42 -30.35
C ARG C 93 -3.04 7.44 -31.48
N LEU C 94 -2.54 8.65 -31.28
CA LEU C 94 -2.60 9.68 -32.33
C LEU C 94 -1.67 9.37 -33.52
N GLU C 95 -0.50 8.81 -33.26
CA GLU C 95 0.35 8.28 -34.35
C GLU C 95 -0.37 7.25 -35.22
N ASN C 96 -1.07 6.32 -34.57
CA ASN C 96 -1.82 5.25 -35.27
C ASN C 96 -3.09 5.72 -35.97
N THR C 97 -3.48 6.98 -35.79
CA THR C 97 -4.78 7.40 -36.29
C THR C 97 -4.71 8.62 -37.20
N LEU C 98 -3.85 9.61 -36.90
CA LEU C 98 -3.80 10.84 -37.72
C LEU C 98 -3.14 10.67 -39.08
N GLU C 99 -3.80 11.15 -40.13
CA GLU C 99 -3.12 11.22 -41.44
C GLU C 99 -2.02 12.28 -41.37
N PRO C 100 -0.83 12.00 -41.92
CA PRO C 100 0.18 13.05 -42.07
C PRO C 100 -0.35 14.21 -42.91
N GLN C 101 -0.02 15.42 -42.51
CA GLN C 101 -0.50 16.61 -43.19
C GLN C 101 0.66 17.32 -43.87
N LYS C 102 0.38 18.03 -44.96
CA LYS C 102 1.37 18.92 -45.54
C LYS C 102 1.48 20.15 -44.65
N PRO C 103 2.63 20.83 -44.69
CA PRO C 103 2.70 22.07 -43.92
C PRO C 103 1.73 23.12 -44.40
N TRP C 104 1.33 23.99 -43.50
CA TRP C 104 0.48 25.13 -43.81
C TRP C 104 1.34 26.28 -44.32
N THR C 105 0.93 26.85 -45.45
CA THR C 105 1.53 28.07 -45.97
C THR C 105 1.13 29.27 -45.11
N PHE C 106 1.88 30.35 -45.27
CA PHE C 106 1.56 31.64 -44.70
C PHE C 106 0.17 32.07 -45.13
N LYS C 107 -0.16 31.76 -46.38
CA LYS C 107 -1.42 32.20 -46.97
C LYS C 107 -2.57 31.43 -46.35
N LYS C 108 -2.42 30.11 -46.26
CA LYS C 108 -3.44 29.28 -45.60
C LYS C 108 -3.60 29.68 -44.12
N ALA C 109 -2.49 29.99 -43.47
CA ALA C 109 -2.54 30.49 -42.12
C ALA C 109 -3.35 31.76 -41.99
N CYS C 110 -3.14 32.68 -42.92
CA CYS C 110 -3.78 33.99 -42.83
C CYS C 110 -5.27 33.84 -43.12
N GLU C 111 -5.60 33.00 -44.09
CA GLU C 111 -6.99 32.69 -44.41
C GLU C 111 -7.72 32.12 -43.22
N SER C 112 -7.05 31.30 -42.42
CA SER C 112 -7.70 30.56 -41.33
C SER C 112 -8.21 31.46 -40.21
N LEU C 113 -7.56 32.59 -39.99
CA LEU C 113 -7.94 33.53 -38.92
C LEU C 113 -9.34 34.14 -39.05
N ASP C 114 -9.99 34.34 -37.92
CA ASP C 114 -11.29 35.01 -37.86
C ASP C 114 -11.06 36.49 -38.12
N LYS C 115 -11.63 37.01 -39.21
CA LYS C 115 -11.29 38.36 -39.62
C LYS C 115 -12.09 39.37 -38.84
N ASN C 116 -13.11 38.92 -38.12
CA ASN C 116 -13.97 39.83 -37.39
C ASN C 116 -13.60 39.99 -35.91
N THR C 117 -12.34 39.79 -35.56
CA THR C 117 -11.88 40.01 -34.20
C THR C 117 -10.58 40.81 -34.22
N SER C 118 -10.23 41.41 -33.08
CA SER C 118 -9.03 42.25 -32.96
C SER C 118 -7.72 41.55 -33.34
N SER C 119 -6.81 42.31 -33.95
CA SER C 119 -5.47 41.85 -34.23
C SER C 119 -4.63 41.76 -32.96
N GLY C 120 -5.14 42.31 -31.86
CA GLY C 120 -4.35 42.50 -30.64
C GLY C 120 -3.08 43.32 -30.81
N TYR C 121 -2.16 43.18 -29.86
CA TYR C 121 -0.90 43.91 -29.89
C TYR C 121 -0.17 43.85 -31.25
N PRO C 122 0.37 44.98 -31.71
CA PRO C 122 0.28 46.32 -31.10
C PRO C 122 -0.84 47.20 -31.64
N TYR C 123 -1.53 46.78 -32.70
CA TYR C 123 -2.49 47.67 -33.40
C TYR C 123 -3.92 47.62 -32.90
N HIS C 124 -4.26 46.58 -32.14
CA HIS C 124 -5.63 46.38 -31.70
C HIS C 124 -6.68 46.86 -32.72
N LYS C 125 -6.52 46.45 -33.98
CA LYS C 125 -7.55 46.68 -34.99
C LYS C 125 -8.20 45.38 -35.38
N GLN C 126 -9.50 45.45 -35.59
CA GLN C 126 -10.22 44.42 -36.28
C GLN C 126 -9.45 43.91 -37.51
N LYS C 127 -9.30 42.61 -37.62
CA LYS C 127 -8.43 42.02 -38.63
C LYS C 127 -8.84 42.37 -40.04
N SER C 128 -10.15 42.46 -40.24
CA SER C 128 -10.74 42.66 -41.55
C SER C 128 -10.37 44.02 -42.14
N LYS C 129 -10.04 44.98 -41.28
CA LYS C 129 -9.73 46.33 -41.72
C LYS C 129 -8.44 46.45 -42.49
N ASP C 130 -7.61 45.40 -42.46
CA ASP C 130 -6.41 45.34 -43.28
C ASP C 130 -6.37 44.05 -44.07
N TRP C 131 -7.54 43.46 -44.31
CA TRP C 131 -7.62 42.22 -45.07
C TRP C 131 -8.20 42.52 -46.46
N THR C 132 -7.55 42.04 -47.51
CA THR C 132 -7.98 42.29 -48.89
C THR C 132 -8.92 41.22 -49.41
N GLY C 133 -9.03 40.13 -48.67
CA GLY C 133 -9.74 38.97 -49.18
C GLY C 133 -8.81 37.79 -49.29
N SER C 134 -7.51 38.05 -49.38
CA SER C 134 -6.53 36.97 -49.56
C SER C 134 -5.20 37.22 -48.86
N ALA C 135 -4.99 38.43 -48.36
CA ALA C 135 -3.72 38.79 -47.77
C ALA C 135 -3.92 39.97 -46.85
N PHE C 136 -3.07 40.05 -45.83
CA PHE C 136 -3.08 41.17 -44.92
C PHE C 136 -2.19 42.22 -45.58
N ILE C 137 -2.53 43.48 -45.39
CA ILE C 137 -1.77 44.59 -45.94
C ILE C 137 -1.69 45.67 -44.86
N GLY C 138 -0.98 46.76 -45.18
CA GLY C 138 -0.84 47.87 -44.25
C GLY C 138 -0.04 47.43 -43.05
N ASP C 139 -0.44 47.95 -41.88
CA ASP C 139 0.14 47.59 -40.58
C ASP C 139 0.19 46.05 -40.42
N LEU C 140 -1.00 45.44 -40.42
CA LEU C 140 -1.18 44.02 -40.20
C LEU C 140 -0.43 43.16 -41.20
N GLY C 141 -0.24 43.64 -42.42
CA GLY C 141 0.57 42.91 -43.38
C GLY C 141 2.04 42.80 -42.97
N ASP C 142 2.55 43.85 -42.33
CA ASP C 142 3.92 43.87 -41.83
C ASP C 142 4.03 42.98 -40.60
N GLN C 143 3.16 43.19 -39.62
CA GLN C 143 3.09 42.29 -38.46
C GLN C 143 3.08 40.82 -38.90
N ALA C 144 2.19 40.47 -39.80
CA ALA C 144 2.06 39.08 -40.24
C ALA C 144 3.28 38.62 -41.00
N THR C 145 3.86 39.53 -41.79
CA THR C 145 5.02 39.17 -42.63
C THR C 145 6.25 38.92 -41.75
N HIS C 146 6.40 39.77 -40.75
CA HIS C 146 7.50 39.69 -39.82
C HIS C 146 7.44 38.36 -39.07
N ALA C 147 6.31 38.11 -38.41
CA ALA C 147 6.09 36.81 -37.75
C ALA C 147 6.29 35.63 -38.69
N ASN C 148 5.88 35.76 -39.93
CA ASN C 148 6.07 34.65 -40.80
C ASN C 148 7.57 34.39 -41.01
N ASN C 149 8.37 35.45 -41.04
CA ASN C 149 9.82 35.28 -41.22
C ASN C 149 10.50 34.68 -40.00
N MET C 150 10.15 35.21 -38.82
CA MET C 150 10.54 34.56 -37.59
C MET C 150 10.22 33.07 -37.65
N TYR C 151 8.96 32.73 -37.91
CA TYR C 151 8.55 31.32 -37.99
C TYR C 151 9.46 30.52 -38.88
N GLU C 152 9.70 31.01 -40.09
CA GLU C 152 10.44 30.24 -41.08
C GLU C 152 11.92 30.07 -40.75
N MET C 153 12.45 31.02 -39.98
CA MET C 153 13.85 31.05 -39.59
C MET C 153 14.08 30.24 -38.33
N GLY C 154 12.99 29.90 -37.65
CA GLY C 154 13.05 29.17 -36.39
C GLY C 154 13.54 30.03 -35.26
N LYS C 155 13.27 31.33 -35.37
CA LYS C 155 13.66 32.26 -34.31
C LYS C 155 12.48 32.54 -33.42
N SER C 156 12.77 32.97 -32.20
CA SER C 156 11.75 33.11 -31.17
C SER C 156 11.20 34.52 -31.09
N MET C 157 9.91 34.61 -30.81
CA MET C 157 9.26 35.88 -30.53
C MET C 157 8.46 35.58 -29.31
N ARG C 158 8.22 36.60 -28.50
CA ARG C 158 7.57 36.43 -27.23
C ARG C 158 6.13 36.87 -27.40
N PRO C 159 5.17 35.92 -27.32
CA PRO C 159 3.75 36.30 -27.33
C PRO C 159 3.45 37.38 -26.35
N ILE C 160 2.68 38.37 -26.80
CA ILE C 160 2.03 39.34 -25.91
C ILE C 160 0.54 39.13 -26.11
N TYR C 161 -0.15 38.71 -25.06
CA TYR C 161 -1.61 38.60 -25.04
C TYR C 161 -2.15 39.87 -24.50
N THR C 162 -3.46 40.03 -24.66
CA THR C 162 -4.18 41.22 -24.29
C THR C 162 -5.38 40.72 -23.60
N ALA C 163 -5.58 41.16 -22.36
CA ALA C 163 -6.71 40.69 -21.57
C ALA C 163 -7.98 41.39 -22.00
N ALA C 164 -9.13 40.81 -21.69
CA ALA C 164 -10.47 41.39 -21.95
C ALA C 164 -11.48 40.49 -21.24
N LEU C 165 -12.75 40.85 -21.24
CA LEU C 165 -13.72 40.11 -20.45
C LEU C 165 -14.92 39.77 -21.30
N LYS C 166 -15.31 38.50 -21.27
CA LYS C 166 -16.25 37.99 -22.25
C LYS C 166 -17.63 38.57 -22.06
N ASP C 167 -18.19 39.03 -23.18
CA ASP C 167 -19.57 39.49 -23.26
C ASP C 167 -20.45 38.29 -23.59
N GLU C 168 -21.18 37.78 -22.61
CA GLU C 168 -22.00 36.59 -22.86
C GLU C 168 -23.20 36.61 -21.94
N LEU C 169 -24.18 35.75 -22.21
CA LEU C 169 -25.28 35.60 -21.26
C LEU C 169 -24.76 34.91 -20.00
N VAL C 170 -25.23 35.37 -18.85
CA VAL C 170 -24.87 34.79 -17.57
C VAL C 170 -26.10 34.68 -16.71
N LYS C 171 -26.00 33.86 -15.67
CA LYS C 171 -27.02 33.76 -14.62
C LYS C 171 -27.08 35.05 -13.79
N PRO C 172 -28.32 35.52 -13.48
CA PRO C 172 -28.44 36.83 -12.78
C PRO C 172 -27.38 37.09 -11.69
N ASP C 173 -27.19 36.11 -10.81
CA ASP C 173 -26.36 36.26 -9.61
C ASP C 173 -24.94 36.74 -9.91
N LYS C 174 -24.45 36.46 -11.11
CA LYS C 174 -23.12 36.93 -11.53
C LYS C 174 -23.10 38.43 -11.86
N ILE C 175 -24.28 39.03 -12.00
CA ILE C 175 -24.42 40.48 -12.15
C ILE C 175 -24.89 41.15 -10.84
N TYR C 176 -25.94 40.60 -10.22
CA TYR C 176 -26.57 41.17 -9.01
C TYR C 176 -25.93 40.66 -7.69
N GLY C 177 -25.71 39.35 -7.56
CA GLY C 177 -24.94 38.77 -6.46
C GLY C 177 -23.44 39.07 -6.55
N LYS C 178 -22.60 38.07 -6.28
CA LYS C 178 -21.15 38.22 -6.47
C LYS C 178 -20.89 38.37 -7.97
N ILE C 179 -20.30 39.51 -8.39
CA ILE C 179 -20.12 39.80 -9.81
C ILE C 179 -18.97 39.02 -10.44
N LYS C 180 -19.29 38.26 -11.48
CA LYS C 180 -18.25 37.57 -12.25
C LYS C 180 -18.49 37.79 -13.76
N LYS C 181 -17.38 37.95 -14.47
CA LYS C 181 -17.37 38.13 -15.91
C LYS C 181 -16.08 37.47 -16.35
N ARG C 182 -16.16 36.63 -17.39
CA ARG C 182 -15.09 35.70 -17.68
C ARG C 182 -13.92 36.38 -18.36
N LEU C 183 -12.75 36.29 -17.74
CA LEU C 183 -11.53 36.68 -18.39
C LEU C 183 -11.44 36.06 -19.80
N LEU C 184 -10.93 36.82 -20.76
CA LEU C 184 -10.52 36.33 -22.07
C LEU C 184 -9.07 36.72 -22.37
N TRP C 185 -8.37 35.85 -23.08
CA TRP C 185 -7.00 36.13 -23.50
C TRP C 185 -6.98 36.36 -25.01
N GLY C 186 -6.64 37.56 -25.45
CA GLY C 186 -6.68 37.87 -26.87
C GLY C 186 -5.28 37.76 -27.41
N SER C 187 -5.04 36.86 -28.35
CA SER C 187 -3.68 36.71 -28.85
C SER C 187 -3.31 37.84 -29.81
N ASP C 188 -2.02 38.03 -30.03
CA ASP C 188 -1.55 39.01 -30.99
C ASP C 188 -1.38 38.33 -32.34
N LEU C 189 -1.63 39.09 -33.40
CA LEU C 189 -1.69 38.54 -34.73
C LEU C 189 -0.45 37.77 -34.99
N GLY C 190 0.68 38.34 -34.61
CA GLY C 190 1.96 37.65 -34.79
C GLY C 190 1.87 36.20 -34.37
N THR C 191 1.42 36.00 -33.14
CA THR C 191 1.38 34.67 -32.56
C THR C 191 0.33 33.79 -33.27
N MET C 192 -0.86 34.34 -33.50
CA MET C 192 -1.89 33.67 -34.30
C MET C 192 -1.34 33.15 -35.61
N ILE C 193 -0.54 33.95 -36.28
CA ILE C 193 0.04 33.51 -37.53
C ILE C 193 1.00 32.34 -37.33
N ARG C 194 1.92 32.47 -36.38
CA ARG C 194 2.89 31.40 -36.15
C ARG C 194 2.21 30.10 -35.64
N ALA C 195 1.26 30.22 -34.71
CA ALA C 195 0.52 29.06 -34.18
C ALA C 195 -0.23 28.35 -35.28
N ALA C 196 -0.91 29.12 -36.11
CA ALA C 196 -1.66 28.54 -37.20
C ALA C 196 -0.78 27.78 -38.19
N ARG C 197 0.36 28.35 -38.58
CA ARG C 197 1.26 27.62 -39.46
C ARG C 197 1.81 26.39 -38.79
N ALA C 198 2.12 26.55 -37.50
CA ALA C 198 2.71 25.50 -36.71
C ALA C 198 1.75 24.36 -36.52
N PHE C 199 0.58 24.68 -35.96
CA PHE C 199 -0.35 23.66 -35.47
C PHE C 199 -1.65 23.50 -36.26
N GLY C 200 -1.79 24.23 -37.35
CA GLY C 200 -2.92 24.07 -38.26
C GLY C 200 -3.01 22.67 -38.80
N PRO C 201 -1.88 22.12 -39.26
CA PRO C 201 -1.93 20.76 -39.81
C PRO C 201 -2.38 19.72 -38.80
N PHE C 202 -1.84 19.79 -37.59
CA PHE C 202 -2.24 18.90 -36.51
C PHE C 202 -3.72 19.07 -36.14
N CYS C 203 -4.19 20.31 -36.00
CA CYS C 203 -5.61 20.54 -35.67
C CYS C 203 -6.56 20.01 -36.75
N ASP C 204 -6.15 20.14 -38.01
CA ASP C 204 -6.92 19.56 -39.10
C ASP C 204 -7.00 18.05 -38.97
N ALA C 205 -5.85 17.43 -38.73
CA ALA C 205 -5.76 15.98 -38.65
C ALA C 205 -6.65 15.46 -37.52
N LEU C 206 -6.56 16.13 -36.39
CA LEU C 206 -7.32 15.76 -35.21
C LEU C 206 -8.82 15.85 -35.46
N LYS C 207 -9.23 16.90 -36.16
CA LYS C 207 -10.64 17.14 -36.44
C LYS C 207 -11.18 16.08 -37.39
N GLU C 208 -10.33 15.57 -38.29
CA GLU C 208 -10.75 14.48 -39.17
C GLU C 208 -11.06 13.23 -38.36
N THR C 209 -10.50 13.11 -37.16
CA THR C 209 -10.67 11.91 -36.36
C THR C 209 -11.61 12.16 -35.19
N CYS C 210 -12.40 13.23 -35.23
CA CYS C 210 -13.20 13.55 -34.04
C CYS C 210 -14.18 12.47 -33.63
N ILE C 211 -14.49 11.51 -34.51
CA ILE C 211 -15.43 10.45 -34.13
C ILE C 211 -14.77 9.29 -33.39
N PHE C 212 -13.56 8.91 -33.79
CA PHE C 212 -12.94 7.75 -33.19
C PHE C 212 -11.76 8.10 -32.29
N ASN C 213 -11.39 9.38 -32.23
CA ASN C 213 -10.50 9.90 -31.17
C ASN C 213 -11.25 10.78 -30.23
N PRO C 214 -10.77 10.89 -28.98
CA PRO C 214 -11.58 11.52 -27.97
C PRO C 214 -11.64 13.05 -28.00
N ILE C 215 -10.75 13.72 -28.73
CA ILE C 215 -10.84 15.18 -28.81
C ILE C 215 -11.92 15.54 -29.83
N ARG C 216 -13.07 15.95 -29.32
CA ARG C 216 -14.23 16.12 -30.17
C ARG C 216 -14.34 17.46 -30.89
N VAL C 217 -13.35 18.32 -30.80
CA VAL C 217 -13.52 19.64 -31.37
C VAL C 217 -13.60 19.55 -32.88
N GLY C 218 -14.56 20.27 -33.45
CA GLY C 218 -14.82 20.26 -34.90
C GLY C 218 -15.95 19.33 -35.30
N MET C 219 -16.43 18.53 -34.36
CA MET C 219 -17.54 17.66 -34.64
C MET C 219 -18.76 18.50 -34.97
N SER C 220 -19.72 17.89 -35.64
CA SER C 220 -21.05 18.41 -35.82
C SER C 220 -21.97 17.61 -34.92
N MET C 221 -22.72 18.28 -34.05
CA MET C 221 -23.63 17.56 -33.15
C MET C 221 -24.64 16.68 -33.88
N ASN C 222 -25.22 17.24 -34.95
CA ASN C 222 -26.32 16.59 -35.65
C ASN C 222 -25.83 15.43 -36.46
N GLU C 223 -24.66 15.59 -37.06
CA GLU C 223 -24.12 14.58 -37.97
C GLU C 223 -23.17 13.61 -37.32
N ASP C 224 -22.39 14.07 -36.34
CA ASP C 224 -21.42 13.22 -35.67
C ASP C 224 -21.93 12.71 -34.31
N GLY C 225 -22.77 13.46 -33.65
CA GLY C 225 -23.24 13.09 -32.31
C GLY C 225 -23.71 11.65 -32.27
N PRO C 226 -24.57 11.27 -33.21
CA PRO C 226 -25.12 9.92 -33.12
C PRO C 226 -24.09 8.81 -33.05
N PHE C 227 -23.01 8.95 -33.80
CA PHE C 227 -21.96 7.96 -33.85
C PHE C 227 -21.07 8.05 -32.61
N ILE C 228 -20.80 9.28 -32.19
CA ILE C 228 -19.98 9.48 -31.00
C ILE C 228 -20.67 8.83 -29.81
N PHE C 229 -21.97 9.07 -29.67
CA PHE C 229 -22.70 8.59 -28.48
C PHE C 229 -22.99 7.09 -28.52
N ALA C 230 -23.27 6.57 -29.71
CA ALA C 230 -23.28 5.12 -29.95
C ALA C 230 -22.00 4.43 -29.46
N ARG C 231 -20.86 5.07 -29.66
CA ARG C 231 -19.59 4.49 -29.19
C ARG C 231 -19.53 4.51 -27.66
N HIS C 232 -19.99 5.60 -27.07
CA HIS C 232 -20.04 5.66 -25.61
C HIS C 232 -20.99 4.62 -25.04
N ALA C 233 -22.06 4.37 -25.77
CA ALA C 233 -23.09 3.46 -25.32
C ALA C 233 -22.57 2.04 -25.12
N ASN C 234 -21.49 1.68 -25.81
CA ASN C 234 -20.93 0.32 -25.70
C ASN C 234 -20.28 -0.03 -24.35
N PHE C 235 -20.23 0.92 -23.43
CA PHE C 235 -19.59 0.72 -22.16
C PHE C 235 -20.56 0.82 -21.02
N ARG C 236 -20.19 0.21 -19.90
CA ARG C 236 -21.14 -0.05 -18.84
C ARG C 236 -21.40 1.17 -17.98
N TYR C 237 -20.34 1.90 -17.61
CA TYR C 237 -20.47 3.02 -16.69
C TYR C 237 -20.22 4.37 -17.37
N HIS C 238 -21.01 5.36 -17.01
CA HIS C 238 -20.86 6.69 -17.62
C HIS C 238 -20.79 7.79 -16.58
N MET C 239 -19.87 8.74 -16.79
CA MET C 239 -19.74 9.89 -15.92
C MET C 239 -19.39 11.17 -16.67
N ASP C 240 -19.63 12.29 -16.01
CA ASP C 240 -19.51 13.58 -16.64
C ASP C 240 -19.18 14.66 -15.61
N ALA C 241 -18.07 14.46 -14.93
CA ALA C 241 -17.47 15.48 -14.09
C ALA C 241 -17.50 16.83 -14.79
N ASP C 242 -17.93 17.84 -14.05
CA ASP C 242 -17.98 19.20 -14.54
C ASP C 242 -16.97 19.97 -13.71
N TYR C 243 -15.99 20.59 -14.38
CA TYR C 243 -14.91 21.30 -13.69
C TYR C 243 -15.20 22.80 -13.52
N THR C 244 -14.74 23.35 -12.40
CA THR C 244 -14.80 24.79 -12.11
C THR C 244 -13.43 25.32 -12.42
N ARG C 245 -13.38 26.49 -13.05
CA ARG C 245 -12.13 27.23 -13.21
C ARG C 245 -11.10 26.35 -13.87
N TRP C 246 -11.54 25.63 -14.88
CA TRP C 246 -10.64 24.71 -15.59
C TRP C 246 -9.34 25.38 -16.00
N ASP C 247 -9.45 26.59 -16.56
CA ASP C 247 -8.30 27.22 -17.25
C ASP C 247 -7.27 27.78 -16.26
N SER C 248 -7.75 28.44 -15.21
CA SER C 248 -6.84 28.92 -14.14
C SER C 248 -6.12 27.81 -13.33
N THR C 249 -6.67 26.58 -13.35
CA THR C 249 -6.13 25.48 -12.54
C THR C 249 -5.22 24.51 -13.27
N GLN C 250 -4.61 24.94 -14.38
CA GLN C 250 -3.79 24.07 -15.19
C GLN C 250 -2.32 24.25 -14.86
N GLN C 251 -1.52 23.25 -15.20
CA GLN C 251 -0.11 23.23 -14.89
C GLN C 251 0.62 23.25 -16.21
N ARG C 252 1.45 24.26 -16.42
CA ARG C 252 2.18 24.35 -17.66
C ARG C 252 2.99 23.11 -17.91
N ALA C 253 3.45 22.48 -16.82
CA ALA C 253 4.18 21.22 -16.98
C ALA C 253 3.33 20.22 -17.76
N ILE C 254 2.04 20.14 -17.40
CA ILE C 254 1.08 19.32 -18.16
C ILE C 254 0.83 19.86 -19.58
N LEU C 255 0.55 21.15 -19.68
CA LEU C 255 0.37 21.78 -21.00
C LEU C 255 1.61 21.54 -21.85
N LYS C 256 2.77 21.55 -21.21
CA LYS C 256 4.00 21.26 -21.92
C LYS C 256 3.97 19.84 -22.48
N ARG C 257 3.38 18.90 -21.75
CA ARG C 257 3.39 17.52 -22.29
C ARG C 257 2.37 17.43 -23.44
N ALA C 258 1.24 18.09 -23.28
CA ALA C 258 0.28 18.24 -24.37
C ALA C 258 0.98 18.87 -25.59
N GLY C 259 1.59 20.04 -25.36
CA GLY C 259 2.38 20.72 -26.40
C GLY C 259 3.45 19.87 -27.07
N ASP C 260 4.15 19.03 -26.29
CA ASP C 260 5.19 18.16 -26.88
C ASP C 260 4.59 17.21 -27.87
N ILE C 261 3.37 16.77 -27.57
CA ILE C 261 2.71 15.80 -28.44
C ILE C 261 2.33 16.47 -29.76
N MET C 262 1.77 17.67 -29.67
CA MET C 262 1.43 18.48 -30.86
C MET C 262 2.67 18.74 -31.74
N VAL C 263 3.76 19.16 -31.11
CA VAL C 263 4.99 19.41 -31.84
C VAL C 263 5.49 18.16 -32.56
N ARG C 264 5.54 17.04 -31.84
CA ARG C 264 6.03 15.80 -32.44
C ARG C 264 5.13 15.34 -33.58
N LEU C 265 3.86 15.71 -33.57
CA LEU C 265 2.94 15.26 -34.63
C LEU C 265 2.64 16.34 -35.67
N SER C 266 3.48 17.37 -35.75
CA SER C 266 3.33 18.41 -36.74
C SER C 266 4.32 18.18 -37.88
N PRO C 267 3.99 18.62 -39.10
CA PRO C 267 4.92 18.36 -40.21
C PRO C 267 6.20 19.23 -40.23
N GLU C 268 6.23 20.35 -39.50
CA GLU C 268 7.44 21.15 -39.30
C GLU C 268 7.77 21.16 -37.80
N PRO C 269 8.26 20.02 -37.27
CA PRO C 269 8.34 19.88 -35.82
C PRO C 269 9.32 20.87 -35.17
N ASP C 270 10.49 21.05 -35.80
CA ASP C 270 11.52 21.98 -35.31
C ASP C 270 11.02 23.40 -35.22
N LEU C 271 10.29 23.84 -36.25
CA LEU C 271 9.70 25.19 -36.27
C LEU C 271 8.54 25.29 -35.28
N ALA C 272 7.67 24.29 -35.25
CA ALA C 272 6.60 24.25 -34.23
C ALA C 272 7.17 24.23 -32.82
N ARG C 273 8.27 23.51 -32.63
CA ARG C 273 8.91 23.45 -31.31
C ARG C 273 9.21 24.84 -30.78
N VAL C 274 9.80 25.70 -31.63
CA VAL C 274 10.06 27.11 -31.24
C VAL C 274 8.74 27.77 -30.87
N VAL C 275 7.72 27.56 -31.70
CA VAL C 275 6.44 28.23 -31.46
C VAL C 275 5.78 27.77 -30.17
N MET C 276 5.76 26.45 -29.95
CA MET C 276 5.23 25.90 -28.68
C MET C 276 5.99 26.45 -27.46
N ASP C 277 7.33 26.46 -27.53
CA ASP C 277 8.09 26.95 -26.38
C ASP C 277 7.66 28.36 -26.04
N ASP C 278 7.52 29.23 -27.03
CA ASP C 278 7.15 30.64 -26.73
C ASP C 278 5.71 30.72 -26.24
N LEU C 279 4.87 29.86 -26.80
CA LEU C 279 3.45 29.86 -26.54
C LEU C 279 3.18 29.46 -25.08
N LEU C 280 3.98 28.53 -24.58
CA LEU C 280 3.84 28.04 -23.21
C LEU C 280 4.77 28.75 -22.22
N ALA C 281 5.91 29.25 -22.70
CA ALA C 281 6.83 30.04 -21.85
C ALA C 281 6.04 31.07 -21.03
N PRO C 282 6.58 31.54 -19.90
CA PRO C 282 5.71 32.37 -19.04
C PRO C 282 5.09 33.49 -19.84
N SER C 283 3.82 33.75 -19.56
CA SER C 283 2.98 34.43 -20.52
C SER C 283 2.77 35.91 -20.22
N LEU C 284 3.23 36.72 -21.17
CA LEU C 284 3.20 38.17 -21.07
C LEU C 284 1.80 38.65 -21.47
N LEU C 285 0.98 38.98 -20.48
CA LEU C 285 -0.41 39.41 -20.71
C LEU C 285 -0.50 40.87 -20.48
N ASP C 286 -1.19 41.59 -21.37
CA ASP C 286 -1.35 43.03 -21.25
C ASP C 286 -2.68 43.37 -20.60
N VAL C 287 -2.62 43.71 -19.32
CA VAL C 287 -3.81 44.08 -18.56
C VAL C 287 -4.22 45.54 -18.76
N GLY C 288 -3.33 46.33 -19.35
CA GLY C 288 -3.60 47.73 -19.67
C GLY C 288 -2.47 48.64 -19.25
N ASP C 289 -2.30 48.82 -17.95
CA ASP C 289 -1.23 49.66 -17.42
C ASP C 289 0.13 48.96 -17.58
N TYR C 290 0.10 47.64 -17.44
CA TYR C 290 1.33 46.85 -17.51
C TYR C 290 1.09 45.55 -18.27
N LYS C 291 2.19 45.02 -18.80
CA LYS C 291 2.27 43.62 -19.14
C LYS C 291 2.80 42.86 -17.91
N ILE C 292 1.97 41.95 -17.41
CA ILE C 292 2.29 41.10 -16.25
C ILE C 292 2.81 39.76 -16.73
N VAL C 293 3.78 39.21 -16.00
CA VAL C 293 4.28 37.87 -16.31
C VAL C 293 3.40 36.91 -15.55
N VAL C 294 2.78 35.97 -16.26
CA VAL C 294 2.04 34.88 -15.63
C VAL C 294 2.56 33.56 -16.18
N GLU C 295 3.13 32.75 -15.28
CA GLU C 295 3.83 31.55 -15.70
C GLU C 295 3.05 30.26 -15.52
N GLU C 296 1.80 30.36 -15.04
CA GLU C 296 0.93 29.21 -14.82
C GLU C 296 -0.50 29.44 -15.32
N GLY C 297 -1.21 28.33 -15.51
CA GLY C 297 -2.63 28.35 -15.91
C GLY C 297 -2.71 28.25 -17.42
N LEU C 298 -3.92 28.31 -17.96
CA LEU C 298 -4.08 28.25 -19.40
C LEU C 298 -4.29 29.65 -20.02
N PRO C 299 -3.33 30.07 -20.84
CA PRO C 299 -3.51 31.23 -21.72
C PRO C 299 -4.39 30.91 -22.95
N SER C 300 -5.69 31.27 -22.91
CA SER C 300 -6.62 30.96 -24.01
C SER C 300 -6.43 31.82 -25.28
N GLY C 301 -5.19 31.97 -25.73
CA GLY C 301 -4.90 32.81 -26.87
C GLY C 301 -5.01 32.12 -28.22
N CYS C 302 -4.00 31.29 -28.53
CA CYS C 302 -3.81 30.68 -29.86
C CYS C 302 -5.06 30.02 -30.46
N PRO C 303 -5.09 29.85 -31.81
CA PRO C 303 -6.22 29.15 -32.43
C PRO C 303 -6.32 27.69 -31.96
N CYS C 304 -5.17 27.09 -31.66
CA CYS C 304 -5.07 25.70 -31.21
C CYS C 304 -5.31 25.50 -29.70
N THR C 305 -5.84 26.51 -29.02
CA THR C 305 -6.04 26.43 -27.57
C THR C 305 -7.03 25.34 -27.15
N THR C 306 -8.21 25.28 -27.78
CA THR C 306 -9.20 24.24 -27.43
C THR C 306 -8.61 22.82 -27.58
N GLN C 307 -7.70 22.66 -28.53
CA GLN C 307 -7.05 21.39 -28.75
C GLN C 307 -6.05 21.10 -27.66
N LEU C 308 -5.14 22.04 -27.43
CA LEU C 308 -4.13 21.87 -26.39
C LEU C 308 -4.81 21.59 -25.07
N ASN C 309 -5.87 22.32 -24.79
CA ASN C 309 -6.65 22.17 -23.59
C ASN C 309 -7.28 20.78 -23.48
N SER C 310 -7.73 20.26 -24.61
CA SER C 310 -8.47 19.00 -24.66
C SER C 310 -7.50 17.84 -24.49
N LEU C 311 -6.32 18.02 -25.05
CA LEU C 311 -5.21 17.13 -24.87
C LEU C 311 -4.74 17.06 -23.38
N ALA C 312 -4.51 18.20 -22.73
CA ALA C 312 -4.18 18.18 -21.32
C ALA C 312 -5.28 17.44 -20.54
N HIS C 313 -6.55 17.74 -20.88
CA HIS C 313 -7.71 17.09 -20.25
C HIS C 313 -7.65 15.55 -20.39
N TRP C 314 -7.27 15.09 -21.55
CA TRP C 314 -7.08 13.67 -21.84
C TRP C 314 -5.99 13.14 -20.93
N ILE C 315 -4.93 13.90 -20.79
CA ILE C 315 -3.81 13.52 -19.97
C ILE C 315 -4.25 13.42 -18.51
N LEU C 316 -5.01 14.40 -18.03
CA LEU C 316 -5.34 14.43 -16.62
C LEU C 316 -6.30 13.32 -16.29
N THR C 317 -7.35 13.19 -17.10
CA THR C 317 -8.37 12.18 -16.87
C THR C 317 -7.72 10.80 -16.88
N LEU C 318 -6.81 10.58 -17.81
CA LEU C 318 -6.25 9.28 -17.94
C LEU C 318 -5.34 9.03 -16.72
N CYS C 319 -4.53 10.01 -16.35
CA CYS C 319 -3.70 9.91 -15.16
C CYS C 319 -4.53 9.54 -13.93
N ALA C 320 -5.68 10.18 -13.74
CA ALA C 320 -6.48 9.92 -12.54
C ALA C 320 -6.97 8.48 -12.54
N MET C 321 -7.46 8.02 -13.69
CA MET C 321 -7.96 6.66 -13.83
C MET C 321 -6.91 5.57 -13.62
N VAL C 322 -5.71 5.77 -14.19
CA VAL C 322 -4.62 4.83 -14.08
C VAL C 322 -4.17 4.73 -12.62
N GLU C 323 -4.23 5.85 -11.90
CA GLU C 323 -3.83 5.96 -10.50
C GLU C 323 -4.81 5.20 -9.62
N VAL C 324 -6.10 5.35 -9.90
CA VAL C 324 -7.14 4.74 -9.11
C VAL C 324 -7.33 3.26 -9.43
N THR C 325 -7.31 2.89 -10.71
CA THR C 325 -7.59 1.52 -11.15
C THR C 325 -6.35 0.62 -11.28
N ARG C 326 -5.18 1.26 -11.38
CA ARG C 326 -3.90 0.58 -11.64
C ARG C 326 -3.86 -0.11 -12.98
N VAL C 327 -4.82 0.19 -13.85
CA VAL C 327 -4.79 -0.32 -15.23
C VAL C 327 -3.85 0.53 -16.10
N ASP C 328 -3.09 -0.11 -16.97
CA ASP C 328 -2.20 0.59 -17.89
C ASP C 328 -3.03 1.52 -18.81
N PRO C 329 -2.49 2.69 -19.19
CA PRO C 329 -3.30 3.64 -19.97
C PRO C 329 -3.84 3.13 -21.30
N ASP C 330 -3.05 2.33 -22.02
CA ASP C 330 -3.57 1.70 -23.25
C ASP C 330 -4.77 0.79 -22.99
N ILE C 331 -4.74 0.08 -21.88
CA ILE C 331 -5.79 -0.88 -21.56
C ILE C 331 -7.03 -0.08 -21.12
N VAL C 332 -6.82 0.98 -20.36
CA VAL C 332 -7.96 1.85 -20.00
C VAL C 332 -8.69 2.28 -21.26
N MET C 333 -7.93 2.63 -22.29
CA MET C 333 -8.49 3.08 -23.54
C MET C 333 -9.10 1.94 -24.35
N GLN C 334 -8.67 0.71 -24.09
CA GLN C 334 -9.39 -0.45 -24.65
C GLN C 334 -10.75 -0.67 -23.98
N GLU C 335 -10.90 -0.18 -22.77
CA GLU C 335 -12.07 -0.45 -21.96
C GLU C 335 -12.89 0.80 -21.76
N SER C 336 -12.57 1.84 -22.50
CA SER C 336 -13.28 3.07 -22.36
C SER C 336 -13.45 3.82 -23.68
N GLU C 337 -14.48 4.66 -23.71
CA GLU C 337 -14.61 5.73 -24.71
C GLU C 337 -14.65 7.06 -23.98
N PHE C 338 -13.77 7.98 -24.39
CA PHE C 338 -13.77 9.34 -23.85
C PHE C 338 -14.27 10.37 -24.87
N SER C 339 -14.83 11.45 -24.34
CA SER C 339 -15.06 12.67 -25.09
C SER C 339 -14.51 13.81 -24.29
N PHE C 340 -13.58 14.56 -24.90
CA PHE C 340 -13.05 15.79 -24.33
C PHE C 340 -13.33 16.92 -25.29
N TYR C 341 -13.78 18.06 -24.75
CA TYR C 341 -14.00 19.26 -25.54
C TYR C 341 -13.64 20.43 -24.63
N GLY C 342 -12.38 20.84 -24.65
CA GLY C 342 -11.93 21.80 -23.68
C GLY C 342 -12.07 21.17 -22.30
N ASP C 343 -12.89 21.79 -21.45
CA ASP C 343 -13.08 21.31 -20.08
C ASP C 343 -14.25 20.30 -19.93
N ASP C 344 -15.08 20.20 -20.95
CA ASP C 344 -16.22 19.29 -20.93
C ASP C 344 -15.76 17.85 -21.12
N GLU C 345 -16.25 16.92 -20.29
CA GLU C 345 -15.81 15.53 -20.35
C GLU C 345 -16.97 14.58 -20.30
N VAL C 346 -16.87 13.51 -21.09
CA VAL C 346 -17.65 12.32 -20.85
C VAL C 346 -16.68 11.15 -20.89
N VAL C 347 -16.79 10.29 -19.88
CA VAL C 347 -15.99 9.11 -19.75
C VAL C 347 -16.95 7.97 -19.63
N SER C 348 -16.83 7.00 -20.51
CA SER C 348 -17.62 5.80 -20.42
C SER C 348 -16.62 4.65 -20.38
N THR C 349 -16.76 3.76 -19.43
CA THR C 349 -15.79 2.70 -19.24
C THR C 349 -16.43 1.45 -18.68
N ASN C 350 -15.82 0.31 -18.95
CA ASN C 350 -16.17 -0.94 -18.28
C ASN C 350 -15.41 -1.18 -16.98
N LEU C 351 -14.39 -0.39 -16.71
CA LEU C 351 -13.61 -0.55 -15.49
C LEU C 351 -14.48 -0.16 -14.29
N GLU C 352 -14.24 -0.80 -13.14
CA GLU C 352 -14.84 -0.42 -11.88
C GLU C 352 -13.93 0.66 -11.30
N LEU C 353 -14.42 1.88 -11.32
CA LEU C 353 -13.65 3.05 -10.88
C LEU C 353 -14.22 3.54 -9.57
N ASP C 354 -13.41 3.49 -8.51
CA ASP C 354 -13.78 4.06 -7.22
C ASP C 354 -13.83 5.59 -7.45
N MET C 355 -15.05 6.09 -7.51
CA MET C 355 -15.35 7.48 -7.85
C MET C 355 -14.85 8.50 -6.82
N VAL C 356 -14.97 8.14 -5.54
CA VAL C 356 -14.38 8.91 -4.46
C VAL C 356 -12.88 9.08 -4.68
N LYS C 357 -12.17 8.00 -4.99
CA LYS C 357 -10.74 8.12 -5.28
C LYS C 357 -10.46 8.87 -6.58
N TYR C 358 -11.35 8.76 -7.56
CA TYR C 358 -11.15 9.44 -8.84
C TYR C 358 -11.26 10.94 -8.60
N THR C 359 -12.32 11.34 -7.90
CA THR C 359 -12.49 12.71 -7.45
C THR C 359 -11.21 13.25 -6.78
N MET C 360 -10.72 12.51 -5.80
CA MET C 360 -9.58 12.93 -5.01
C MET C 360 -8.27 12.95 -5.77
N ALA C 361 -8.08 12.02 -6.69
CA ALA C 361 -6.90 12.12 -7.56
C ALA C 361 -6.95 13.42 -8.40
N LEU C 362 -8.14 13.81 -8.85
CA LEU C 362 -8.30 15.03 -9.69
C LEU C 362 -8.02 16.29 -8.86
N ARG C 363 -8.67 16.37 -7.70
CA ARG C 363 -8.38 17.42 -6.72
C ARG C 363 -6.89 17.52 -6.39
N ARG C 364 -6.27 16.39 -6.09
CA ARG C 364 -4.83 16.41 -5.91
C ARG C 364 -4.09 17.17 -7.01
N TYR C 365 -4.54 17.07 -8.26
CA TYR C 365 -3.86 17.75 -9.39
C TYR C 365 -4.19 19.25 -9.57
N GLY C 366 -5.10 19.78 -8.74
CA GLY C 366 -5.45 21.18 -8.84
C GLY C 366 -6.85 21.40 -9.38
N LEU C 367 -7.46 20.35 -9.90
CA LEU C 367 -8.71 20.50 -10.65
C LEU C 367 -9.84 20.60 -9.67
N LEU C 368 -10.97 21.11 -10.11
CA LEU C 368 -12.11 21.32 -9.22
C LEU C 368 -13.33 20.62 -9.82
N PRO C 369 -13.29 19.29 -9.84
CA PRO C 369 -14.44 18.55 -10.34
C PRO C 369 -15.65 18.75 -9.44
N THR C 370 -16.81 18.92 -10.03
CA THR C 370 -18.05 18.95 -9.30
C THR C 370 -19.06 18.11 -10.08
N ARG C 371 -20.25 17.94 -9.50
CA ARG C 371 -21.49 17.57 -10.20
C ARG C 371 -22.57 17.17 -9.19
N GLY C 377 -20.93 16.21 -1.91
CA GLY C 377 -20.94 14.81 -2.34
C GLY C 377 -20.15 14.52 -3.63
N PRO C 378 -19.21 13.53 -3.59
CA PRO C 378 -18.29 13.27 -4.71
C PRO C 378 -18.95 12.79 -6.02
N LEU C 379 -18.13 12.63 -7.07
CA LEU C 379 -18.65 12.37 -8.42
C LEU C 379 -19.46 11.06 -8.51
N GLU C 380 -20.58 11.13 -9.22
CA GLU C 380 -21.46 9.98 -9.39
C GLU C 380 -21.07 9.27 -10.67
N ARG C 381 -21.41 7.99 -10.77
CA ARG C 381 -21.30 7.26 -12.02
C ARG C 381 -22.66 6.60 -12.23
N ARG C 382 -23.08 6.44 -13.49
CA ARG C 382 -24.39 5.88 -13.83
C ARG C 382 -24.16 4.74 -14.80
N GLN C 383 -25.13 3.83 -14.87
CA GLN C 383 -25.02 2.67 -15.75
C GLN C 383 -25.89 2.81 -16.99
N THR C 384 -26.29 4.04 -17.30
CA THR C 384 -26.94 4.36 -18.55
C THR C 384 -26.39 5.69 -19.08
N LEU C 385 -26.27 5.79 -20.39
CA LEU C 385 -25.84 7.01 -21.06
C LEU C 385 -26.96 8.06 -21.13
N GLN C 386 -28.20 7.59 -21.05
CA GLN C 386 -29.37 8.47 -21.05
C GLN C 386 -29.19 9.53 -19.99
N GLY C 387 -29.28 10.79 -20.40
CA GLY C 387 -29.25 11.90 -19.46
C GLY C 387 -27.89 12.51 -19.21
N ILE C 388 -26.82 11.84 -19.65
CA ILE C 388 -25.49 12.40 -19.45
C ILE C 388 -25.32 13.63 -20.33
N SER C 389 -24.58 14.61 -19.84
CA SER C 389 -24.44 15.87 -20.53
C SER C 389 -23.21 15.92 -21.44
N PHE C 390 -23.33 16.63 -22.54
CA PHE C 390 -22.19 16.92 -23.37
C PHE C 390 -22.42 18.30 -23.95
N LEU C 391 -21.57 19.25 -23.52
CA LEU C 391 -21.71 20.64 -23.88
C LEU C 391 -23.07 21.04 -23.30
N ARG C 392 -23.93 21.68 -24.10
CA ARG C 392 -25.25 22.09 -23.60
C ARG C 392 -26.35 21.10 -23.89
N ARG C 393 -26.00 19.88 -24.30
CA ARG C 393 -27.02 18.89 -24.63
C ARG C 393 -27.17 17.81 -23.56
N ALA C 394 -28.27 17.09 -23.69
CA ALA C 394 -28.45 15.86 -22.99
C ALA C 394 -28.39 14.74 -24.04
N ILE C 395 -27.58 13.73 -23.77
CA ILE C 395 -27.53 12.57 -24.62
C ILE C 395 -28.81 11.76 -24.38
N VAL C 396 -29.55 11.55 -25.46
CA VAL C 396 -30.82 10.87 -25.43
C VAL C 396 -30.73 9.80 -26.50
N GLY C 397 -31.34 8.65 -26.22
CA GLY C 397 -31.28 7.51 -27.15
C GLY C 397 -32.62 6.85 -27.32
N ASP C 398 -32.91 6.39 -28.54
CA ASP C 398 -34.16 5.65 -28.77
C ASP C 398 -34.01 4.54 -29.80
N GLN C 399 -35.15 4.00 -30.24
CA GLN C 399 -35.28 3.10 -31.38
C GLN C 399 -34.22 3.34 -32.45
N PHE C 400 -34.05 4.59 -32.83
CA PHE C 400 -33.31 4.94 -34.04
C PHE C 400 -31.86 5.18 -33.75
N GLY C 401 -31.57 5.52 -32.51
CA GLY C 401 -30.19 5.79 -32.12
C GLY C 401 -30.06 6.94 -31.15
N TRP C 402 -28.86 7.49 -31.06
CA TRP C 402 -28.52 8.45 -30.02
C TRP C 402 -28.40 9.85 -30.57
N TYR C 403 -28.69 10.83 -29.73
CA TYR C 403 -28.61 12.20 -30.17
C TYR C 403 -28.47 13.18 -29.03
N GLY C 404 -27.97 14.37 -29.36
CA GLY C 404 -27.76 15.44 -28.40
C GLY C 404 -28.91 16.40 -28.35
N ARG C 405 -29.74 16.29 -27.31
CA ARG C 405 -30.90 17.18 -27.18
C ARG C 405 -30.56 18.43 -26.38
N LEU C 406 -30.82 19.59 -26.96
CA LEU C 406 -30.53 20.86 -26.31
C LEU C 406 -31.54 21.12 -25.19
N ASP C 407 -31.06 21.49 -24.00
CA ASP C 407 -31.98 21.77 -22.87
C ASP C 407 -32.89 22.94 -23.17
N ARG C 408 -34.10 22.88 -22.65
CA ARG C 408 -35.06 23.97 -22.84
C ARG C 408 -34.52 25.29 -22.27
N ALA C 409 -33.82 25.22 -21.14
CA ALA C 409 -33.08 26.37 -20.58
C ALA C 409 -32.41 27.19 -21.69
N SER C 410 -31.75 26.50 -22.61
CA SER C 410 -31.07 27.13 -23.73
C SER C 410 -32.01 27.48 -24.87
N ILE C 411 -33.03 26.67 -25.09
CA ILE C 411 -33.99 26.95 -26.15
C ILE C 411 -34.76 28.24 -25.81
N ASP C 412 -35.10 28.36 -24.54
CA ASP C 412 -35.77 29.55 -24.00
C ASP C 412 -34.90 30.77 -24.25
N ARG C 413 -33.68 30.70 -23.73
CA ARG C 413 -32.70 31.77 -23.81
C ARG C 413 -32.50 32.34 -25.22
N GLN C 414 -32.76 31.54 -26.26
CA GLN C 414 -32.63 32.00 -27.64
C GLN C 414 -33.87 32.68 -28.12
N LEU C 415 -35.00 32.29 -27.54
CA LEU C 415 -36.27 32.93 -27.87
C LEU C 415 -36.37 34.35 -27.29
N LEU C 416 -35.58 34.61 -26.24
CA LEU C 416 -35.58 35.89 -25.51
C LEU C 416 -34.52 36.87 -26.02
N TRP C 417 -33.29 36.40 -26.16
CA TRP C 417 -32.17 37.20 -26.61
C TRP C 417 -31.80 36.97 -28.08
N THR C 418 -31.05 37.91 -28.63
CA THR C 418 -30.44 37.75 -29.94
C THR C 418 -29.24 38.66 -30.13
N LYS C 419 -28.43 38.34 -31.13
CA LYS C 419 -27.21 39.07 -31.34
C LYS C 419 -27.46 40.30 -32.21
N GLY C 420 -26.61 41.31 -32.06
CA GLY C 420 -26.75 42.54 -32.82
C GLY C 420 -25.61 43.51 -32.65
N PRO C 421 -25.80 44.74 -33.14
CA PRO C 421 -24.74 45.70 -32.95
C PRO C 421 -24.45 45.91 -31.46
N ASN C 422 -23.20 46.21 -31.13
CA ASN C 422 -22.88 46.48 -29.75
C ASN C 422 -23.71 47.65 -29.25
N HIS C 423 -24.15 47.58 -27.99
CA HIS C 423 -24.82 48.72 -27.34
C HIS C 423 -24.70 48.70 -25.81
N GLN C 424 -25.22 49.77 -25.19
CA GLN C 424 -25.07 49.99 -23.75
C GLN C 424 -26.19 49.34 -22.95
N ASN C 425 -27.43 49.41 -23.45
CA ASN C 425 -28.59 48.88 -22.73
C ASN C 425 -29.13 47.58 -23.34
N PRO C 426 -28.80 46.43 -22.71
CA PRO C 426 -29.22 45.11 -23.21
C PRO C 426 -30.72 44.92 -23.30
N PHE C 427 -31.51 45.73 -22.61
CA PHE C 427 -32.97 45.56 -22.69
C PHE C 427 -33.61 46.22 -23.92
N GLU C 428 -32.85 47.04 -24.67
CA GLU C 428 -33.39 47.62 -25.92
C GLU C 428 -33.71 46.46 -26.89
N THR C 429 -34.82 46.53 -27.63
CA THR C 429 -35.03 45.61 -28.77
C THR C 429 -34.45 46.16 -30.09
N LEU C 430 -34.35 45.30 -31.10
CA LEU C 430 -33.96 45.72 -32.46
C LEU C 430 -35.15 46.36 -33.14
N PRO C 431 -34.99 47.59 -33.67
CA PRO C 431 -36.10 48.12 -34.45
C PRO C 431 -36.21 47.34 -35.76
N GLY C 432 -37.38 47.33 -36.36
CA GLY C 432 -37.56 46.53 -37.56
C GLY C 432 -37.65 45.03 -37.30
N HIS C 433 -37.62 44.27 -38.39
CA HIS C 433 -38.10 42.89 -38.39
C HIS C 433 -37.16 41.86 -37.75
N ALA C 434 -35.90 42.25 -37.52
CA ALA C 434 -34.91 41.39 -36.86
C ALA C 434 -34.95 39.98 -37.45
N GLN C 435 -34.71 39.90 -38.75
CA GLN C 435 -34.81 38.63 -39.49
C GLN C 435 -33.78 37.59 -39.03
N ARG C 436 -34.26 36.47 -38.49
CA ARG C 436 -33.40 35.32 -38.15
C ARG C 436 -34.12 34.03 -38.52
N PRO C 437 -34.32 33.79 -39.82
CA PRO C 437 -35.21 32.71 -40.27
C PRO C 437 -34.65 31.29 -40.05
N SER C 438 -33.37 31.10 -40.42
CA SER C 438 -32.70 29.83 -40.22
C SER C 438 -32.73 29.42 -38.74
N GLN C 439 -32.28 30.33 -37.87
CA GLN C 439 -32.27 30.08 -36.42
C GLN C 439 -33.65 29.69 -35.88
N LEU C 440 -34.70 30.34 -36.35
CA LEU C 440 -36.06 29.94 -35.99
C LEU C 440 -36.35 28.49 -36.36
N MET C 441 -35.86 28.07 -37.53
CA MET C 441 -36.11 26.73 -38.06
C MET C 441 -35.32 25.72 -37.23
N ALA C 442 -34.07 26.06 -36.94
CA ALA C 442 -33.20 25.20 -36.12
C ALA C 442 -33.79 24.94 -34.75
N LEU C 443 -34.36 25.99 -34.18
CA LEU C 443 -34.89 25.95 -32.81
C LEU C 443 -36.19 25.17 -32.81
N LEU C 444 -36.86 25.23 -33.95
CA LEU C 444 -38.02 24.41 -34.22
C LEU C 444 -37.59 22.96 -34.15
N GLY C 445 -36.50 22.66 -34.86
CA GLY C 445 -35.90 21.32 -34.87
C GLY C 445 -35.49 20.89 -33.48
N GLU C 446 -34.79 21.77 -32.78
CA GLU C 446 -34.39 21.51 -31.40
C GLU C 446 -35.60 21.21 -30.54
N ALA C 447 -36.66 21.97 -30.75
CA ALA C 447 -37.88 21.84 -29.95
C ALA C 447 -38.61 20.53 -30.24
N ALA C 448 -38.59 20.13 -31.52
CA ALA C 448 -39.26 18.90 -31.97
C ALA C 448 -38.79 17.64 -31.21
N MET C 449 -37.48 17.57 -30.94
CA MET C 449 -36.92 16.43 -30.21
C MET C 449 -37.35 16.36 -28.73
N HIS C 450 -38.21 17.30 -28.31
CA HIS C 450 -38.82 17.23 -26.99
C HIS C 450 -40.30 16.80 -27.12
N GLY C 451 -40.69 16.26 -28.27
CA GLY C 451 -42.07 15.78 -28.48
C GLY C 451 -43.04 16.83 -28.98
N GLU C 452 -44.15 16.37 -29.57
CA GLU C 452 -45.21 17.24 -30.14
C GLU C 452 -45.72 18.34 -29.18
N LYS C 453 -45.98 17.99 -27.93
CA LYS C 453 -46.60 18.93 -26.97
C LYS C 453 -45.80 20.24 -26.84
N TYR C 454 -44.49 20.12 -26.63
CA TYR C 454 -43.60 21.28 -26.50
C TYR C 454 -43.46 21.99 -27.82
N TYR C 455 -43.25 21.21 -28.86
CA TYR C 455 -43.07 21.75 -30.20
C TYR C 455 -44.18 22.72 -30.58
N ARG C 456 -45.42 22.38 -30.21
CA ARG C 456 -46.59 23.18 -30.58
C ARG C 456 -46.54 24.59 -29.98
N THR C 457 -46.11 24.68 -28.72
CA THR C 457 -45.93 25.98 -28.07
C THR C 457 -44.83 26.78 -28.79
N VAL C 458 -43.60 26.29 -28.71
CA VAL C 458 -42.46 26.90 -29.39
C VAL C 458 -42.78 27.26 -30.87
N ALA C 459 -43.63 26.48 -31.53
CA ALA C 459 -44.04 26.75 -32.93
C ALA C 459 -45.01 27.93 -33.08
N SER C 460 -45.82 28.16 -32.05
CA SER C 460 -46.71 29.31 -32.03
C SER C 460 -45.86 30.53 -31.70
N ARG C 461 -45.08 30.41 -30.63
CA ARG C 461 -44.00 31.38 -30.35
C ARG C 461 -43.26 31.79 -31.63
N VAL C 462 -42.63 30.81 -32.29
CA VAL C 462 -41.84 31.08 -33.49
C VAL C 462 -42.69 31.66 -34.64
N SER C 463 -43.97 31.32 -34.68
CA SER C 463 -44.86 31.85 -35.71
C SER C 463 -45.17 33.34 -35.49
N LYS C 464 -45.29 33.75 -34.22
CA LYS C 464 -45.64 35.15 -33.89
C LYS C 464 -44.47 36.14 -34.07
N GLU C 465 -43.25 35.68 -33.87
CA GLU C 465 -42.06 36.48 -34.18
C GLU C 465 -41.88 36.65 -35.69
N ALA C 466 -42.34 35.66 -36.46
CA ALA C 466 -42.18 35.66 -37.92
C ALA C 466 -43.03 36.74 -38.62
N ALA C 467 -44.13 37.15 -37.98
CA ALA C 467 -44.91 38.29 -38.45
C ALA C 467 -43.96 39.45 -38.71
N GLN C 468 -43.21 39.83 -37.66
CA GLN C 468 -42.18 40.86 -37.80
C GLN C 468 -41.00 40.29 -38.58
N VAL C 474 -44.29 29.61 -42.99
CA VAL C 474 -45.09 28.92 -41.99
C VAL C 474 -44.31 27.77 -41.35
N VAL C 475 -44.63 27.51 -40.08
CA VAL C 475 -44.06 26.40 -39.33
C VAL C 475 -44.66 25.07 -39.85
N PRO C 476 -43.80 24.16 -40.35
CA PRO C 476 -44.32 22.84 -40.73
C PRO C 476 -44.78 22.04 -39.52
N ARG C 477 -45.43 20.91 -39.77
CA ARG C 477 -45.98 20.07 -38.70
C ARG C 477 -44.90 19.20 -38.06
N HIS C 478 -45.13 18.88 -36.79
CA HIS C 478 -44.15 18.21 -35.93
C HIS C 478 -43.43 17.02 -36.59
N ARG C 479 -44.17 15.94 -36.85
CA ARG C 479 -43.58 14.71 -37.41
C ARG C 479 -42.55 14.96 -38.51
N SER C 480 -42.75 16.03 -39.28
CA SER C 480 -41.91 16.31 -40.43
C SER C 480 -40.54 16.84 -40.02
N VAL C 481 -40.55 17.86 -39.17
CA VAL C 481 -39.32 18.49 -38.70
C VAL C 481 -38.49 17.52 -37.84
N LEU C 482 -39.22 16.62 -37.16
CA LEU C 482 -38.60 15.59 -36.36
C LEU C 482 -37.74 14.73 -37.25
N ARG C 483 -38.36 14.25 -38.32
CA ARG C 483 -37.71 13.36 -39.26
C ARG C 483 -36.54 14.10 -39.91
N TRP C 484 -36.77 15.35 -40.28
CA TRP C 484 -35.71 16.14 -40.89
C TRP C 484 -34.56 16.29 -39.90
N VAL C 485 -34.87 16.70 -38.68
CA VAL C 485 -33.81 17.00 -37.71
C VAL C 485 -33.04 15.75 -37.27
N ARG C 486 -33.72 14.62 -37.14
CA ARG C 486 -33.07 13.38 -36.75
C ARG C 486 -32.30 12.74 -37.90
N PHE C 487 -32.84 12.78 -39.13
CA PHE C 487 -32.32 11.90 -40.21
C PHE C 487 -31.93 12.51 -41.57
N GLY C 488 -31.92 13.82 -41.71
CA GLY C 488 -31.57 14.42 -43.01
C GLY C 488 -31.63 15.93 -43.04
OAK 20V D . 1.63 -35.69 10.49
PBK 20V D . 0.58 -36.89 10.79
OAL 20V D . 1.33 -37.76 11.93
OAC 20V D . 0.22 -37.71 9.60
OAX 20V D . -0.67 -36.17 11.51
CAT 20V D . -1.84 -35.78 10.78
CBE 20V D . -2.89 -35.65 11.70
CBC 20V D . -3.30 -36.78 12.41
CAO 20V D . -2.67 -38.01 12.21
OAB 20V D . -1.92 -38.46 13.07
CBA 20V D . -4.34 -36.66 13.33
OAH 20V D . -4.73 -37.77 14.02
CAY 20V D . -4.97 -35.44 13.55
CAA 20V D . -6.01 -35.31 14.48
NAW 20V D . -4.56 -34.37 12.86
CBD 20V D . -3.57 -34.45 11.94
NAV 20V D . -3.14 -33.37 11.29
NAU 20V D . -3.89 -32.49 10.91
CAZ 20V D . -3.25 -31.44 10.41
CAR 20V D . -3.86 -30.19 10.38
CBH 20V D . -3.18 -29.08 9.85
CBG 20V D . -3.76 -27.81 9.82
SBM 20V D . -5.44 -27.52 10.40
OAN 20V D . -6.38 -28.42 9.63
OAG 20V D . -5.87 -26.08 10.11
OAF 20V D . -5.57 -27.84 11.89
CAQ 20V D . -3.04 -26.72 9.29
CBB 20V D . -1.73 -26.89 8.81
NBJ 20V D . -1.02 -25.85 8.30
OAJ 20V D . 0.51 -26.00 7.90
OAI 20V D . -1.62 -24.55 8.15
CAS 20V D . -1.16 -28.14 8.85
CBI 20V D . -1.87 -29.24 9.37
CBF 20V D . -1.25 -30.49 9.40
SBL 20V D . 0.43 -30.77 8.78
OAM 20V D . 0.81 -32.25 8.86
OAE 20V D . 1.39 -29.92 9.62
OAD 20V D . 0.56 -30.35 7.32
CAP 20V D . -1.95 -31.57 9.92
OAK 20V E . -0.34 -36.66 6.24
PBK 20V E . -1.62 -36.53 5.22
OAL 20V E . -2.66 -37.74 5.54
OAC 20V E . -1.21 -36.56 3.81
OAX 20V E . -2.40 -35.20 5.63
CAT 20V E . -2.12 -34.51 6.85
CBE 20V E . -2.59 -33.20 6.70
CBC 20V E . -1.89 -32.30 5.87
CAO 20V E . -0.72 -32.66 5.18
OAB 20V E . 0.19 -31.85 4.97
CBA 20V E . -2.42 -31.03 5.74
OAH 20V E . -1.74 -30.17 4.96
CAY 20V E . -3.60 -30.62 6.38
CAA 20V E . -4.16 -29.33 6.29
NAW 20V E . -4.23 -31.50 7.16
CBD 20V E . -3.78 -32.75 7.32
NAV 20V E . -4.45 -33.59 8.12
NAU 20V E . -5.75 -33.52 8.17
CAZ 20V E . -6.29 -34.34 9.06
CAR 20V E . -7.19 -33.91 10.02
CBH 20V E . -7.70 -34.81 10.97
CBG 20V E . -8.63 -34.42 11.96
SBM 20V E . -9.29 -32.76 12.16
OAN 20V E . -8.26 -31.71 11.79
OAG 20V E . -9.68 -32.54 13.62
OAF 20V E . -10.54 -32.64 11.27
CAQ 20V E . -9.10 -35.34 12.86
CBB 20V E . -8.70 -36.68 12.84
NBJ 20V E . -9.18 -37.51 13.77
OAJ 20V E . -8.75 -38.79 13.89
OAI 20V E . -10.12 -37.04 14.72
CAS 20V E . -7.78 -37.07 11.87
CBI 20V E . -7.28 -36.16 10.94
CBF 20V E . -6.34 -36.56 9.97
SBL 20V E . -5.73 -38.23 9.78
OAM 20V E . -6.87 -38.97 9.07
OAE 20V E . -5.36 -38.86 11.11
OAD 20V E . -4.51 -38.25 8.86
CAP 20V E . -5.87 -35.66 9.04
S SO4 F . -14.50 -55.28 -1.74
O1 SO4 F . -15.12 -56.56 -2.17
O2 SO4 F . -13.29 -55.01 -2.55
O3 SO4 F . -15.51 -54.25 -1.94
O4 SO4 F . -14.11 -55.36 -0.31
S SO4 G . -21.00 -19.03 -15.16
O1 SO4 G . -22.31 -19.72 -15.10
O2 SO4 G . -19.92 -20.05 -15.14
O3 SO4 G . -20.92 -18.22 -16.39
O4 SO4 G . -20.84 -18.17 -13.96
S SO4 H . 4.27 -41.45 0.07
O1 SO4 H . 3.70 -42.67 -0.55
O2 SO4 H . 5.73 -41.66 0.26
O3 SO4 H . 4.05 -40.29 -0.83
O4 SO4 H . 3.63 -41.23 1.37
S SO4 I . -19.28 -50.32 -12.50
O1 SO4 I . -20.59 -50.84 -13.00
O2 SO4 I . -18.30 -50.42 -13.62
O3 SO4 I . -19.37 -48.90 -12.09
O4 SO4 I . -18.84 -51.13 -11.36
S SO4 J . -21.57 -44.82 -18.88
O1 SO4 J . -21.81 -46.25 -19.17
O2 SO4 J . -21.23 -44.12 -20.14
O3 SO4 J . -20.43 -44.66 -17.94
O4 SO4 J . -22.78 -44.28 -18.24
S SO4 K . -17.24 -47.29 -18.06
O1 SO4 K . -18.64 -47.76 -18.09
O2 SO4 K . -16.26 -48.35 -18.51
O3 SO4 K . -17.19 -46.10 -18.96
O4 SO4 K . -17.01 -46.90 -16.67
OAK 20V L . 27.84 0.29 20.38
PBK 20V L . 26.71 -0.83 20.00
OAL 20V L . 25.60 -0.65 21.14
OAC 20V L . 27.26 -2.21 19.95
OAX 20V L . 26.07 -0.41 18.56
CAT 20V L . 25.39 0.84 18.42
CBE 20V L . 25.61 1.40 17.15
CBC 20V L . 26.91 1.71 16.71
CAO 20V L . 28.05 1.47 17.48
OAB 20V L . 28.99 0.80 17.05
CBA 20V L . 27.06 2.28 15.44
OAH 20V L . 28.31 2.59 15.01
CAY 20V L . 25.97 2.55 14.62
CAA 20V L . 26.15 3.12 13.36
NAW 20V L . 24.74 2.24 15.06
CBD 20V L . 24.53 1.72 16.30
NAV 20V L . 23.30 1.37 16.68
NAU 20V L . 22.30 1.87 16.24
CAZ 20V L . 21.18 1.24 16.56
CAR 20V L . 20.02 1.47 15.80
CBH 20V L . 18.83 0.80 16.08
CBG 20V L . 17.64 1.01 15.36
SBM 20V L . 17.48 2.20 14.00
OAN 20V L . 16.01 2.25 13.62
OAG 20V L . 18.41 1.82 12.84
OAF 20V L . 17.83 3.60 14.50
CAQ 20V L . 16.48 0.31 15.71
CBB 20V L . 16.47 -0.61 16.75
NBJ 20V L . 15.39 -1.31 17.08
OAJ 20V L . 14.09 -1.21 16.33
OAI 20V L . 15.48 -2.29 18.12
CAS 20V L . 17.65 -0.82 17.46
CBI 20V L . 18.82 -0.13 17.13
CBF 20V L . 19.97 -0.37 17.89
SBL 20V L . 19.92 -1.55 19.24
OAM 20V L . 19.66 -2.95 18.67
OAE 20V L . 18.81 -1.17 20.22
OAD 20V L . 21.21 -1.46 20.01
CAP 20V L . 21.15 0.29 17.59
OAK 20V M . 23.47 1.22 24.21
PBK 20V M . 23.76 2.52 23.28
OAL 20V M . 24.90 1.99 22.25
OAC 20V M . 24.17 3.71 24.07
OAX 20V M . 22.43 2.85 22.42
CAT 20V M . 22.32 2.26 21.14
CBE 20V M . 21.05 2.48 20.58
CBC 20V M . 19.89 1.98 21.21
CAO 20V M . 19.93 1.31 22.44
OAB 20V M . 19.22 0.35 22.71
CBA 20V M . 18.68 2.24 20.56
OAH 20V M . 17.54 1.80 21.14
CAY 20V M . 18.58 2.94 19.35
CAA 20V M . 17.37 3.19 18.70
NAW 20V M . 19.71 3.38 18.77
CBD 20V M . 20.92 3.18 19.35
NAV 20V M . 22.04 3.62 18.74
NAU 20V M . 21.96 4.44 17.76
CAZ 20V M . 23.11 4.82 17.17
CAR 20V M . 23.10 5.36 15.88
CBH 20V M . 24.30 5.73 15.26
CBG 20V M . 24.31 6.29 13.96
SBM 20V M . 22.87 6.57 13.00
OAN 20V M . 22.03 5.30 12.82
OAG 20V M . 23.30 7.08 11.63
OAF 20V M . 22.07 7.69 13.71
CAQ 20V M . 25.51 6.67 13.37
CBB 20V M . 26.70 6.50 14.06
NBJ 20V M . 27.85 6.80 13.49
OAJ 20V M . 29.07 6.14 13.94
OAI 20V M . 27.88 7.54 12.32
CAS 20V M . 26.70 5.94 15.32
CBI 20V M . 25.51 5.57 15.94
CBF 20V M . 25.54 5.00 17.22
SBL 20V M . 27.09 4.74 18.23
OAM 20V M . 28.33 4.29 17.44
OAE 20V M . 26.79 3.69 19.32
OAD 20V M . 27.39 6.08 18.91
CAP 20V M . 24.34 4.64 17.82
S SO4 N . 36.22 21.80 30.01
O1 SO4 N . 35.98 20.61 30.86
O2 SO4 N . 37.34 21.47 29.08
O3 SO4 N . 36.54 23.00 30.83
O4 SO4 N . 35.03 22.17 29.22
S SO4 O . 22.22 28.20 39.21
O1 SO4 O . 20.95 27.70 38.65
O2 SO4 O . 23.38 27.57 38.52
O3 SO4 O . 22.24 29.66 38.93
O4 SO4 O . 22.34 27.94 40.68
S SO4 P . 19.55 32.15 37.57
O1 SO4 P . 19.13 31.90 36.16
O2 SO4 P . 20.95 31.67 37.76
O3 SO4 P . 19.59 33.61 37.83
O4 SO4 P . 18.64 31.44 38.52
S SO4 Q . 15.33 9.31 2.78
O1 SO4 Q . 14.63 8.90 1.53
O2 SO4 Q . 16.42 8.35 3.04
O3 SO4 Q . 15.89 10.68 2.59
O4 SO4 Q . 14.41 9.30 3.94
OAK 20V R . -20.61 33.93 -34.07
PBK 20V R . -20.72 32.38 -33.56
OAL 20V R . -19.63 32.30 -32.32
OAC 20V R . -20.57 31.39 -34.66
OAX 20V R . -22.13 32.14 -32.90
CAT 20V R . -22.27 31.18 -31.86
CBE 20V R . -23.61 31.14 -31.48
CBC 20V R . -24.36 32.31 -31.56
CAO 20V R . -23.82 33.51 -32.02
OAB 20V R . -24.12 33.92 -33.14
CBA 20V R . -25.69 32.26 -31.16
OAH 20V R . -26.44 33.38 -31.22
CAY 20V R . -26.27 31.07 -30.71
CAA 20V R . -27.61 31.04 -30.34
NAW 20V R . -25.52 29.96 -30.65
CBD 20V R . -24.20 29.97 -31.00
NAV 20V R . -23.46 28.85 -30.98
NAU 20V R . -23.55 27.99 -30.10
CAZ 20V R . -22.86 26.86 -30.33
CAR 20V R . -23.23 25.65 -29.70
CBH 20V R . -22.53 24.45 -29.96
CBG 20V R . -22.87 23.23 -29.34
SBM 20V R . -24.14 23.08 -28.15
OAN 20V R . -23.90 24.15 -27.10
OAG 20V R . -24.02 21.77 -27.39
OAF 20V R . -25.51 23.20 -28.76
CAQ 20V R . -22.15 22.07 -29.64
CBB 20V R . -21.09 22.10 -30.55
NBJ 20V R . -20.41 20.98 -30.85
OAJ 20V R . -19.08 21.05 -31.60
OAI 20V R . -20.96 19.70 -30.58
CAS 20V R . -20.77 23.30 -31.17
CBI 20V R . -21.48 24.46 -30.89
CBF 20V R . -21.13 25.66 -31.53
SBL 20V R . -19.77 25.70 -32.68
OAM 20V R . -18.51 25.14 -32.00
OAE 20V R . -19.50 27.12 -33.13
OAD 20V R . -20.17 24.87 -33.89
CAP 20V R . -21.82 26.84 -31.26
OAK 20V S . -17.24 31.80 -30.91
PBK 20V S . -17.23 31.67 -29.27
OAL 20V S . -18.31 32.75 -28.67
OAC 20V S . -15.86 31.84 -28.68
OAX 20V S . -17.86 30.28 -28.88
CAT 20V S . -18.90 29.67 -29.66
CBE 20V S . -19.06 28.37 -29.13
CBC 20V S . -18.07 27.38 -29.32
CAO 20V S . -16.86 27.60 -30.01
OAB 20V S . -16.09 26.68 -30.27
CBA 20V S . -18.32 26.14 -28.76
OAH 20V S . -17.41 25.17 -28.91
CAY 20V S . -19.49 25.83 -28.06
CAA 20V S . -19.68 24.56 -27.53
NAW 20V S . -20.42 26.80 -27.90
CBD 20V S . -20.24 28.04 -28.40
NAV 20V S . -21.17 29.01 -28.27
NAU 20V S . -22.10 28.87 -27.46
CAZ 20V S . -23.02 29.83 -27.44
CAR 20V S . -24.31 29.55 -27.02
CBH 20V S . -25.30 30.55 -26.99
CBG 20V S . -26.62 30.28 -26.57
SBM 20V S . -27.16 28.68 -26.02
OAN 20V S . -26.53 27.55 -26.82
OAG 20V S . -28.67 28.54 -26.18
OAF 20V S . -26.75 28.56 -24.55
CAQ 20V S . -27.58 31.29 -26.55
CBB 20V S . -27.23 32.57 -26.97
NBJ 20V S . -28.15 33.53 -26.96
OAJ 20V S . -27.83 34.80 -26.69
OAI 20V S . -29.38 33.25 -27.28
CAS 20V S . -25.95 32.85 -27.39
CBI 20V S . -24.98 31.85 -27.41
CBF 20V S . -23.66 32.12 -27.85
SBL 20V S . -23.12 33.70 -28.39
OAM 20V S . -24.17 34.40 -29.29
OAE 20V S . -21.84 33.54 -29.21
OAD 20V S . -22.78 34.45 -27.09
CAP 20V S . -22.70 31.11 -27.86
#